data_4HCZ
# 
_entry.id   4HCZ 
# 
_audit_conform.dict_name       mmcif_pdbx.dic 
_audit_conform.dict_version    5.379 
_audit_conform.dict_location   http://mmcif.pdb.org/dictionaries/ascii/mmcif_pdbx.dic 
# 
loop_
_database_2.database_id 
_database_2.database_code 
_database_2.pdbx_database_accession 
_database_2.pdbx_DOI 
PDB   4HCZ         pdb_00004hcz 10.2210/pdb4hcz/pdb 
RCSB  RCSB075310   ?            ?                   
WWPDB D_1000075310 ?            ?                   
# 
_pdbx_database_status.entry_id                        4HCZ 
_pdbx_database_status.deposit_site                    RCSB 
_pdbx_database_status.process_site                    RCSB 
_pdbx_database_status.recvd_initial_deposition_date   2012-10-01 
_pdbx_database_status.status_code                     REL 
_pdbx_database_status.status_code_sf                  REL 
_pdbx_database_status.status_code_mr                  ? 
_pdbx_database_status.SG_entry                        ? 
_pdbx_database_status.status_code_cs                  ? 
_pdbx_database_status.methods_development_category    ? 
_pdbx_database_status.pdb_format_compatible           Y 
_pdbx_database_status.status_code_nmr_data            ? 
# 
loop_
_audit_author.name 
_audit_author.pdbx_ordinal 
'Musselman, C.A.'   1 
'Roy, S.'           2 
'Nunez, J.'         3 
'Kutateladze, T.G.' 4 
# 
_citation.id                        primary 
_citation.title                     'Molecular basis for H3K36me3 recognition by the Tudor domain of PHF1.' 
_citation.journal_abbrev            Nat.Struct.Mol.Biol. 
_citation.journal_volume            19 
_citation.page_first                1266 
_citation.page_last                 1272 
_citation.year                      2012 
_citation.journal_id_ASTM           ? 
_citation.country                   US 
_citation.journal_id_ISSN           1545-9993 
_citation.journal_id_CSD            ? 
_citation.book_publisher            ? 
_citation.pdbx_database_id_PubMed   23142980 
_citation.pdbx_database_id_DOI      10.1038/nsmb.2435 
# 
loop_
_citation_author.citation_id 
_citation_author.name 
_citation_author.ordinal 
_citation_author.identifier_ORCID 
primary 'Musselman, C.A.'   1  ? 
primary 'Avvakumov, N.'     2  ? 
primary 'Watanabe, R.'      3  ? 
primary 'Abraham, C.G.'     4  ? 
primary 'Lalonde, M.E.'     5  ? 
primary 'Hong, Z.'          6  ? 
primary 'Allen, C.'         7  ? 
primary 'Roy, S.'           8  ? 
primary 'Nunez, J.K.'       9  ? 
primary 'Nickoloff, J.'     10 ? 
primary 'Kulesza, C.A.'     11 ? 
primary 'Yasui, A.'         12 ? 
primary 'Cote, J.'          13 ? 
primary 'Kutateladze, T.G.' 14 ? 
# 
_cell.length_a           88.030 
_cell.length_b           29.670 
_cell.length_c           62.000 
_cell.angle_alpha        90.000 
_cell.angle_beta         116.410 
_cell.angle_gamma        90.000 
_cell.entry_id           4HCZ 
_cell.pdbx_unique_axis   ? 
_cell.Z_PDB              8 
_cell.length_a_esd       ? 
_cell.length_b_esd       ? 
_cell.length_c_esd       ? 
_cell.angle_alpha_esd    ? 
_cell.angle_beta_esd     ? 
_cell.angle_gamma_esd    ? 
# 
_symmetry.space_group_name_H-M             'C 1 2 1' 
_symmetry.entry_id                         4HCZ 
_symmetry.pdbx_full_space_group_name_H-M   ? 
_symmetry.Int_Tables_number                5 
_symmetry.cell_setting                     ? 
_symmetry.space_group_name_Hall            ? 
# 
loop_
_entity.id 
_entity.type 
_entity.src_method 
_entity.pdbx_description 
_entity.formula_weight 
_entity.pdbx_number_of_molecules 
_entity.pdbx_ec 
_entity.pdbx_mutation 
_entity.pdbx_fragment 
_entity.details 
1 polymer man 'PHD finger protein 1' 6623.570 2   ? ? 'Tudor domain' ? 
2 polymer syn 'H3L-like histone'     1112.326 2   ? ? H3K36me3       ? 
3 water   nat water                  18.015   161 ? ? ?              ? 
# 
_entity_name_com.entity_id   1 
_entity_name_com.name        'Protein PHF1, Polycomb-like protein 1, hPCl1' 
# 
loop_
_entity_poly.entity_id 
_entity_poly.type 
_entity_poly.nstd_linkage 
_entity_poly.nstd_monomer 
_entity_poly.pdbx_seq_one_letter_code 
_entity_poly.pdbx_seq_one_letter_code_can 
_entity_poly.pdbx_strand_id 
_entity_poly.pdbx_target_identifier 
1 'polypeptide(L)' no no  RPRLWEGQDVLARWTDGLLYLGTIKKVDSAREVCLVQFEDDSQFLVLWKDISPAALPG 
RPRLWEGQDVLARWTDGLLYLGTIKKVDSAREVCLVQFEDDSQFLVLWKDISPAALPG A,B ? 
2 'polypeptide(L)' no yes 'STGGV(M3L)KPHR'                                           STGGVKKPHR C,D ? 
# 
loop_
_entity_poly_seq.entity_id 
_entity_poly_seq.num 
_entity_poly_seq.mon_id 
_entity_poly_seq.hetero 
1 1  ARG n 
1 2  PRO n 
1 3  ARG n 
1 4  LEU n 
1 5  TRP n 
1 6  GLU n 
1 7  GLY n 
1 8  GLN n 
1 9  ASP n 
1 10 VAL n 
1 11 LEU n 
1 12 ALA n 
1 13 ARG n 
1 14 TRP n 
1 15 THR n 
1 16 ASP n 
1 17 GLY n 
1 18 LEU n 
1 19 LEU n 
1 20 TYR n 
1 21 LEU n 
1 22 GLY n 
1 23 THR n 
1 24 ILE n 
1 25 LYS n 
1 26 LYS n 
1 27 VAL n 
1 28 ASP n 
1 29 SER n 
1 30 ALA n 
1 31 ARG n 
1 32 GLU n 
1 33 VAL n 
1 34 CYS n 
1 35 LEU n 
1 36 VAL n 
1 37 GLN n 
1 38 PHE n 
1 39 GLU n 
1 40 ASP n 
1 41 ASP n 
1 42 SER n 
1 43 GLN n 
1 44 PHE n 
1 45 LEU n 
1 46 VAL n 
1 47 LEU n 
1 48 TRP n 
1 49 LYS n 
1 50 ASP n 
1 51 ILE n 
1 52 SER n 
1 53 PRO n 
1 54 ALA n 
1 55 ALA n 
1 56 LEU n 
1 57 PRO n 
1 58 GLY n 
2 1  SER n 
2 2  THR n 
2 3  GLY n 
2 4  GLY n 
2 5  VAL n 
2 6  M3L n 
2 7  LYS n 
2 8  PRO n 
2 9  HIS n 
2 10 ARG n 
# 
_entity_src_gen.entity_id                          1 
_entity_src_gen.pdbx_src_id                        1 
_entity_src_gen.pdbx_alt_source_flag               sample 
_entity_src_gen.pdbx_seq_type                      ? 
_entity_src_gen.pdbx_beg_seq_num                   ? 
_entity_src_gen.pdbx_end_seq_num                   ? 
_entity_src_gen.gene_src_common_name               human 
_entity_src_gen.gene_src_genus                     ? 
_entity_src_gen.pdbx_gene_src_gene                 'PHF1, PCL1' 
_entity_src_gen.gene_src_species                   ? 
_entity_src_gen.gene_src_strain                    ? 
_entity_src_gen.gene_src_tissue                    ? 
_entity_src_gen.gene_src_tissue_fraction           ? 
_entity_src_gen.gene_src_details                   ? 
_entity_src_gen.pdbx_gene_src_fragment             ? 
_entity_src_gen.pdbx_gene_src_scientific_name      'Homo sapiens' 
_entity_src_gen.pdbx_gene_src_ncbi_taxonomy_id     9606 
_entity_src_gen.pdbx_gene_src_variant              ? 
_entity_src_gen.pdbx_gene_src_cell_line            ? 
_entity_src_gen.pdbx_gene_src_atcc                 ? 
_entity_src_gen.pdbx_gene_src_organ                ? 
_entity_src_gen.pdbx_gene_src_organelle            ? 
_entity_src_gen.pdbx_gene_src_cell                 ? 
_entity_src_gen.pdbx_gene_src_cellular_location    ? 
_entity_src_gen.host_org_common_name               ? 
_entity_src_gen.pdbx_host_org_scientific_name      'Escherichia coli' 
_entity_src_gen.pdbx_host_org_ncbi_taxonomy_id     562 
_entity_src_gen.host_org_genus                     ? 
_entity_src_gen.pdbx_host_org_gene                 ? 
_entity_src_gen.pdbx_host_org_organ                ? 
_entity_src_gen.host_org_species                   ? 
_entity_src_gen.pdbx_host_org_tissue               ? 
_entity_src_gen.pdbx_host_org_tissue_fraction      ? 
_entity_src_gen.pdbx_host_org_strain               ? 
_entity_src_gen.pdbx_host_org_variant              ? 
_entity_src_gen.pdbx_host_org_cell_line            ? 
_entity_src_gen.pdbx_host_org_atcc                 ? 
_entity_src_gen.pdbx_host_org_culture_collection   ? 
_entity_src_gen.pdbx_host_org_cell                 ? 
_entity_src_gen.pdbx_host_org_organelle            ? 
_entity_src_gen.pdbx_host_org_cellular_location    ? 
_entity_src_gen.pdbx_host_org_vector_type          ? 
_entity_src_gen.pdbx_host_org_vector               ? 
_entity_src_gen.host_org_details                   ? 
_entity_src_gen.expression_system_id               ? 
_entity_src_gen.plasmid_name                       ? 
_entity_src_gen.plasmid_details                    ? 
_entity_src_gen.pdbx_description                   ? 
# 
_pdbx_entity_src_syn.entity_id              2 
_pdbx_entity_src_syn.pdbx_src_id            1 
_pdbx_entity_src_syn.pdbx_alt_source_flag   sample 
_pdbx_entity_src_syn.pdbx_beg_seq_num       ? 
_pdbx_entity_src_syn.pdbx_end_seq_num       ? 
_pdbx_entity_src_syn.organism_scientific    'Homo sapiens' 
_pdbx_entity_src_syn.organism_common_name   human 
_pdbx_entity_src_syn.ncbi_taxonomy_id       9606 
_pdbx_entity_src_syn.details                'Synthetic human H3K36me3 peptide' 
# 
loop_
_struct_ref.id 
_struct_ref.db_name 
_struct_ref.db_code 
_struct_ref.pdbx_db_accession 
_struct_ref.entity_id 
_struct_ref.pdbx_seq_one_letter_code 
_struct_ref.pdbx_align_begin 
_struct_ref.pdbx_db_isoform 
1 UNP PHF1_HUMAN   O43189 1 RPRLWEGQDVLARWTDGLLYLGTIKKVDSAREVCLVQFEDDSQFLVLWKDISPAALPG 28 ? 
2 UNP Q6TXQ4_HUMAN Q6TXQ4 2 STGGVKKPHR                                                 17 ? 
# 
loop_
_struct_ref_seq.align_id 
_struct_ref_seq.ref_id 
_struct_ref_seq.pdbx_PDB_id_code 
_struct_ref_seq.pdbx_strand_id 
_struct_ref_seq.seq_align_beg 
_struct_ref_seq.pdbx_seq_align_beg_ins_code 
_struct_ref_seq.seq_align_end 
_struct_ref_seq.pdbx_seq_align_end_ins_code 
_struct_ref_seq.pdbx_db_accession 
_struct_ref_seq.db_align_beg 
_struct_ref_seq.pdbx_db_align_beg_ins_code 
_struct_ref_seq.db_align_end 
_struct_ref_seq.pdbx_db_align_end_ins_code 
_struct_ref_seq.pdbx_auth_seq_align_beg 
_struct_ref_seq.pdbx_auth_seq_align_end 
1 1 4HCZ A 1 ? 58 ? O43189 28 ? 85 ? 28 85 
2 1 4HCZ B 1 ? 58 ? O43189 28 ? 85 ? 28 85 
3 2 4HCZ C 1 ? 10 ? Q6TXQ4 17 ? 26 ? 31 40 
4 2 4HCZ D 1 ? 10 ? Q6TXQ4 17 ? 26 ? 31 40 
# 
loop_
_chem_comp.id 
_chem_comp.type 
_chem_comp.mon_nstd_flag 
_chem_comp.name 
_chem_comp.pdbx_synonyms 
_chem_comp.formula 
_chem_comp.formula_weight 
ALA 'L-peptide linking' y ALANINE           ? 'C3 H7 N O2'     89.093  
ARG 'L-peptide linking' y ARGININE          ? 'C6 H15 N4 O2 1' 175.209 
ASP 'L-peptide linking' y 'ASPARTIC ACID'   ? 'C4 H7 N O4'     133.103 
CYS 'L-peptide linking' y CYSTEINE          ? 'C3 H7 N O2 S'   121.158 
GLN 'L-peptide linking' y GLUTAMINE         ? 'C5 H10 N2 O3'   146.144 
GLU 'L-peptide linking' y 'GLUTAMIC ACID'   ? 'C5 H9 N O4'     147.129 
GLY 'peptide linking'   y GLYCINE           ? 'C2 H5 N O2'     75.067  
HIS 'L-peptide linking' y HISTIDINE         ? 'C6 H10 N3 O2 1' 156.162 
HOH non-polymer         . WATER             ? 'H2 O'           18.015  
ILE 'L-peptide linking' y ISOLEUCINE        ? 'C6 H13 N O2'    131.173 
LEU 'L-peptide linking' y LEUCINE           ? 'C6 H13 N O2'    131.173 
LYS 'L-peptide linking' y LYSINE            ? 'C6 H15 N2 O2 1' 147.195 
M3L 'L-peptide linking' n N-TRIMETHYLLYSINE ? 'C9 H21 N2 O2 1' 189.275 
PHE 'L-peptide linking' y PHENYLALANINE     ? 'C9 H11 N O2'    165.189 
PRO 'L-peptide linking' y PROLINE           ? 'C5 H9 N O2'     115.130 
SER 'L-peptide linking' y SERINE            ? 'C3 H7 N O3'     105.093 
THR 'L-peptide linking' y THREONINE         ? 'C4 H9 N O3'     119.119 
TRP 'L-peptide linking' y TRYPTOPHAN        ? 'C11 H12 N2 O2'  204.225 
TYR 'L-peptide linking' y TYROSINE          ? 'C9 H11 N O3'    181.189 
VAL 'L-peptide linking' y VALINE            ? 'C5 H11 N O2'    117.146 
# 
_exptl.crystals_number   1 
_exptl.entry_id          4HCZ 
_exptl.method            'X-RAY DIFFRACTION' 
# 
_exptl_crystal.id                    1 
_exptl_crystal.density_Matthews      2.34 
_exptl_crystal.density_meas          ? 
_exptl_crystal.density_percent_sol   47.51 
_exptl_crystal.description           ? 
_exptl_crystal.F_000                 ? 
_exptl_crystal.preparation           ? 
# 
_exptl_crystal_grow.crystal_id      1 
_exptl_crystal_grow.method          'VAPOR DIFFUSION, SITTING DROP' 
_exptl_crystal_grow.pH              7.5 
_exptl_crystal_grow.temp            277.15 
_exptl_crystal_grow.temp_details    ? 
_exptl_crystal_grow.pdbx_details    '0.1 M HEPES pH 7.5, 20% PEG 10000, VAPOR DIFFUSION, SITTING DROP, temperature 277.15K' 
_exptl_crystal_grow.pdbx_pH_range   ? 
# 
_diffrn.id                     1 
_diffrn.ambient_temp           100 
_diffrn.ambient_temp_details   ? 
_diffrn.crystal_id             1 
# 
_diffrn_detector.diffrn_id              1 
_diffrn_detector.detector               'IMAGE PLATE' 
_diffrn_detector.type                   'RIGAKU RAXIS IV++' 
_diffrn_detector.pdbx_collection_date   2011-01-20 
_diffrn_detector.details                ? 
# 
_diffrn_radiation.diffrn_id                        1 
_diffrn_radiation.wavelength_id                    1 
_diffrn_radiation.pdbx_diffrn_protocol             'SINGLE WAVELENGTH' 
_diffrn_radiation.monochromator                    'Ni Filter' 
_diffrn_radiation.pdbx_monochromatic_or_laue_m_l   M 
_diffrn_radiation.pdbx_scattering_type             x-ray 
# 
_diffrn_radiation_wavelength.id           1 
_diffrn_radiation_wavelength.wavelength   1.541 
_diffrn_radiation_wavelength.wt           1.0 
# 
_diffrn_source.diffrn_id                   1 
_diffrn_source.source                      'ROTATING ANODE' 
_diffrn_source.type                        'RIGAKU RUH3R' 
_diffrn_source.pdbx_wavelength             ? 
_diffrn_source.pdbx_wavelength_list        1.541 
_diffrn_source.pdbx_synchrotron_site       ? 
_diffrn_source.pdbx_synchrotron_beamline   ? 
# 
_reflns.entry_id                     4HCZ 
_reflns.B_iso_Wilson_estimate        25.160 
_reflns.observed_criterion_sigma_F   0.00 
_reflns.observed_criterion_sigma_I   -3.00 
_reflns.d_resolution_high            1.85 
_reflns.d_resolution_low             23.413 
_reflns.number_all                   12091 
_reflns.number_obs                   12091 
_reflns.percent_possible_obs         96.4 
_reflns.pdbx_Rmerge_I_obs            ? 
_reflns.pdbx_Rsym_value              ? 
_reflns.pdbx_netI_over_sigmaI        ? 
_reflns.pdbx_redundancy              ? 
_reflns.R_free_details               ? 
_reflns.limit_h_max                  ? 
_reflns.limit_h_min                  ? 
_reflns.limit_k_max                  ? 
_reflns.limit_k_min                  ? 
_reflns.limit_l_max                  ? 
_reflns.limit_l_min                  ? 
_reflns.observed_criterion_F_max     ? 
_reflns.observed_criterion_F_min     ? 
_reflns.pdbx_chi_squared             ? 
_reflns.pdbx_scaling_rejects         ? 
_reflns.pdbx_ordinal                 1 
_reflns.pdbx_diffrn_id               1 
# 
_reflns_shell.d_res_high             1.85 
_reflns_shell.d_res_low              1.92 
_reflns_shell.percent_possible_obs   ? 
_reflns_shell.percent_possible_all   81.1 
_reflns_shell.Rmerge_I_obs           ? 
_reflns_shell.meanI_over_sigI_obs    ? 
_reflns_shell.pdbx_Rsym_value        ? 
_reflns_shell.pdbx_redundancy        ? 
_reflns_shell.number_unique_all      ? 
_reflns_shell.number_measured_all    ? 
_reflns_shell.number_measured_obs    ? 
_reflns_shell.number_unique_obs      ? 
_reflns_shell.pdbx_chi_squared       ? 
_reflns_shell.pdbx_ordinal           1 
_reflns_shell.pdbx_diffrn_id         1 
# 
_refine.entry_id                                 4HCZ 
_refine.ls_d_res_high                            1.8500 
_refine.ls_d_res_low                             23.4130 
_refine.pdbx_ls_sigma_F                          0.000 
_refine.pdbx_data_cutoff_high_absF               ? 
_refine.pdbx_data_cutoff_low_absF                ? 
_refine.ls_percent_reflns_obs                    96.2300 
_refine.ls_number_reflns_obs                     12073 
_refine.ls_number_reflns_all                     12091 
_refine.pdbx_ls_cross_valid_method               ? 
_refine.pdbx_R_Free_selection_details            Random 
_refine.details                                  ? 
_refine.ls_R_factor_all                          ? 
_refine.ls_R_factor_obs                          0.2058 
_refine.ls_R_factor_R_work                       0.2038 
_refine.ls_wR_factor_R_work                      ? 
_refine.ls_R_factor_R_free                       0.2439 
_refine.ls_wR_factor_R_free                      ? 
_refine.ls_percent_reflns_R_free                 4.8000 
_refine.ls_number_reflns_R_free                  580 
_refine.ls_R_factor_R_free_error                 ? 
_refine.B_iso_mean                               30.1275 
_refine.solvent_model_param_bsol                 60.8670 
_refine.solvent_model_param_ksol                 0.3940 
_refine.pdbx_isotropic_thermal_model             ? 
_refine.aniso_B[1][1]                            -3.3304 
_refine.aniso_B[2][2]                            -5.0827 
_refine.aniso_B[3][3]                            8.4130 
_refine.aniso_B[1][2]                            -0.0000 
_refine.aniso_B[1][3]                            -1.2310 
_refine.aniso_B[2][3]                            -0.0000 
_refine.correlation_coeff_Fo_to_Fc               ? 
_refine.correlation_coeff_Fo_to_Fc_free          ? 
_refine.overall_SU_R_Cruickshank_DPI             ? 
_refine.overall_SU_R_free                        ? 
_refine.pdbx_overall_ESU_R                       ? 
_refine.pdbx_overall_ESU_R_Free                  ? 
_refine.overall_SU_ML                            0.3000 
_refine.overall_SU_B                             ? 
_refine.solvent_model_details                    'FLAT BULK SOLVENT MODEL' 
_refine.pdbx_solvent_vdw_probe_radii             0.9000 
_refine.pdbx_solvent_ion_probe_radii             ? 
_refine.pdbx_solvent_shrinkage_radii             0.6100 
_refine.ls_number_parameters                     ? 
_refine.ls_number_restraints                     ? 
_refine.pdbx_starting_model                      'PDB ENTRY 2E5P' 
_refine.pdbx_method_to_determine_struct          'MOLECULAR REPLACEMENT' 
_refine.pdbx_stereochemistry_target_values       ML 
_refine.pdbx_stereochem_target_val_spec_case     ? 
_refine.overall_FOM_work_R_set                   0.7729 
_refine.B_iso_max                                83.090 
_refine.B_iso_min                                13.770 
_refine.pdbx_overall_phase_error                 28.7700 
_refine.occupancy_max                            1.000 
_refine.occupancy_min                            1.000 
_refine.pdbx_ls_sigma_I                          ? 
_refine.ls_redundancy_reflns_obs                 ? 
_refine.ls_R_factor_R_free_error_details         ? 
_refine.pdbx_data_cutoff_high_rms_absF           ? 
_refine.overall_FOM_free_R_set                   ? 
_refine.pdbx_diffrn_id                           1 
_refine.pdbx_refine_id                           'X-RAY DIFFRACTION' 
_refine.pdbx_TLS_residual_ADP_flag               ? 
_refine.pdbx_overall_SU_R_free_Cruickshank_DPI   ? 
_refine.pdbx_overall_SU_R_Blow_DPI               ? 
_refine.pdbx_overall_SU_R_free_Blow_DPI          ? 
# 
_refine_hist.pdbx_refine_id                   'X-RAY DIFFRACTION' 
_refine_hist.cycle_id                         LAST 
_refine_hist.pdbx_number_atoms_protein        1061 
_refine_hist.pdbx_number_atoms_nucleic_acid   0 
_refine_hist.pdbx_number_atoms_ligand         0 
_refine_hist.number_atoms_solvent             161 
_refine_hist.number_atoms_total               1222 
_refine_hist.d_res_high                       1.8500 
_refine_hist.d_res_low                        23.4130 
# 
loop_
_refine_ls_restr.type 
_refine_ls_restr.number 
_refine_ls_restr.dev_ideal 
_refine_ls_restr.dev_ideal_target 
_refine_ls_restr.weight 
_refine_ls_restr.pdbx_restraint_function 
_refine_ls_restr.pdbx_refine_id 
f_bond_d           1085 0.007  ? ? ? 'X-RAY DIFFRACTION' 
f_angle_d          1473 1.060  ? ? ? 'X-RAY DIFFRACTION' 
f_chiral_restr     161  0.071  ? ? ? 'X-RAY DIFFRACTION' 
f_plane_restr      183  0.004  ? ? ? 'X-RAY DIFFRACTION' 
f_dihedral_angle_d 409  14.919 ? ? ? 'X-RAY DIFFRACTION' 
# 
loop_
_refine_ls_shell.d_res_high 
_refine_ls_shell.d_res_low 
_refine_ls_shell.pdbx_total_number_of_bins_used 
_refine_ls_shell.percent_reflns_obs 
_refine_ls_shell.number_reflns_R_work 
_refine_ls_shell.R_factor_all 
_refine_ls_shell.R_factor_R_work 
_refine_ls_shell.R_factor_R_free 
_refine_ls_shell.percent_reflns_R_free 
_refine_ls_shell.number_reflns_R_free 
_refine_ls_shell.R_factor_R_free_error 
_refine_ls_shell.number_reflns_all 
_refine_ls_shell.number_reflns_obs 
_refine_ls_shell.redundancy_reflns_obs 
_refine_ls_shell.pdbx_refine_id 
1.8500 2.0361  4 91.0000 2667 . 0.2898 0.3932 . 144 . 2811 . . 'X-RAY DIFFRACTION' 
2.0361 2.3305  4 99.0000 2932 . 0.2061 0.2511 . 156 . 3088 . . 'X-RAY DIFFRACTION' 
2.3305 2.9353  4 99.0000 2977 . 0.2031 0.2705 . 129 . 3106 . . 'X-RAY DIFFRACTION' 
2.9353 23.4144 4 95.0000 2917 . 0.1886 0.2066 . 151 . 3068 . . 'X-RAY DIFFRACTION' 
# 
_struct.entry_id                  4HCZ 
_struct.title                     'PHF1 Tudor in complex with H3K36me3' 
_struct.pdbx_model_details        ? 
_struct.pdbx_CASP_flag            ? 
_struct.pdbx_model_type_details   ? 
# 
_struct_keywords.entry_id        4HCZ 
_struct_keywords.pdbx_keywords   TRANSCRIPTION 
_struct_keywords.text            'Protein-peptide complex, Tudor, Histone binding, H3K36me3, NA, Nucleus, TRANSCRIPTION' 
# 
loop_
_struct_asym.id 
_struct_asym.pdbx_blank_PDB_chainid_flag 
_struct_asym.pdbx_modified 
_struct_asym.entity_id 
_struct_asym.details 
A N N 1 ? 
B N N 1 ? 
C N N 2 ? 
D N N 2 ? 
E N N 3 ? 
F N N 3 ? 
G N N 3 ? 
H N N 3 ? 
# 
_struct_biol.id        1 
_struct_biol.details   ? 
# 
loop_
_struct_conn.id 
_struct_conn.conn_type_id 
_struct_conn.pdbx_leaving_atom_flag 
_struct_conn.pdbx_PDB_id 
_struct_conn.ptnr1_label_asym_id 
_struct_conn.ptnr1_label_comp_id 
_struct_conn.ptnr1_label_seq_id 
_struct_conn.ptnr1_label_atom_id 
_struct_conn.pdbx_ptnr1_label_alt_id 
_struct_conn.pdbx_ptnr1_PDB_ins_code 
_struct_conn.pdbx_ptnr1_standard_comp_id 
_struct_conn.ptnr1_symmetry 
_struct_conn.ptnr2_label_asym_id 
_struct_conn.ptnr2_label_comp_id 
_struct_conn.ptnr2_label_seq_id 
_struct_conn.ptnr2_label_atom_id 
_struct_conn.pdbx_ptnr2_label_alt_id 
_struct_conn.pdbx_ptnr2_PDB_ins_code 
_struct_conn.ptnr1_auth_asym_id 
_struct_conn.ptnr1_auth_comp_id 
_struct_conn.ptnr1_auth_seq_id 
_struct_conn.ptnr2_auth_asym_id 
_struct_conn.ptnr2_auth_comp_id 
_struct_conn.ptnr2_auth_seq_id 
_struct_conn.ptnr2_symmetry 
_struct_conn.pdbx_ptnr3_label_atom_id 
_struct_conn.pdbx_ptnr3_label_seq_id 
_struct_conn.pdbx_ptnr3_label_comp_id 
_struct_conn.pdbx_ptnr3_label_asym_id 
_struct_conn.pdbx_ptnr3_label_alt_id 
_struct_conn.pdbx_ptnr3_PDB_ins_code 
_struct_conn.details 
_struct_conn.pdbx_dist_value 
_struct_conn.pdbx_value_order 
_struct_conn.pdbx_role 
covale1 covale both ? C VAL 5 C ? ? ? 1_555 C M3L 6 N ? ? C VAL 35 C M3L 36 1_555 ? ? ? ? ? ? ? 1.330 ? ? 
covale2 covale both ? C M3L 6 C ? ? ? 1_555 C LYS 7 N ? ? C M3L 36 C LYS 37 1_555 ? ? ? ? ? ? ? 1.326 ? ? 
covale3 covale both ? D VAL 5 C ? ? ? 1_555 D M3L 6 N ? ? D VAL 35 D M3L 36 1_555 ? ? ? ? ? ? ? 1.324 ? ? 
covale4 covale both ? D M3L 6 C ? ? ? 1_555 D LYS 7 N ? ? D M3L 36 D LYS 37 1_555 ? ? ? ? ? ? ? 1.324 ? ? 
# 
_struct_conn_type.id          covale 
_struct_conn_type.criteria    ? 
_struct_conn_type.reference   ? 
# 
_struct_mon_prot_cis.pdbx_id                1 
_struct_mon_prot_cis.label_comp_id          LEU 
_struct_mon_prot_cis.label_seq_id           56 
_struct_mon_prot_cis.label_asym_id          B 
_struct_mon_prot_cis.label_alt_id           . 
_struct_mon_prot_cis.pdbx_PDB_ins_code      ? 
_struct_mon_prot_cis.auth_comp_id           LEU 
_struct_mon_prot_cis.auth_seq_id            83 
_struct_mon_prot_cis.auth_asym_id           B 
_struct_mon_prot_cis.pdbx_label_comp_id_2   PRO 
_struct_mon_prot_cis.pdbx_label_seq_id_2    57 
_struct_mon_prot_cis.pdbx_label_asym_id_2   B 
_struct_mon_prot_cis.pdbx_PDB_ins_code_2    ? 
_struct_mon_prot_cis.pdbx_auth_comp_id_2    PRO 
_struct_mon_prot_cis.pdbx_auth_seq_id_2     84 
_struct_mon_prot_cis.pdbx_auth_asym_id_2    B 
_struct_mon_prot_cis.pdbx_PDB_model_num     1 
_struct_mon_prot_cis.pdbx_omega_angle       3.84 
# 
loop_
_struct_sheet.id 
_struct_sheet.type 
_struct_sheet.number_strands 
_struct_sheet.details 
A ? 5 ? 
B ? 5 ? 
# 
loop_
_struct_sheet_order.sheet_id 
_struct_sheet_order.range_id_1 
_struct_sheet_order.range_id_2 
_struct_sheet_order.offset 
_struct_sheet_order.sense 
A 1 2 ? anti-parallel 
A 2 3 ? anti-parallel 
A 3 4 ? anti-parallel 
A 4 5 ? anti-parallel 
B 1 2 ? anti-parallel 
B 2 3 ? anti-parallel 
B 3 4 ? anti-parallel 
B 4 5 ? anti-parallel 
# 
loop_
_struct_sheet_range.sheet_id 
_struct_sheet_range.id 
_struct_sheet_range.beg_label_comp_id 
_struct_sheet_range.beg_label_asym_id 
_struct_sheet_range.beg_label_seq_id 
_struct_sheet_range.pdbx_beg_PDB_ins_code 
_struct_sheet_range.end_label_comp_id 
_struct_sheet_range.end_label_asym_id 
_struct_sheet_range.end_label_seq_id 
_struct_sheet_range.pdbx_end_PDB_ins_code 
_struct_sheet_range.beg_auth_comp_id 
_struct_sheet_range.beg_auth_asym_id 
_struct_sheet_range.beg_auth_seq_id 
_struct_sheet_range.end_auth_comp_id 
_struct_sheet_range.end_auth_asym_id 
_struct_sheet_range.end_auth_seq_id 
A 1 GLN A 43 ? LEU A 47 ? GLN A 70 LEU A 74 
A 2 VAL A 33 ? PHE A 38 ? VAL A 60 PHE A 65 
A 3 LEU A 19 ? ASP A 28 ? LEU A 46 ASP A 55 
A 4 ASP A 9  ? ARG A 13 ? ASP A 36 ARG A 40 
A 5 ILE A 51 ? PRO A 53 ? ILE A 78 PRO A 80 
B 1 GLN B 43 ? LEU B 47 ? GLN B 70 LEU B 74 
B 2 VAL B 33 ? PHE B 38 ? VAL B 60 PHE B 65 
B 3 LEU B 19 ? ASP B 28 ? LEU B 46 ASP B 55 
B 4 ASP B 9  ? ARG B 13 ? ASP B 36 ARG B 40 
B 5 ILE B 51 ? PRO B 53 ? ILE B 78 PRO B 80 
# 
loop_
_pdbx_struct_sheet_hbond.sheet_id 
_pdbx_struct_sheet_hbond.range_id_1 
_pdbx_struct_sheet_hbond.range_id_2 
_pdbx_struct_sheet_hbond.range_1_label_atom_id 
_pdbx_struct_sheet_hbond.range_1_label_comp_id 
_pdbx_struct_sheet_hbond.range_1_label_asym_id 
_pdbx_struct_sheet_hbond.range_1_label_seq_id 
_pdbx_struct_sheet_hbond.range_1_PDB_ins_code 
_pdbx_struct_sheet_hbond.range_1_auth_atom_id 
_pdbx_struct_sheet_hbond.range_1_auth_comp_id 
_pdbx_struct_sheet_hbond.range_1_auth_asym_id 
_pdbx_struct_sheet_hbond.range_1_auth_seq_id 
_pdbx_struct_sheet_hbond.range_2_label_atom_id 
_pdbx_struct_sheet_hbond.range_2_label_comp_id 
_pdbx_struct_sheet_hbond.range_2_label_asym_id 
_pdbx_struct_sheet_hbond.range_2_label_seq_id 
_pdbx_struct_sheet_hbond.range_2_PDB_ins_code 
_pdbx_struct_sheet_hbond.range_2_auth_atom_id 
_pdbx_struct_sheet_hbond.range_2_auth_comp_id 
_pdbx_struct_sheet_hbond.range_2_auth_asym_id 
_pdbx_struct_sheet_hbond.range_2_auth_seq_id 
A 1 2 O PHE A 44 ? O PHE A 71 N VAL A 36 ? N VAL A 63 
A 2 3 O LEU A 35 ? O LEU A 62 N LYS A 25 ? N LYS A 52 
A 3 4 O GLY A 22 ? O GLY A 49 N VAL A 10 ? N VAL A 37 
A 4 5 N LEU A 11 ? N LEU A 38 O SER A 52 ? O SER A 79 
B 1 2 O PHE B 44 ? O PHE B 71 N VAL B 36 ? N VAL B 63 
B 2 3 O LEU B 35 ? O LEU B 62 N LYS B 25 ? N LYS B 52 
B 3 4 O GLY B 22 ? O GLY B 49 N VAL B 10 ? N VAL B 37 
B 4 5 N LEU B 11 ? N LEU B 38 O SER B 52 ? O SER B 79 
# 
_atom_sites.entry_id                    4HCZ 
_atom_sites.fract_transf_matrix[1][1]   0.01168934 
_atom_sites.fract_transf_matrix[1][2]   0.00093700 
_atom_sites.fract_transf_matrix[1][3]   -0.00483353 
_atom_sites.fract_transf_matrix[2][1]   0.01255059 
_atom_sites.fract_transf_matrix[2][2]   0.00367132 
_atom_sites.fract_transf_matrix[2][3]   0.03106387 
_atom_sites.fract_transf_matrix[3][1]   0.00915025 
_atom_sites.fract_transf_matrix[3][2]   -0.01539718 
_atom_sites.fract_transf_matrix[3][3]   -0.00187720 
_atom_sites.fract_transf_vector[1]      0.003423 
_atom_sites.fract_transf_vector[2]      -0.203364 
_atom_sites.fract_transf_vector[3]      0.243997 
# 
loop_
_atom_type.symbol 
C 
N 
O 
S 
# 
loop_
_atom_site.group_PDB 
_atom_site.id 
_atom_site.type_symbol 
_atom_site.label_atom_id 
_atom_site.label_alt_id 
_atom_site.label_comp_id 
_atom_site.label_asym_id 
_atom_site.label_entity_id 
_atom_site.label_seq_id 
_atom_site.pdbx_PDB_ins_code 
_atom_site.Cartn_x 
_atom_site.Cartn_y 
_atom_site.Cartn_z 
_atom_site.occupancy 
_atom_site.B_iso_or_equiv 
_atom_site.pdbx_formal_charge 
_atom_site.auth_seq_id 
_atom_site.auth_comp_id 
_atom_site.auth_asym_id 
_atom_site.auth_atom_id 
_atom_site.pdbx_PDB_model_num 
ATOM   1    N N   . ARG A 1 1  ? 7.230   -17.943 12.363  1.00 37.01 ? 28  ARG A N   1 
ATOM   2    C CA  . ARG A 1 1  ? 8.356   -18.570 11.685  1.00 39.78 ? 28  ARG A CA  1 
ATOM   3    C C   . ARG A 1 1  ? 8.842   -17.825 10.438  1.00 38.77 ? 28  ARG A C   1 
ATOM   4    O O   . ARG A 1 1  ? 10.038  -17.733 10.228  1.00 39.80 ? 28  ARG A O   1 
ATOM   5    C CB  . ARG A 1 1  ? 8.077   -20.040 11.369  1.00 36.73 ? 28  ARG A CB  1 
ATOM   6    C CG  . ARG A 1 1  ? 8.506   -20.499 9.977   1.00 33.48 ? 28  ARG A CG  1 
ATOM   7    C CD  . ARG A 1 1  ? 9.073   -21.919 10.012  1.00 47.66 ? 28  ARG A CD  1 
ATOM   8    N NE  . ARG A 1 1  ? 8.448   -22.795 9.018   1.00 56.32 ? 28  ARG A NE  1 
ATOM   9    C CZ  . ARG A 1 1  ? 7.633   -23.813 9.306   1.00 60.69 ? 28  ARG A CZ  1 
ATOM   10   N NH1 . ARG A 1 1  ? 7.345   -24.113 10.568  1.00 60.83 ? 28  ARG A NH1 1 
ATOM   11   N NH2 . ARG A 1 1  ? 7.109   -24.543 8.329   1.00 53.48 ? 28  ARG A NH2 1 
ATOM   12   N N   . PRO A 1 2  ? 7.924   -17.303 9.601   1.00 41.53 ? 29  PRO A N   1 
ATOM   13   C CA  . PRO A 1 2  ? 8.415   -16.501 8.469   1.00 36.09 ? 29  PRO A CA  1 
ATOM   14   C C   . PRO A 1 2  ? 9.163   -15.262 8.964   1.00 31.99 ? 29  PRO A C   1 
ATOM   15   O O   . PRO A 1 2  ? 8.702   -14.604 9.898   1.00 31.03 ? 29  PRO A O   1 
ATOM   16   C CB  . PRO A 1 2  ? 7.130   -16.075 7.750   1.00 41.37 ? 29  PRO A CB  1 
ATOM   17   C CG  . PRO A 1 2  ? 6.100   -17.069 8.189   1.00 43.64 ? 29  PRO A CG  1 
ATOM   18   C CD  . PRO A 1 2  ? 6.457   -17.418 9.597   1.00 39.90 ? 29  PRO A CD  1 
ATOM   19   N N   . ARG A 1 3  ? 10.298  -14.957 8.339   1.00 27.67 ? 30  ARG A N   1 
ATOM   20   C CA  . ARG A 1 3  ? 11.118  -13.814 8.706   1.00 28.23 ? 30  ARG A CA  1 
ATOM   21   C C   . ARG A 1 3  ? 10.554  -12.541 8.071   1.00 29.27 ? 30  ARG A C   1 
ATOM   22   O O   . ARG A 1 3  ? 10.704  -11.448 8.626   1.00 27.36 ? 30  ARG A O   1 
ATOM   23   C CB  . ARG A 1 3  ? 12.544  -14.070 8.218   1.00 28.10 ? 30  ARG A CB  1 
ATOM   24   C CG  . ARG A 1 3  ? 13.567  -12.991 8.537   1.00 28.81 ? 30  ARG A CG  1 
ATOM   25   C CD  . ARG A 1 3  ? 14.959  -13.428 8.067   1.00 34.21 ? 30  ARG A CD  1 
ATOM   26   N NE  . ARG A 1 3  ? 15.114  -13.331 6.617   1.00 31.38 ? 30  ARG A NE  1 
ATOM   27   C CZ  . ARG A 1 3  ? 15.490  -12.219 5.993   1.00 31.56 ? 30  ARG A CZ  1 
ATOM   28   N NH1 . ARG A 1 3  ? 15.732  -11.124 6.699   1.00 28.65 ? 30  ARG A NH1 1 
ATOM   29   N NH2 . ARG A 1 3  ? 15.613  -12.193 4.674   1.00 27.74 ? 30  ARG A NH2 1 
ATOM   30   N N   . LEU A 1 4  ? 9.908   -12.698 6.912   1.00 23.57 ? 31  LEU A N   1 
ATOM   31   C CA  . LEU A 1 4  ? 9.373   -11.580 6.131   1.00 21.50 ? 31  LEU A CA  1 
ATOM   32   C C   . LEU A 1 4  ? 7.868   -11.735 5.894   1.00 19.49 ? 31  LEU A C   1 
ATOM   33   O O   . LEU A 1 4  ? 7.377   -12.848 5.752   1.00 23.84 ? 31  LEU A O   1 
ATOM   34   C CB  . LEU A 1 4  ? 10.113  -11.472 4.787   1.00 17.64 ? 31  LEU A CB  1 
ATOM   35   C CG  . LEU A 1 4  ? 11.647  -11.298 4.881   1.00 19.29 ? 31  LEU A CG  1 
ATOM   36   C CD1 . LEU A 1 4  ? 12.318  -11.453 3.515   1.00 25.40 ? 31  LEU A CD1 1 
ATOM   37   C CD2 . LEU A 1 4  ? 12.030  -9.952  5.505   1.00 17.82 ? 31  LEU A CD2 1 
ATOM   38   N N   . TRP A 1 5  ? 7.142   -10.622 5.845   1.00 22.36 ? 32  TRP A N   1 
ATOM   39   C CA  . TRP A 1 5  ? 5.697   -10.669 5.622   1.00 21.44 ? 32  TRP A CA  1 
ATOM   40   C C   . TRP A 1 5  ? 5.156   -9.395  4.991   1.00 26.43 ? 32  TRP A C   1 
ATOM   41   O O   . TRP A 1 5  ? 5.766   -8.342  5.085   1.00 23.02 ? 32  TRP A O   1 
ATOM   42   C CB  . TRP A 1 5  ? 4.966   -10.940 6.945   1.00 23.89 ? 32  TRP A CB  1 
ATOM   43   C CG  . TRP A 1 5  ? 5.217   -9.911  8.036   1.00 23.89 ? 32  TRP A CG  1 
ATOM   44   C CD1 . TRP A 1 5  ? 4.542   -8.741  8.228   1.00 28.62 ? 32  TRP A CD1 1 
ATOM   45   C CD2 . TRP A 1 5  ? 6.178   -9.995  9.102   1.00 24.14 ? 32  TRP A CD2 1 
ATOM   46   N NE1 . TRP A 1 5  ? 5.035   -8.083  9.331   1.00 24.45 ? 32  TRP A NE1 1 
ATOM   47   C CE2 . TRP A 1 5  ? 6.037   -8.835  9.887   1.00 24.61 ? 32  TRP A CE2 1 
ATOM   48   C CE3 . TRP A 1 5  ? 7.150   -10.939 9.462   1.00 25.90 ? 32  TRP A CE3 1 
ATOM   49   C CZ2 . TRP A 1 5  ? 6.829   -8.586  11.012  1.00 28.19 ? 32  TRP A CZ2 1 
ATOM   50   C CZ3 . TRP A 1 5  ? 7.933   -10.697 10.578  1.00 30.51 ? 32  TRP A CZ3 1 
ATOM   51   C CH2 . TRP A 1 5  ? 7.767   -9.528  11.343  1.00 31.86 ? 32  TRP A CH2 1 
ATOM   52   N N   . GLU A 1 6  ? 3.991   -9.497  4.356   1.00 29.97 ? 33  GLU A N   1 
ATOM   53   C CA  . GLU A 1 6  ? 3.344   -8.345  3.736   1.00 28.89 ? 33  GLU A CA  1 
ATOM   54   C C   . GLU A 1 6  ? 3.062   -7.237  4.747   1.00 29.12 ? 33  GLU A C   1 
ATOM   55   O O   . GLU A 1 6  ? 2.535   -7.496  5.825   1.00 29.89 ? 33  GLU A O   1 
ATOM   56   C CB  . GLU A 1 6  ? 2.025   -8.760  3.069   1.00 30.64 ? 33  GLU A CB  1 
ATOM   57   C CG  . GLU A 1 6  ? 2.148   -9.878  2.058   1.00 34.14 ? 33  GLU A CG  1 
ATOM   58   C CD  . GLU A 1 6  ? 0.888   -10.029 1.222   1.00 46.93 ? 33  GLU A CD  1 
ATOM   59   O OE1 . GLU A 1 6  ? -0.010  -9.165  1.334   1.00 44.04 ? 33  GLU A OE1 1 
ATOM   60   O OE2 . GLU A 1 6  ? 0.793   -11.008 0.453   1.00 49.49 ? 33  GLU A OE2 1 
ATOM   61   N N   . GLY A 1 7  ? 3.407   -6.004  4.388   1.00 25.14 ? 34  GLY A N   1 
ATOM   62   C CA  . GLY A 1 7  ? 3.132   -4.852  5.222   1.00 23.66 ? 34  GLY A CA  1 
ATOM   63   C C   . GLY A 1 7  ? 4.291   -4.498  6.126   1.00 22.86 ? 34  GLY A C   1 
ATOM   64   O O   . GLY A 1 7  ? 4.283   -3.467  6.782   1.00 25.73 ? 34  GLY A O   1 
ATOM   65   N N   . GLN A 1 8  ? 5.299   -5.361  6.135   1.00 26.96 ? 35  GLN A N   1 
ATOM   66   C CA  . GLN A 1 8  ? 6.505   -5.158  6.916   1.00 22.56 ? 35  GLN A CA  1 
ATOM   67   C C   . GLN A 1 8  ? 7.385   -4.056  6.355   1.00 23.52 ? 35  GLN A C   1 
ATOM   68   O O   . GLN A 1 8  ? 7.649   -4.023  5.157   1.00 23.42 ? 35  GLN A O   1 
ATOM   69   C CB  . GLN A 1 8  ? 7.309   -6.448  6.941   1.00 22.00 ? 35  GLN A CB  1 
ATOM   70   C CG  . GLN A 1 8  ? 8.486   -6.437  7.913   1.00 17.50 ? 35  GLN A CG  1 
ATOM   71   C CD  . GLN A 1 8  ? 9.207   -7.754  7.888   1.00 21.14 ? 35  GLN A CD  1 
ATOM   72   O OE1 . GLN A 1 8  ? 9.174   -8.458  6.881   1.00 20.41 ? 35  GLN A OE1 1 
ATOM   73   N NE2 . GLN A 1 8  ? 9.834   -8.120  9.002   1.00 27.68 ? 35  GLN A NE2 1 
ATOM   74   N N   . ASP A 1 9  ? 7.863   -3.176  7.233   1.00 24.30 ? 36  ASP A N   1 
ATOM   75   C CA  . ASP A 1 9  ? 8.881   -2.195  6.859   1.00 25.58 ? 36  ASP A CA  1 
ATOM   76   C C   . ASP A 1 9  ? 10.263  -2.837  6.851   1.00 25.29 ? 36  ASP A C   1 
ATOM   77   O O   . ASP A 1 9  ? 10.671  -3.494  7.829   1.00 22.74 ? 36  ASP A O   1 
ATOM   78   C CB  . ASP A 1 9  ? 8.856   -0.992  7.806   1.00 30.14 ? 36  ASP A CB  1 
ATOM   79   C CG  . ASP A 1 9  ? 7.622   -0.124  7.616   1.00 41.32 ? 36  ASP A CG  1 
ATOM   80   O OD1 . ASP A 1 9  ? 7.347   0.712   8.498   1.00 46.40 ? 36  ASP A OD1 1 
ATOM   81   O OD2 . ASP A 1 9  ? 6.926   -0.284  6.584   1.00 38.48 ? 36  ASP A OD2 1 
ATOM   82   N N   . VAL A 1 10 ? 10.996  -2.637  5.764   1.00 21.56 ? 37  VAL A N   1 
ATOM   83   C CA  . VAL A 1 10 ? 12.267  -3.318  5.585   1.00 19.11 ? 37  VAL A CA  1 
ATOM   84   C C   . VAL A 1 10 ? 13.317  -2.394  4.994   1.00 20.66 ? 37  VAL A C   1 
ATOM   85   O O   . VAL A 1 10 ? 12.998  -1.354  4.425   1.00 20.59 ? 37  VAL A O   1 
ATOM   86   C CB  . VAL A 1 10 ? 12.137  -4.521  4.634   1.00 20.83 ? 37  VAL A CB  1 
ATOM   87   C CG1 . VAL A 1 10 ? 11.278  -5.616  5.250   1.00 16.44 ? 37  VAL A CG1 1 
ATOM   88   C CG2 . VAL A 1 10 ? 11.572  -4.081  3.266   1.00 15.58 ? 37  VAL A CG2 1 
ATOM   89   N N   . LEU A 1 11 ? 14.576  -2.781  5.135   1.00 16.60 ? 38  LEU A N   1 
ATOM   90   C CA  . LEU A 1 11 ? 15.644  -2.171  4.354   1.00 24.34 ? 38  LEU A CA  1 
ATOM   91   C C   . LEU A 1 11 ? 15.988  -3.121  3.206   1.00 21.76 ? 38  LEU A C   1 
ATOM   92   O O   . LEU A 1 11 ? 16.200  -4.308  3.429   1.00 20.94 ? 38  LEU A O   1 
ATOM   93   C CB  . LEU A 1 11 ? 16.876  -1.937  5.227   1.00 28.28 ? 38  LEU A CB  1 
ATOM   94   C CG  . LEU A 1 11 ? 16.723  -1.001  6.428   1.00 28.58 ? 38  LEU A CG  1 
ATOM   95   C CD1 . LEU A 1 11 ? 18.067  -0.814  7.115   1.00 27.81 ? 38  LEU A CD1 1 
ATOM   96   C CD2 . LEU A 1 11 ? 16.166  0.351   6.004   1.00 26.35 ? 38  LEU A CD2 1 
ATOM   97   N N   . ALA A 1 12 ? 16.046  -2.606  1.981   1.00 15.85 ? 39  ALA A N   1 
ATOM   98   C CA  . ALA A 1 12 ? 16.350  -3.444  0.824   1.00 15.26 ? 39  ALA A CA  1 
ATOM   99   C C   . ALA A 1 12 ? 17.655  -2.969  0.177   1.00 18.74 ? 39  ALA A C   1 
ATOM   100  O O   . ALA A 1 12 ? 17.819  -1.771  -0.081  1.00 18.57 ? 39  ALA A O   1 
ATOM   101  C CB  . ALA A 1 12 ? 15.203  -3.394  -0.193  1.00 17.18 ? 39  ALA A CB  1 
ATOM   102  N N   . ARG A 1 13 ? 18.578  -3.892  -0.083  1.00 16.55 ? 40  ARG A N   1 
ATOM   103  C CA  . ARG A 1 13 ? 19.827  -3.506  -0.748  1.00 13.78 ? 40  ARG A CA  1 
ATOM   104  C C   . ARG A 1 13 ? 19.581  -3.416  -2.243  1.00 18.90 ? 40  ARG A C   1 
ATOM   105  O O   . ARG A 1 13 ? 19.083  -4.366  -2.854  1.00 19.34 ? 40  ARG A O   1 
ATOM   106  C CB  . ARG A 1 13 ? 20.965  -4.478  -0.446  1.00 17.37 ? 40  ARG A CB  1 
ATOM   107  C CG  . ARG A 1 13 ? 22.355  -3.901  -0.816  1.00 21.00 ? 40  ARG A CG  1 
ATOM   108  C CD  . ARG A 1 13 ? 23.504  -4.749  -0.295  1.00 20.35 ? 40  ARG A CD  1 
ATOM   109  N NE  . ARG A 1 13 ? 23.401  -5.011  1.141   1.00 22.21 ? 40  ARG A NE  1 
ATOM   110  C CZ  . ARG A 1 13 ? 23.826  -4.191  2.101   1.00 24.98 ? 40  ARG A CZ  1 
ATOM   111  N NH1 . ARG A 1 13 ? 24.368  -3.023  1.805   1.00 22.53 ? 40  ARG A NH1 1 
ATOM   112  N NH2 . ARG A 1 13 ? 23.674  -4.535  3.372   1.00 23.63 ? 40  ARG A NH2 1 
ATOM   113  N N   . TRP A 1 14 ? 19.930  -2.267  -2.817  1.00 18.10 ? 41  TRP A N   1 
ATOM   114  C CA  . TRP A 1 14 ? 19.661  -1.961  -4.225  1.00 18.20 ? 41  TRP A CA  1 
ATOM   115  C C   . TRP A 1 14 ? 20.890  -2.275  -5.088  1.00 17.86 ? 41  TRP A C   1 
ATOM   116  O O   . TRP A 1 14 ? 21.909  -2.750  -4.591  1.00 20.53 ? 41  TRP A O   1 
ATOM   117  C CB  . TRP A 1 14 ? 19.249  -0.483  -4.349  1.00 17.26 ? 41  TRP A CB  1 
ATOM   118  C CG  . TRP A 1 14 ? 18.761  -0.022  -5.711  1.00 20.86 ? 41  TRP A CG  1 
ATOM   119  C CD1 . TRP A 1 14 ? 19.273  0.995   -6.456  1.00 22.24 ? 41  TRP A CD1 1 
ATOM   120  C CD2 . TRP A 1 14 ? 17.650  -0.545  -6.462  1.00 18.04 ? 41  TRP A CD2 1 
ATOM   121  N NE1 . TRP A 1 14 ? 18.567  1.131   -7.631  1.00 23.68 ? 41  TRP A NE1 1 
ATOM   122  C CE2 . TRP A 1 14 ? 17.566  0.194   -7.652  1.00 24.22 ? 41  TRP A CE2 1 
ATOM   123  C CE3 . TRP A 1 14 ? 16.727  -1.580  -6.235  1.00 18.63 ? 41  TRP A CE3 1 
ATOM   124  C CZ2 . TRP A 1 14 ? 16.592  -0.055  -8.612  1.00 24.78 ? 41  TRP A CZ2 1 
ATOM   125  C CZ3 . TRP A 1 14 ? 15.760  -1.821  -7.184  1.00 19.67 ? 41  TRP A CZ3 1 
ATOM   126  C CH2 . TRP A 1 14 ? 15.703  -1.067  -8.364  1.00 21.21 ? 41  TRP A CH2 1 
ATOM   127  N N   . THR A 1 15 ? 20.777  -2.019  -6.391  1.00 20.03 ? 42  THR A N   1 
ATOM   128  C CA  . THR A 1 15 ? 21.845  -2.304  -7.331  1.00 19.22 ? 42  THR A CA  1 
ATOM   129  C C   . THR A 1 15 ? 23.064  -1.400  -7.172  1.00 22.72 ? 42  THR A C   1 
ATOM   130  O O   . THR A 1 15 ? 24.104  -1.659  -7.778  1.00 21.11 ? 42  THR A O   1 
ATOM   131  C CB  . THR A 1 15 ? 21.314  -2.173  -8.755  1.00 18.85 ? 42  THR A CB  1 
ATOM   132  O OG1 . THR A 1 15 ? 20.746  -0.866  -8.914  1.00 25.86 ? 42  THR A OG1 1 
ATOM   133  C CG2 . THR A 1 15 ? 20.219  -3.198  -8.959  1.00 20.05 ? 42  THR A CG2 1 
ATOM   134  N N   . ASP A 1 16 ? 22.925  -0.320  -6.402  1.00 20.75 ? 43  ASP A N   1 
ATOM   135  C CA  . ASP A 1 16 ? 24.081  0.522   -6.075  1.00 23.13 ? 43  ASP A CA  1 
ATOM   136  C C   . ASP A 1 16 ? 24.806  0.065   -4.799  1.00 23.15 ? 43  ASP A C   1 
ATOM   137  O O   . ASP A 1 16 ? 25.777  0.681   -4.372  1.00 22.63 ? 43  ASP A O   1 
ATOM   138  C CB  . ASP A 1 16 ? 23.682  1.992   -5.970  1.00 23.49 ? 43  ASP A CB  1 
ATOM   139  C CG  . ASP A 1 16 ? 22.572  2.230   -4.971  1.00 17.64 ? 43  ASP A CG  1 
ATOM   140  O OD1 . ASP A 1 16 ? 22.195  1.288   -4.242  1.00 14.75 ? 43  ASP A OD1 1 
ATOM   141  O OD2 . ASP A 1 16 ? 22.066  3.364   -4.925  1.00 24.14 ? 43  ASP A OD2 1 
ATOM   142  N N   . GLY A 1 17 ? 24.347  -1.030  -4.213  1.00 18.00 ? 44  GLY A N   1 
ATOM   143  C CA  . GLY A 1 17 ? 24.940  -1.551  -2.986  1.00 22.68 ? 44  GLY A CA  1 
ATOM   144  C C   . GLY A 1 17 ? 24.480  -0.860  -1.701  1.00 17.16 ? 44  GLY A C   1 
ATOM   145  O O   . GLY A 1 17 ? 24.955  -1.182  -0.599  1.00 19.21 ? 44  GLY A O   1 
ATOM   146  N N   . LEU A 1 18 ? 23.572  0.102   -1.831  1.00 18.00 ? 45  LEU A N   1 
ATOM   147  C CA  . LEU A 1 18 ? 23.060  0.835   -0.677  1.00 22.34 ? 45  LEU A CA  1 
ATOM   148  C C   . LEU A 1 18 ? 21.692  0.328   -0.237  1.00 20.18 ? 45  LEU A C   1 
ATOM   149  O O   . LEU A 1 18 ? 20.938  -0.273  -1.018  1.00 16.69 ? 45  LEU A O   1 
ATOM   150  C CB  . LEU A 1 18 ? 22.961  2.325   -0.992  1.00 17.76 ? 45  LEU A CB  1 
ATOM   151  C CG  . LEU A 1 18 ? 24.280  2.998   -1.398  1.00 19.02 ? 45  LEU A CG  1 
ATOM   152  C CD1 . LEU A 1 18 ? 24.019  4.452   -1.773  1.00 22.57 ? 45  LEU A CD1 1 
ATOM   153  C CD2 . LEU A 1 18 ? 25.318  2.888   -0.289  1.00 21.07 ? 45  LEU A CD2 1 
ATOM   154  N N   . LEU A 1 19 ? 21.365  0.603   1.017   1.00 16.37 ? 46  LEU A N   1 
ATOM   155  C CA  . LEU A 1 19 ? 20.087  0.209   1.562   1.00 16.88 ? 46  LEU A CA  1 
ATOM   156  C C   . LEU A 1 19 ? 19.043  1.308   1.387   1.00 18.11 ? 46  LEU A C   1 
ATOM   157  O O   . LEU A 1 19 ? 19.330  2.499   1.566   1.00 17.44 ? 46  LEU A O   1 
ATOM   158  C CB  . LEU A 1 19 ? 20.217  -0.141  3.054   1.00 20.06 ? 46  LEU A CB  1 
ATOM   159  C CG  . LEU A 1 19 ? 21.009  -1.384  3.455   1.00 20.02 ? 46  LEU A CG  1 
ATOM   160  C CD1 . LEU A 1 19 ? 21.035  -1.486  4.971   1.00 22.50 ? 46  LEU A CD1 1 
ATOM   161  C CD2 . LEU A 1 19 ? 20.428  -2.661  2.864   1.00 18.59 ? 46  LEU A CD2 1 
ATOM   162  N N   . TYR A 1 20 ? 17.827  0.895   1.036   1.00 16.22 ? 47  TYR A N   1 
ATOM   163  C CA  . TYR A 1 20 ? 16.702  1.816   0.939   1.00 14.73 ? 47  TYR A CA  1 
ATOM   164  C C   . TYR A 1 20 ? 15.511  1.302   1.748   1.00 15.31 ? 47  TYR A C   1 
ATOM   165  O O   . TYR A 1 20 ? 15.224  0.112   1.736   1.00 19.24 ? 47  TYR A O   1 
ATOM   166  C CB  . TYR A 1 20 ? 16.284  1.994   -0.526  1.00 18.49 ? 47  TYR A CB  1 
ATOM   167  C CG  . TYR A 1 20 ? 17.324  2.691   -1.365  1.00 17.36 ? 47  TYR A CG  1 
ATOM   168  C CD1 . TYR A 1 20 ? 18.412  2.000   -1.862  1.00 15.11 ? 47  TYR A CD1 1 
ATOM   169  C CD2 . TYR A 1 20 ? 17.226  4.050   -1.635  1.00 21.23 ? 47  TYR A CD2 1 
ATOM   170  C CE1 . TYR A 1 20 ? 19.381  2.639   -2.628  1.00 14.49 ? 47  TYR A CE1 1 
ATOM   171  C CE2 . TYR A 1 20 ? 18.178  4.696   -2.411  1.00 25.66 ? 47  TYR A CE2 1 
ATOM   172  C CZ  . TYR A 1 20 ? 19.251  3.983   -2.901  1.00 22.01 ? 47  TYR A CZ  1 
ATOM   173  O OH  . TYR A 1 20 ? 20.202  4.615   -3.664  1.00 21.80 ? 47  TYR A OH  1 
ATOM   174  N N   . LEU A 1 21 ? 14.821  2.205   2.439   1.00 19.12 ? 48  LEU A N   1 
ATOM   175  C CA  . LEU A 1 21 ? 13.655  1.839   3.247   1.00 19.29 ? 48  LEU A CA  1 
ATOM   176  C C   . LEU A 1 21 ? 12.442  1.583   2.352   1.00 26.89 ? 48  LEU A C   1 
ATOM   177  O O   . LEU A 1 21 ? 12.147  2.359   1.441   1.00 25.51 ? 48  LEU A O   1 
ATOM   178  C CB  . LEU A 1 21 ? 13.348  2.941   4.266   1.00 26.78 ? 48  LEU A CB  1 
ATOM   179  C CG  . LEU A 1 21 ? 12.157  2.764   5.215   1.00 34.36 ? 48  LEU A CG  1 
ATOM   180  C CD1 . LEU A 1 21 ? 12.410  1.653   6.222   1.00 30.97 ? 48  LEU A CD1 1 
ATOM   181  C CD2 . LEU A 1 21 ? 11.864  4.071   5.932   1.00 39.97 ? 48  LEU A CD2 1 
ATOM   182  N N   . GLY A 1 22 ? 11.753  0.478   2.606   1.00 23.57 ? 49  GLY A N   1 
ATOM   183  C CA  . GLY A 1 22 ? 10.608  0.125   1.811   1.00 22.39 ? 49  GLY A CA  1 
ATOM   184  C C   . GLY A 1 22 ? 9.615   -0.684  2.609   1.00 23.83 ? 49  GLY A C   1 
ATOM   185  O O   . GLY A 1 22 ? 9.814   -0.952  3.796   1.00 19.99 ? 49  GLY A O   1 
ATOM   186  N N   . THR A 1 23 ? 8.541   -1.086  1.942   1.00 20.74 ? 50  THR A N   1 
ATOM   187  C CA  . THR A 1 23 ? 7.503   -1.885  2.579   1.00 21.09 ? 50  THR A CA  1 
ATOM   188  C C   . THR A 1 23 ? 7.197   -3.074  1.718   1.00 21.85 ? 50  THR A C   1 
ATOM   189  O O   . THR A 1 23 ? 7.008   -2.932  0.511   1.00 22.50 ? 50  THR A O   1 
ATOM   190  C CB  . THR A 1 23 ? 6.212   -1.078  2.757   1.00 25.06 ? 50  THR A CB  1 
ATOM   191  O OG1 . THR A 1 23 ? 6.488   0.093   3.537   1.00 27.68 ? 50  THR A OG1 1 
ATOM   192  C CG2 . THR A 1 23 ? 5.152   -1.926  3.449   1.00 25.69 ? 50  THR A CG2 1 
ATOM   193  N N   . ILE A 1 24 ? 7.152   -4.251  2.324   1.00 19.20 ? 51  ILE A N   1 
ATOM   194  C CA  . ILE A 1 24 ? 6.839   -5.445  1.561   1.00 23.37 ? 51  ILE A CA  1 
ATOM   195  C C   . ILE A 1 24 ? 5.369   -5.473  1.109   1.00 23.86 ? 51  ILE A C   1 
ATOM   196  O O   . ILE A 1 24 ? 4.450   -5.310  1.910   1.00 23.37 ? 51  ILE A O   1 
ATOM   197  C CB  . ILE A 1 24 ? 7.221   -6.724  2.330   1.00 18.29 ? 51  ILE A CB  1 
ATOM   198  C CG1 . ILE A 1 24 ? 8.737   -6.793  2.502   1.00 14.91 ? 51  ILE A CG1 1 
ATOM   199  C CG2 . ILE A 1 24 ? 6.746   -7.970  1.587   1.00 17.04 ? 51  ILE A CG2 1 
ATOM   200  C CD1 . ILE A 1 24 ? 9.199   -7.960  3.358   1.00 20.49 ? 51  ILE A CD1 1 
ATOM   201  N N   . LYS A 1 25 ? 5.166   -5.670  -0.188  1.00 25.42 ? 52  LYS A N   1 
ATOM   202  C CA  . LYS A 1 25 ? 3.829   -5.761  -0.766  1.00 29.61 ? 52  LYS A CA  1 
ATOM   203  C C   . LYS A 1 25 ? 3.424   -7.219  -0.993  1.00 26.14 ? 52  LYS A C   1 
ATOM   204  O O   . LYS A 1 25 ? 2.277   -7.602  -0.770  1.00 28.67 ? 52  LYS A O   1 
ATOM   205  C CB  . LYS A 1 25 ? 3.769   -4.988  -2.089  1.00 20.72 ? 52  LYS A CB  1 
ATOM   206  C CG  . LYS A 1 25 ? 3.850   -3.486  -1.933  1.00 27.27 ? 52  LYS A CG  1 
ATOM   207  C CD  . LYS A 1 25 ? 2.755   -3.021  -0.990  1.00 42.74 ? 52  LYS A CD  1 
ATOM   208  C CE  . LYS A 1 25 ? 2.950   -1.586  -0.556  1.00 52.66 ? 52  LYS A CE  1 
ATOM   209  N NZ  . LYS A 1 25 ? 1.900   -1.184  0.426   1.00 60.92 ? 52  LYS A NZ  1 
ATOM   210  N N   . LYS A 1 26 ? 4.381   -8.030  -1.429  1.00 20.94 ? 53  LYS A N   1 
ATOM   211  C CA  . LYS A 1 26 ? 4.132   -9.433  -1.716  1.00 24.85 ? 53  LYS A CA  1 
ATOM   212  C C   . LYS A 1 26 ? 5.359   -10.256 -1.389  1.00 26.89 ? 53  LYS A C   1 
ATOM   213  O O   . LYS A 1 26 ? 6.487   -9.833  -1.634  1.00 26.09 ? 53  LYS A O   1 
ATOM   214  C CB  . LYS A 1 26 ? 3.801   -9.633  -3.205  1.00 28.56 ? 53  LYS A CB  1 
ATOM   215  C CG  . LYS A 1 26 ? 2.577   -8.880  -3.700  1.00 37.85 ? 53  LYS A CG  1 
ATOM   216  C CD  . LYS A 1 26 ? 1.295   -9.491  -3.149  1.00 37.82 ? 53  LYS A CD  1 
ATOM   217  C CE  . LYS A 1 26 ? 0.088   -8.660  -3.535  1.00 41.78 ? 53  LYS A CE  1 
ATOM   218  N NZ  . LYS A 1 26 ? -1.153  -9.217  -2.951  1.00 52.64 ? 53  LYS A NZ  1 
ATOM   219  N N   . VAL A 1 27 ? 5.128   -11.451 -0.864  1.00 24.21 ? 54  VAL A N   1 
ATOM   220  C CA  . VAL A 1 27 ? 6.188   -12.426 -0.610  1.00 28.70 ? 54  VAL A CA  1 
ATOM   221  C C   . VAL A 1 27 ? 6.105   -13.597 -1.589  1.00 35.45 ? 54  VAL A C   1 
ATOM   222  O O   . VAL A 1 27 ? 5.087   -14.282 -1.655  1.00 35.95 ? 54  VAL A O   1 
ATOM   223  C CB  . VAL A 1 27 ? 6.105   -12.980 0.828   1.00 25.37 ? 54  VAL A CB  1 
ATOM   224  C CG1 . VAL A 1 27 ? 7.139   -14.066 1.037   1.00 28.43 ? 54  VAL A CG1 1 
ATOM   225  C CG2 . VAL A 1 27 ? 6.285   -11.859 1.826   1.00 24.24 ? 54  VAL A CG2 1 
ATOM   226  N N   . ASP A 1 28 ? 7.183   -13.819 -2.341  1.00 28.30 ? 55  ASP A N   1 
ATOM   227  C CA  . ASP A 1 28 ? 7.250   -14.892 -3.337  1.00 32.71 ? 55  ASP A CA  1 
ATOM   228  C C   . ASP A 1 28 ? 8.225   -15.969 -2.867  1.00 24.61 ? 55  ASP A C   1 
ATOM   229  O O   . ASP A 1 28 ? 9.431   -15.823 -3.021  1.00 28.40 ? 55  ASP A O   1 
ATOM   230  C CB  . ASP A 1 28 ? 7.709   -14.310 -4.682  1.00 32.10 ? 55  ASP A CB  1 
ATOM   231  C CG  . ASP A 1 28 ? 7.629   -15.305 -5.834  1.00 33.55 ? 55  ASP A CG  1 
ATOM   232  O OD1 . ASP A 1 28 ? 7.517   -14.845 -6.988  1.00 33.02 ? 55  ASP A OD1 1 
ATOM   233  O OD2 . ASP A 1 28 ? 7.688   -16.529 -5.604  1.00 33.61 ? 55  ASP A OD2 1 
ATOM   234  N N   . SER A 1 29 ? 7.700   -17.061 -2.315  1.00 26.69 ? 56  SER A N   1 
ATOM   235  C CA  . SER A 1 29 ? 8.545   -18.134 -1.781  1.00 34.45 ? 56  SER A CA  1 
ATOM   236  C C   . SER A 1 29 ? 9.203   -18.963 -2.875  1.00 38.98 ? 56  SER A C   1 
ATOM   237  O O   . SER A 1 29 ? 10.278  -19.535 -2.671  1.00 37.36 ? 56  SER A O   1 
ATOM   238  C CB  . SER A 1 29 ? 7.743   -19.045 -0.851  1.00 39.92 ? 56  SER A CB  1 
ATOM   239  O OG  . SER A 1 29 ? 7.129   -18.291 0.178   1.00 41.05 ? 56  SER A OG  1 
ATOM   240  N N   . ALA A 1 30 ? 8.553   -19.022 -4.034  1.00 40.49 ? 57  ALA A N   1 
ATOM   241  C CA  . ALA A 1 30 ? 9.084   -19.742 -5.186  1.00 37.49 ? 57  ALA A CA  1 
ATOM   242  C C   . ALA A 1 30 ? 10.413  -19.154 -5.662  1.00 37.63 ? 57  ALA A C   1 
ATOM   243  O O   . ALA A 1 30 ? 11.408  -19.867 -5.786  1.00 38.94 ? 57  ALA A O   1 
ATOM   244  C CB  . ALA A 1 30 ? 8.070   -19.734 -6.323  1.00 37.76 ? 57  ALA A CB  1 
ATOM   245  N N   . ARG A 1 31 ? 10.426  -17.851 -5.929  1.00 32.50 ? 58  ARG A N   1 
ATOM   246  C CA  . ARG A 1 31 ? 11.624  -17.195 -6.456  1.00 26.14 ? 58  ARG A CA  1 
ATOM   247  C C   . ARG A 1 31 ? 12.463  -16.559 -5.337  1.00 28.50 ? 58  ARG A C   1 
ATOM   248  O O   . ARG A 1 31 ? 13.516  -15.981 -5.589  1.00 27.86 ? 58  ARG A O   1 
ATOM   249  C CB  . ARG A 1 31 ? 11.233  -16.171 -7.522  1.00 32.24 ? 58  ARG A CB  1 
ATOM   250  C CG  . ARG A 1 31 ? 10.394  -16.796 -8.665  1.00 34.87 ? 58  ARG A CG  1 
ATOM   251  C CD  . ARG A 1 31 ? 10.157  -15.836 -9.817  1.00 35.21 ? 58  ARG A CD  1 
ATOM   252  N NE  . ARG A 1 31 ? 9.219   -14.768 -9.486  1.00 34.91 ? 58  ARG A NE  1 
ATOM   253  C CZ  . ARG A 1 31 ? 8.965   -13.726 -10.280 1.00 42.80 ? 58  ARG A CZ  1 
ATOM   254  N NH1 . ARG A 1 31 ? 9.585   -13.609 -11.449 1.00 39.71 ? 58  ARG A NH1 1 
ATOM   255  N NH2 . ARG A 1 31 ? 8.100   -12.795 -9.904  1.00 41.70 ? 58  ARG A NH2 1 
ATOM   256  N N   . GLU A 1 32 ? 11.996  -16.680 -4.101  1.00 27.48 ? 59  GLU A N   1 
ATOM   257  C CA  . GLU A 1 32 ? 12.695  -16.083 -2.954  1.00 32.31 ? 59  GLU A CA  1 
ATOM   258  C C   . GLU A 1 32 ? 12.989  -14.591 -3.157  1.00 23.04 ? 59  GLU A C   1 
ATOM   259  O O   . GLU A 1 32 ? 14.129  -14.123 -3.046  1.00 22.03 ? 59  GLU A O   1 
ATOM   260  C CB  . GLU A 1 32 ? 13.963  -16.870 -2.620  1.00 27.50 ? 59  GLU A CB  1 
ATOM   261  C CG  . GLU A 1 32 ? 13.668  -18.218 -1.983  1.00 39.39 ? 59  GLU A CG  1 
ATOM   262  C CD  . GLU A 1 32 ? 14.914  -19.061 -1.787  1.00 53.37 ? 59  GLU A CD  1 
ATOM   263  O OE1 . GLU A 1 32 ? 15.312  -19.753 -2.747  1.00 57.90 ? 59  GLU A OE1 1 
ATOM   264  O OE2 . GLU A 1 32 ? 15.495  -19.027 -0.681  1.00 60.97 ? 59  GLU A OE2 1 
ATOM   265  N N   . VAL A 1 33 ? 11.930  -13.854 -3.462  1.00 18.74 ? 60  VAL A N   1 
ATOM   266  C CA  . VAL A 1 33 ? 11.988  -12.421 -3.595  1.00 24.87 ? 60  VAL A CA  1 
ATOM   267  C C   . VAL A 1 33 ? 10.751  -11.865 -2.923  1.00 21.45 ? 60  VAL A C   1 
ATOM   268  O O   . VAL A 1 33 ? 9.816   -12.603 -2.595  1.00 21.43 ? 60  VAL A O   1 
ATOM   269  C CB  . VAL A 1 33 ? 11.978  -11.982 -5.088  1.00 21.76 ? 60  VAL A CB  1 
ATOM   270  C CG1 . VAL A 1 33 ? 13.289  -12.352 -5.768  1.00 24.36 ? 60  VAL A CG1 1 
ATOM   271  C CG2 . VAL A 1 33 ? 10.793  -12.617 -5.811  1.00 17.12 ? 60  VAL A CG2 1 
ATOM   272  N N   . CYS A 1 34 ? 10.760  -10.557 -2.722  1.00 20.16 ? 61  CYS A N   1 
ATOM   273  C CA  . CYS A 1 34 ? 9.598   -9.826  -2.294  1.00 17.45 ? 61  CYS A CA  1 
ATOM   274  C C   . CYS A 1 34 ? 9.403   -8.661  -3.234  1.00 18.18 ? 61  CYS A C   1 
ATOM   275  O O   . CYS A 1 34 ? 10.372  -8.045  -3.664  1.00 17.54 ? 61  CYS A O   1 
ATOM   276  C CB  . CYS A 1 34 ? 9.812   -9.271  -0.890  1.00 22.81 ? 61  CYS A CB  1 
ATOM   277  S SG  . CYS A 1 34 ? 9.694   -10.486 0.418   1.00 22.46 ? 61  CYS A SG  1 
ATOM   278  N N   . LEU A 1 35 ? 8.150   -8.350  -3.541  1.00 19.47 ? 62  LEU A N   1 
ATOM   279  C CA  . LEU A 1 35 ? 7.830   -7.085  -4.196  1.00 22.31 ? 62  LEU A CA  1 
ATOM   280  C C   . LEU A 1 35 ? 7.882   -6.005  -3.118  1.00 23.76 ? 62  LEU A C   1 
ATOM   281  O O   . LEU A 1 35 ? 7.120   -6.055  -2.158  1.00 21.70 ? 62  LEU A O   1 
ATOM   282  C CB  . LEU A 1 35 ? 6.427   -7.141  -4.820  1.00 24.95 ? 62  LEU A CB  1 
ATOM   283  C CG  . LEU A 1 35 ? 5.982   -5.914  -5.621  1.00 22.76 ? 62  LEU A CG  1 
ATOM   284  C CD1 . LEU A 1 35 ? 6.928   -5.665  -6.785  1.00 22.90 ? 62  LEU A CD1 1 
ATOM   285  C CD2 . LEU A 1 35 ? 4.546   -6.077  -6.105  1.00 26.15 ? 62  LEU A CD2 1 
ATOM   286  N N   . VAL A 1 36 ? 8.798   -5.051  -3.266  1.00 19.45 ? 63  VAL A N   1 
ATOM   287  C CA  . VAL A 1 36 ? 8.982   -4.012  -2.262  1.00 18.10 ? 63  VAL A CA  1 
ATOM   288  C C   . VAL A 1 36 ? 8.639   -2.658  -2.848  1.00 26.14 ? 63  VAL A C   1 
ATOM   289  O O   . VAL A 1 36 ? 9.025   -2.346  -3.984  1.00 26.44 ? 63  VAL A O   1 
ATOM   290  C CB  . VAL A 1 36 ? 10.422  -3.970  -1.739  1.00 20.62 ? 63  VAL A CB  1 
ATOM   291  C CG1 . VAL A 1 36 ? 10.555  -2.892  -0.655  1.00 22.56 ? 63  VAL A CG1 1 
ATOM   292  C CG2 . VAL A 1 36 ? 10.808  -5.323  -1.189  1.00 22.53 ? 63  VAL A CG2 1 
ATOM   293  N N   . GLN A 1 37 ? 7.900   -1.865  -2.070  1.00 22.16 ? 64  GLN A N   1 
ATOM   294  C CA  . GLN A 1 37 ? 7.536   -0.521  -2.476  1.00 24.31 ? 64  GLN A CA  1 
ATOM   295  C C   . GLN A 1 37 ? 8.440   0.484   -1.783  1.00 27.58 ? 64  GLN A C   1 
ATOM   296  O O   . GLN A 1 37 ? 8.656   0.419   -0.576  1.00 24.14 ? 64  GLN A O   1 
ATOM   297  C CB  . GLN A 1 37 ? 6.075   -0.232  -2.135  1.00 22.32 ? 64  GLN A CB  1 
ATOM   298  C CG  . GLN A 1 37 ? 5.632   1.141   -2.561  1.00 21.04 ? 64  GLN A CG  1 
ATOM   299  C CD  . GLN A 1 37 ? 4.226   1.465   -2.095  1.00 37.14 ? 64  GLN A CD  1 
ATOM   300  O OE1 . GLN A 1 37 ? 3.925   1.431   -0.898  1.00 45.76 ? 64  GLN A OE1 1 
ATOM   301  N NE2 . GLN A 1 37 ? 3.357   1.775   -3.039  1.00 36.88 ? 64  GLN A NE2 1 
ATOM   302  N N   . PHE A 1 38 ? 8.966   1.423   -2.554  1.00 25.87 ? 65  PHE A N   1 
ATOM   303  C CA  . PHE A 1 38 ? 9.892   2.395   -2.004  1.00 22.33 ? 65  PHE A CA  1 
ATOM   304  C C   . PHE A 1 38 ? 9.246   3.759   -1.821  1.00 23.42 ? 65  PHE A C   1 
ATOM   305  O O   . PHE A 1 38 ? 8.064   3.948   -2.128  1.00 26.09 ? 65  PHE A O   1 
ATOM   306  C CB  . PHE A 1 38 ? 11.159  2.450   -2.866  1.00 18.08 ? 65  PHE A CB  1 
ATOM   307  C CG  . PHE A 1 38 ? 11.912  1.153   -2.880  1.00 20.33 ? 65  PHE A CG  1 
ATOM   308  C CD1 . PHE A 1 38 ? 12.820  0.858   -1.879  1.00 23.99 ? 65  PHE A CD1 1 
ATOM   309  C CD2 . PHE A 1 38 ? 11.659  0.198   -3.847  1.00 23.12 ? 65  PHE A CD2 1 
ATOM   310  C CE1 . PHE A 1 38 ? 13.495  -0.348  -1.866  1.00 25.29 ? 65  PHE A CE1 1 
ATOM   311  C CE2 . PHE A 1 38 ? 12.329  -1.010  -3.837  1.00 20.99 ? 65  PHE A CE2 1 
ATOM   312  C CZ  . PHE A 1 38 ? 13.252  -1.280  -2.843  1.00 26.01 ? 65  PHE A CZ  1 
ATOM   313  N N   . GLU A 1 39 ? 10.031  4.702   -1.318  1.00 24.98 ? 66  GLU A N   1 
ATOM   314  C CA  . GLU A 1 39 ? 9.524   6.007   -0.911  1.00 29.20 ? 66  GLU A CA  1 
ATOM   315  C C   . GLU A 1 39 ? 8.951   6.814   -2.078  1.00 28.03 ? 66  GLU A C   1 
ATOM   316  O O   . GLU A 1 39 ? 8.078   7.661   -1.883  1.00 31.01 ? 66  GLU A O   1 
ATOM   317  C CB  . GLU A 1 39 ? 10.638  6.799   -0.215  1.00 35.26 ? 66  GLU A CB  1 
ATOM   318  C CG  . GLU A 1 39 ? 10.158  7.726   0.883   1.00 53.11 ? 66  GLU A CG  1 
ATOM   319  C CD  . GLU A 1 39 ? 10.101  9.181   0.455   1.00 68.33 ? 66  GLU A CD  1 
ATOM   320  O OE1 . GLU A 1 39 ? 10.988  9.961   0.874   1.00 71.82 ? 66  GLU A OE1 1 
ATOM   321  O OE2 . GLU A 1 39 ? 9.166   9.551   -0.286  1.00 75.37 ? 66  GLU A OE2 1 
ATOM   322  N N   . ASP A 1 40 ? 9.447   6.556   -3.284  1.00 24.19 ? 67  ASP A N   1 
ATOM   323  C CA  . ASP A 1 40 ? 8.978   7.260   -4.479  1.00 25.73 ? 67  ASP A CA  1 
ATOM   324  C C   . ASP A 1 40 ? 7.838   6.502   -5.146  1.00 25.30 ? 67  ASP A C   1 
ATOM   325  O O   . ASP A 1 40 ? 7.463   6.796   -6.282  1.00 24.82 ? 67  ASP A O   1 
ATOM   326  C CB  . ASP A 1 40 ? 10.128  7.466   -5.472  1.00 27.71 ? 67  ASP A CB  1 
ATOM   327  C CG  . ASP A 1 40 ? 10.654  6.153   -6.040  1.00 30.80 ? 67  ASP A CG  1 
ATOM   328  O OD1 . ASP A 1 40 ? 10.406  5.082   -5.437  1.00 28.10 ? 67  ASP A OD1 1 
ATOM   329  O OD2 . ASP A 1 40 ? 11.330  6.187   -7.087  1.00 29.36 ? 67  ASP A OD2 1 
ATOM   330  N N   . ASP A 1 41 ? 7.295   5.520   -4.433  1.00 26.48 ? 68  ASP A N   1 
ATOM   331  C CA  . ASP A 1 41 ? 6.171   4.733   -4.928  1.00 23.64 ? 68  ASP A CA  1 
ATOM   332  C C   . ASP A 1 41 ? 6.576   3.672   -5.958  1.00 25.98 ? 68  ASP A C   1 
ATOM   333  O O   . ASP A 1 41 ? 5.735   2.914   -6.427  1.00 28.65 ? 68  ASP A O   1 
ATOM   334  C CB  . ASP A 1 41 ? 5.084   5.659   -5.502  1.00 27.23 ? 68  ASP A CB  1 
ATOM   335  C CG  . ASP A 1 41 ? 3.683   5.114   -5.292  1.00 45.31 ? 68  ASP A CG  1 
ATOM   336  O OD1 . ASP A 1 41 ? 3.244   5.057   -4.124  1.00 49.69 ? 68  ASP A OD1 1 
ATOM   337  O OD2 . ASP A 1 41 ? 3.015   4.763   -6.296  1.00 49.44 ? 68  ASP A OD2 1 
ATOM   338  N N   . SER A 1 42 ? 7.855   3.611   -6.318  1.00 22.20 ? 69  SER A N   1 
ATOM   339  C CA  . SER A 1 42 ? 8.304   2.538   -7.210  1.00 22.15 ? 69  SER A CA  1 
ATOM   340  C C   . SER A 1 42 ? 8.208   1.181   -6.506  1.00 22.67 ? 69  SER A C   1 
ATOM   341  O O   . SER A 1 42 ? 8.268   1.094   -5.282  1.00 20.98 ? 69  SER A O   1 
ATOM   342  C CB  . SER A 1 42 ? 9.727   2.780   -7.737  1.00 19.98 ? 69  SER A CB  1 
ATOM   343  O OG  . SER A 1 42 ? 10.684  2.743   -6.696  1.00 22.72 ? 69  SER A OG  1 
ATOM   344  N N   . GLN A 1 43 ? 8.034   0.129   -7.291  1.00 21.88 ? 70  GLN A N   1 
ATOM   345  C CA  . GLN A 1 43 ? 7.952   -1.219  -6.759  1.00 18.67 ? 70  GLN A CA  1 
ATOM   346  C C   . GLN A 1 43 ? 8.869   -2.136  -7.547  1.00 22.43 ? 70  GLN A C   1 
ATOM   347  O O   . GLN A 1 43 ? 8.820   -2.166  -8.777  1.00 19.17 ? 70  GLN A O   1 
ATOM   348  C CB  . GLN A 1 43 ? 6.511   -1.728  -6.820  1.00 29.50 ? 70  GLN A CB  1 
ATOM   349  C CG  . GLN A 1 43 ? 5.544   -0.959  -5.924  1.00 32.48 ? 70  GLN A CG  1 
ATOM   350  C CD  . GLN A 1 43 ? 4.143   -1.542  -5.960  1.00 39.23 ? 70  GLN A CD  1 
ATOM   351  O OE1 . GLN A 1 43 ? 3.926   -2.691  -5.571  1.00 34.23 ? 70  GLN A OE1 1 
ATOM   352  N NE2 . GLN A 1 43 ? 3.187   -0.756  -6.438  1.00 43.87 ? 70  GLN A NE2 1 
ATOM   353  N N   . PHE A 1 44 ? 9.723   -2.867  -6.834  1.00 17.02 ? 71  PHE A N   1 
ATOM   354  C CA  . PHE A 1 44 ? 10.662  -3.797  -7.452  1.00 19.41 ? 71  PHE A CA  1 
ATOM   355  C C   . PHE A 1 44 ? 10.747  -5.100  -6.662  1.00 23.27 ? 71  PHE A C   1 
ATOM   356  O O   . PHE A 1 44 ? 10.533  -5.123  -5.447  1.00 23.31 ? 71  PHE A O   1 
ATOM   357  C CB  . PHE A 1 44 ? 12.072  -3.198  -7.539  1.00 19.04 ? 71  PHE A CB  1 
ATOM   358  C CG  . PHE A 1 44 ? 12.184  -1.993  -8.438  1.00 19.21 ? 71  PHE A CG  1 
ATOM   359  C CD1 . PHE A 1 44 ? 12.400  -2.141  -9.800  1.00 22.13 ? 71  PHE A CD1 1 
ATOM   360  C CD2 . PHE A 1 44 ? 12.094  -0.714  -7.916  1.00 17.30 ? 71  PHE A CD2 1 
ATOM   361  C CE1 . PHE A 1 44 ? 12.517  -1.033  -10.623 1.00 26.81 ? 71  PHE A CE1 1 
ATOM   362  C CE2 . PHE A 1 44 ? 12.221  0.399   -8.728  1.00 21.71 ? 71  PHE A CE2 1 
ATOM   363  C CZ  . PHE A 1 44 ? 12.426  0.244   -10.084 1.00 23.33 ? 71  PHE A CZ  1 
ATOM   364  N N   . LEU A 1 45 ? 11.069  -6.180  -7.364  1.00 19.33 ? 72  LEU A N   1 
ATOM   365  C CA  . LEU A 1 45 ? 11.380  -7.449  -6.730  1.00 17.83 ? 72  LEU A CA  1 
ATOM   366  C C   . LEU A 1 45 ? 12.794  -7.405  -6.150  1.00 25.62 ? 72  LEU A C   1 
ATOM   367  O O   . LEU A 1 45 ? 13.751  -6.970  -6.804  1.00 19.19 ? 72  LEU A O   1 
ATOM   368  C CB  . LEU A 1 45 ? 11.270  -8.606  -7.712  1.00 21.59 ? 72  LEU A CB  1 
ATOM   369  C CG  . LEU A 1 45 ? 9.896   -8.838  -8.346  1.00 20.68 ? 72  LEU A CG  1 
ATOM   370  C CD1 . LEU A 1 45 ? 9.996   -9.906  -9.422  1.00 23.15 ? 72  LEU A CD1 1 
ATOM   371  C CD2 . LEU A 1 45 ? 8.857   -9.233  -7.278  1.00 16.69 ? 72  LEU A CD2 1 
ATOM   372  N N   . VAL A 1 46 ? 12.916  -7.861  -4.910  1.00 15.62 ? 73  VAL A N   1 
ATOM   373  C CA  . VAL A 1 46 ? 14.198  -7.848  -4.208  1.00 16.73 ? 73  VAL A CA  1 
ATOM   374  C C   . VAL A 1 46 ? 14.428  -9.231  -3.606  1.00 17.29 ? 73  VAL A C   1 
ATOM   375  O O   . VAL A 1 46 ? 13.508  -9.815  -3.020  1.00 20.32 ? 73  VAL A O   1 
ATOM   376  C CB  . VAL A 1 46 ? 14.203  -6.776  -3.085  1.00 22.46 ? 73  VAL A CB  1 
ATOM   377  C CG1 . VAL A 1 46 ? 15.555  -6.735  -2.366  1.00 17.31 ? 73  VAL A CG1 1 
ATOM   378  C CG2 . VAL A 1 46 ? 13.860  -5.411  -3.661  1.00 25.19 ? 73  VAL A CG2 1 
ATOM   379  N N   . LEU A 1 47 ? 15.642  -9.755  -3.750  1.00 16.28 ? 74  LEU A N   1 
ATOM   380  C CA  . LEU A 1 47 ? 15.966  -11.069 -3.222  1.00 13.77 ? 74  LEU A CA  1 
ATOM   381  C C   . LEU A 1 47 ? 15.818  -11.044 -1.702  1.00 19.58 ? 74  LEU A C   1 
ATOM   382  O O   . LEU A 1 47 ? 16.177  -10.060 -1.065  1.00 24.47 ? 74  LEU A O   1 
ATOM   383  C CB  . LEU A 1 47 ? 17.395  -11.457 -3.590  1.00 17.44 ? 74  LEU A CB  1 
ATOM   384  C CG  . LEU A 1 47 ? 17.680  -11.608 -5.090  1.00 26.60 ? 74  LEU A CG  1 
ATOM   385  C CD1 . LEU A 1 47 ? 19.165  -11.766 -5.355  1.00 28.16 ? 74  LEU A CD1 1 
ATOM   386  C CD2 . LEU A 1 47 ? 16.923  -12.793 -5.649  1.00 31.19 ? 74  LEU A CD2 1 
ATOM   387  N N   . TRP A 1 48 ? 15.275  -12.119 -1.134  1.00 19.12 ? 75  TRP A N   1 
ATOM   388  C CA  . TRP A 1 48 ? 15.248  -12.287 0.317   1.00 19.55 ? 75  TRP A CA  1 
ATOM   389  C C   . TRP A 1 48 ? 16.602  -11.960 0.944   1.00 18.37 ? 75  TRP A C   1 
ATOM   390  O O   . TRP A 1 48 ? 16.665  -11.320 2.001   1.00 19.92 ? 75  TRP A O   1 
ATOM   391  C CB  . TRP A 1 48 ? 14.848  -13.726 0.682   1.00 18.33 ? 75  TRP A CB  1 
ATOM   392  C CG  . TRP A 1 48 ? 13.403  -14.046 0.426   1.00 25.46 ? 75  TRP A CG  1 
ATOM   393  C CD1 . TRP A 1 48 ? 12.447  -13.208 -0.082  1.00 27.44 ? 75  TRP A CD1 1 
ATOM   394  C CD2 . TRP A 1 48 ? 12.743  -15.291 0.688   1.00 28.46 ? 75  TRP A CD2 1 
ATOM   395  N NE1 . TRP A 1 48 ? 11.235  -13.861 -0.155  1.00 26.77 ? 75  TRP A NE1 1 
ATOM   396  C CE2 . TRP A 1 48 ? 11.392  -15.139 0.310   1.00 27.93 ? 75  TRP A CE2 1 
ATOM   397  C CE3 . TRP A 1 48 ? 13.164  -16.524 1.199   1.00 36.89 ? 75  TRP A CE3 1 
ATOM   398  C CZ2 . TRP A 1 48 ? 10.461  -16.174 0.428   1.00 29.11 ? 75  TRP A CZ2 1 
ATOM   399  C CZ3 . TRP A 1 48 ? 12.231  -17.553 1.310   1.00 31.91 ? 75  TRP A CZ3 1 
ATOM   400  C CH2 . TRP A 1 48 ? 10.900  -17.365 0.927   1.00 27.89 ? 75  TRP A CH2 1 
ATOM   401  N N   . LYS A 1 49 ? 17.676  -12.425 0.306   1.00 24.10 ? 76  LYS A N   1 
ATOM   402  C CA  . LYS A 1 49 ? 19.052  -12.154 0.756   1.00 26.28 ? 76  LYS A CA  1 
ATOM   403  C C   . LYS A 1 49 ? 19.299  -10.680 1.037   1.00 22.21 ? 76  LYS A C   1 
ATOM   404  O O   . LYS A 1 49 ? 20.104  -10.332 1.900   1.00 19.96 ? 76  LYS A O   1 
ATOM   405  C CB  . LYS A 1 49 ? 20.070  -12.568 -0.314  1.00 24.79 ? 76  LYS A CB  1 
ATOM   406  C CG  . LYS A 1 49 ? 20.009  -14.011 -0.765  1.00 49.74 ? 76  LYS A CG  1 
ATOM   407  C CD  . LYS A 1 49 ? 21.042  -14.275 -1.864  1.00 55.54 ? 76  LYS A CD  1 
ATOM   408  C CE  . LYS A 1 49 ? 21.089  -15.759 -2.247  1.00 58.61 ? 76  LYS A CE  1 
ATOM   409  N NZ  . LYS A 1 49 ? 22.182  -16.057 -3.228  1.00 55.66 ? 76  LYS A NZ  1 
ATOM   410  N N   . ASP A 1 50 ? 18.637  -9.815  0.273   1.00 17.09 ? 77  ASP A N   1 
ATOM   411  C CA  . ASP A 1 50 ? 18.914  -8.386  0.311   1.00 20.17 ? 77  ASP A CA  1 
ATOM   412  C C   . ASP A 1 50 ? 17.900  -7.620  1.140   1.00 20.39 ? 77  ASP A C   1 
ATOM   413  O O   . ASP A 1 50 ? 17.853  -6.401  1.090   1.00 24.82 ? 77  ASP A O   1 
ATOM   414  C CB  . ASP A 1 50 ? 18.956  -7.817  -1.115  1.00 17.89 ? 77  ASP A CB  1 
ATOM   415  C CG  . ASP A 1 50 ? 20.177  -8.281  -1.880  1.00 23.69 ? 77  ASP A CG  1 
ATOM   416  O OD1 . ASP A 1 50 ? 20.059  -8.511  -3.099  1.00 20.47 ? 77  ASP A OD1 1 
ATOM   417  O OD2 . ASP A 1 50 ? 21.252  -8.434  -1.250  1.00 21.63 ? 77  ASP A OD2 1 
ATOM   418  N N   . ILE A 1 51 ? 17.101  -8.335  1.921   1.00 18.96 ? 78  ILE A N   1 
ATOM   419  C CA  . ILE A 1 51 ? 16.055  -7.673  2.693   1.00 13.94 ? 78  ILE A CA  1 
ATOM   420  C C   . ILE A 1 51 ? 16.251  -7.931  4.182   1.00 17.46 ? 78  ILE A C   1 
ATOM   421  O O   . ILE A 1 51 ? 16.532  -9.058  4.585   1.00 19.03 ? 78  ILE A O   1 
ATOM   422  C CB  . ILE A 1 51 ? 14.651  -8.147  2.286   1.00 19.39 ? 78  ILE A CB  1 
ATOM   423  C CG1 . ILE A 1 51 ? 14.410  -7.860  0.791   1.00 19.58 ? 78  ILE A CG1 1 
ATOM   424  C CG2 . ILE A 1 51 ? 13.594  -7.473  3.177   1.00 17.29 ? 78  ILE A CG2 1 
ATOM   425  C CD1 . ILE A 1 51 ? 13.245  -8.667  0.164   1.00 18.02 ? 78  ILE A CD1 1 
ATOM   426  N N   . SER A 1 52 ? 16.117  -6.876  4.978   1.00 17.17 ? 79  SER A N   1 
ATOM   427  C CA  . SER A 1 52 ? 16.111  -7.012  6.432   1.00 19.16 ? 79  SER A CA  1 
ATOM   428  C C   . SER A 1 52 ? 15.065  -6.098  7.078   1.00 20.70 ? 79  SER A C   1 
ATOM   429  O O   . SER A 1 52 ? 14.750  -5.034  6.555   1.00 21.86 ? 79  SER A O   1 
ATOM   430  C CB  . SER A 1 52 ? 17.495  -6.713  6.985   1.00 20.43 ? 79  SER A CB  1 
ATOM   431  O OG  . SER A 1 52 ? 17.958  -5.477  6.491   1.00 27.06 ? 79  SER A OG  1 
ATOM   432  N N   . PRO A 1 53 ? 14.510  -6.515  8.229   1.00 23.00 ? 80  PRO A N   1 
ATOM   433  C CA  . PRO A 1 53 ? 13.500  -5.676  8.888   1.00 25.11 ? 80  PRO A CA  1 
ATOM   434  C C   . PRO A 1 53 ? 14.069  -4.312  9.260   1.00 23.56 ? 80  PRO A C   1 
ATOM   435  O O   . PRO A 1 53 ? 15.238  -4.219  9.634   1.00 30.95 ? 80  PRO A O   1 
ATOM   436  C CB  . PRO A 1 53 ? 13.169  -6.459  10.169  1.00 34.41 ? 80  PRO A CB  1 
ATOM   437  C CG  . PRO A 1 53 ? 13.544  -7.873  9.858   1.00 40.61 ? 80  PRO A CG  1 
ATOM   438  C CD  . PRO A 1 53 ? 14.737  -7.786  8.934   1.00 30.07 ? 80  PRO A CD  1 
ATOM   439  N N   . ALA A 1 54 ? 13.266  -3.259  9.166   1.00 22.74 ? 81  ALA A N   1 
ATOM   440  C CA  . ALA A 1 54 ? 13.726  -1.954  9.629   1.00 25.89 ? 81  ALA A CA  1 
ATOM   441  C C   . ALA A 1 54 ? 13.561  -1.862  11.136  1.00 32.00 ? 81  ALA A C   1 
ATOM   442  O O   . ALA A 1 54 ? 14.265  -1.098  11.787  1.00 38.98 ? 81  ALA A O   1 
ATOM   443  C CB  . ALA A 1 54 ? 12.971  -0.821  8.943   1.00 27.91 ? 81  ALA A CB  1 
ATOM   444  N N   . ALA A 1 55 ? 12.633  -2.654  11.680  1.00 29.66 ? 82  ALA A N   1 
ATOM   445  C CA  . ALA A 1 55 ? 12.307  -2.614  13.112  1.00 37.20 ? 82  ALA A CA  1 
ATOM   446  C C   . ALA A 1 55 ? 13.493  -2.961  13.993  1.00 38.97 ? 82  ALA A C   1 
ATOM   447  O O   . ALA A 1 55 ? 14.338  -3.773  13.622  1.00 28.87 ? 82  ALA A O   1 
ATOM   448  C CB  . ALA A 1 55 ? 11.142  -3.552  13.426  1.00 43.71 ? 82  ALA A CB  1 
ATOM   449  N N   . LEU A 1 56 ? 13.529  -2.340  15.171  1.00 46.78 ? 83  LEU A N   1 
ATOM   450  C CA  . LEU A 1 56 ? 14.542  -2.620  16.180  1.00 54.20 ? 83  LEU A CA  1 
ATOM   451  C C   . LEU A 1 56 ? 14.641  -4.120  16.444  1.00 59.00 ? 83  LEU A C   1 
ATOM   452  O O   . LEU A 1 56 ? 13.623  -4.795  16.601  1.00 42.05 ? 83  LEU A O   1 
ATOM   453  C CB  . LEU A 1 56 ? 14.221  -1.878  17.486  1.00 54.11 ? 83  LEU A CB  1 
ATOM   454  C CG  . LEU A 1 56 ? 14.834  -0.490  17.710  1.00 51.32 ? 83  LEU A CG  1 
ATOM   455  C CD1 . LEU A 1 56 ? 16.343  -0.595  17.871  1.00 57.12 ? 83  LEU A CD1 1 
ATOM   456  C CD2 . LEU A 1 56 ? 14.481  0.470   16.592  1.00 47.08 ? 83  LEU A CD2 1 
ATOM   457  N N   . PRO A 1 57 ? 15.877  -4.640  16.504  1.00 75.08 ? 84  PRO A N   1 
ATOM   458  C CA  . PRO A 1 57 ? 16.151  -6.065  16.706  1.00 80.35 ? 84  PRO A CA  1 
ATOM   459  C C   . PRO A 1 57 ? 15.089  -6.742  17.571  1.00 76.72 ? 84  PRO A C   1 
ATOM   460  O O   . PRO A 1 57 ? 14.669  -7.858  17.261  1.00 77.15 ? 84  PRO A O   1 
ATOM   461  C CB  . PRO A 1 57 ? 17.498  -6.044  17.415  1.00 83.09 ? 84  PRO A CB  1 
ATOM   462  C CG  . PRO A 1 57 ? 18.185  -4.857  16.804  1.00 82.43 ? 84  PRO A CG  1 
ATOM   463  C CD  . PRO A 1 57 ? 17.115  -3.839  16.504  1.00 77.34 ? 84  PRO A CD  1 
ATOM   464  N N   . GLY A 1 58 ? 14.664  -6.069  18.636  1.00 69.23 ? 85  GLY A N   1 
ATOM   465  C CA  . GLY A 1 58 ? 13.550  -6.535  19.437  1.00 63.78 ? 85  GLY A CA  1 
ATOM   466  C C   . GLY A 1 58 ? 12.223  -6.144  18.814  1.00 60.66 ? 85  GLY A C   1 
ATOM   467  O O   . GLY A 1 58 ? 11.202  -6.075  19.496  1.00 61.13 ? 85  GLY A O   1 
ATOM   468  N N   . ARG B 1 1  ? -1.958  18.166  1.940   1.00 39.33 ? 28  ARG B N   1 
ATOM   469  C CA  . ARG B 1 1  ? -3.112  19.048  1.861   1.00 29.53 ? 28  ARG B CA  1 
ATOM   470  C C   . ARG B 1 1  ? -4.403  18.321  1.414   1.00 22.55 ? 28  ARG B C   1 
ATOM   471  O O   . ARG B 1 1  ? -5.411  18.423  2.101   1.00 32.06 ? 28  ARG B O   1 
ATOM   472  C CB  . ARG B 1 1  ? -2.811  20.264  0.993   1.00 36.82 ? 28  ARG B CB  1 
ATOM   473  C CG  . ARG B 1 1  ? -3.913  21.282  0.912   1.00 33.82 ? 28  ARG B CG  1 
ATOM   474  C CD  . ARG B 1 1  ? -3.589  22.519  1.747   1.00 48.31 ? 28  ARG B CD  1 
ATOM   475  N NE  . ARG B 1 1  ? -3.785  23.748  0.978   1.00 61.68 ? 28  ARG B NE  1 
ATOM   476  C CZ  . ARG B 1 1  ? -2.803  24.554  0.583   1.00 74.90 ? 28  ARG B CZ  1 
ATOM   477  N NH1 . ARG B 1 1  ? -1.546  24.271  0.890   1.00 77.64 ? 28  ARG B NH1 1 
ATOM   478  N NH2 . ARG B 1 1  ? -3.081  25.651  -0.110  1.00 77.89 ? 28  ARG B NH2 1 
ATOM   479  N N   . PRO B 1 2  ? -4.379  17.583  0.289   1.00 25.69 ? 29  PRO B N   1 
ATOM   480  C CA  . PRO B 1 2  ? -5.611  16.856  -0.050  1.00 18.16 ? 29  PRO B CA  1 
ATOM   481  C C   . PRO B 1 2  ? -5.944  15.794  1.006   1.00 22.43 ? 29  PRO B C   1 
ATOM   482  O O   . PRO B 1 2  ? -5.024  15.187  1.547   1.00 23.74 ? 29  PRO B O   1 
ATOM   483  C CB  . PRO B 1 2  ? -5.261  16.151  -1.362  1.00 27.39 ? 29  PRO B CB  1 
ATOM   484  C CG  . PRO B 1 2  ? -3.996  16.771  -1.845  1.00 25.89 ? 29  PRO B CG  1 
ATOM   485  C CD  . PRO B 1 2  ? -3.277  17.256  -0.634  1.00 33.67 ? 29  PRO B CD  1 
ATOM   486  N N   . ARG B 1 3  ? -7.228  15.565  1.283   1.00 20.52 ? 30  ARG B N   1 
ATOM   487  C CA  . ARG B 1 3  ? -7.624  14.545  2.250   1.00 20.64 ? 30  ARG B CA  1 
ATOM   488  C C   . ARG B 1 3  ? -7.590  13.163  1.595   1.00 20.36 ? 30  ARG B C   1 
ATOM   489  O O   . ARG B 1 3  ? -7.282  12.170  2.254   1.00 14.37 ? 30  ARG B O   1 
ATOM   490  C CB  . ARG B 1 3  ? -9.023  14.832  2.813   1.00 23.53 ? 30  ARG B CB  1 
ATOM   491  C CG  . ARG B 1 3  ? -9.517  13.779  3.824   1.00 29.56 ? 30  ARG B CG  1 
ATOM   492  C CD  . ARG B 1 3  ? -10.863 14.135  4.483   1.00 31.60 ? 30  ARG B CD  1 
ATOM   493  N NE  . ARG B 1 3  ? -12.025 13.760  3.671   1.00 33.16 ? 30  ARG B NE  1 
ATOM   494  C CZ  . ARG B 1 3  ? -12.563 12.541  3.644   1.00 34.61 ? 30  ARG B CZ  1 
ATOM   495  N NH1 . ARG B 1 3  ? -12.032 11.564  4.369   1.00 33.17 ? 30  ARG B NH1 1 
ATOM   496  N NH2 . ARG B 1 3  ? -13.634 12.295  2.891   1.00 31.22 ? 30  ARG B NH2 1 
ATOM   497  N N   . LEU B 1 4  ? -7.892  13.128  0.295   1.00 22.69 ? 31  LEU B N   1 
ATOM   498  C CA  . LEU B 1 4  ? -7.987  11.900  -0.491  1.00 16.95 ? 31  LEU B CA  1 
ATOM   499  C C   . LEU B 1 4  ? -7.110  12.001  -1.718  1.00 16.12 ? 31  LEU B C   1 
ATOM   500  O O   . LEU B 1 4  ? -6.958  13.078  -2.264  1.00 23.66 ? 31  LEU B O   1 
ATOM   501  C CB  . LEU B 1 4  ? -9.435  11.688  -0.954  1.00 16.19 ? 31  LEU B CB  1 
ATOM   502  C CG  . LEU B 1 4  ? -10.483 11.626  0.159   1.00 16.87 ? 31  LEU B CG  1 
ATOM   503  C CD1 . LEU B 1 4  ? -11.886 11.722  -0.414  1.00 23.17 ? 31  LEU B CD1 1 
ATOM   504  C CD2 . LEU B 1 4  ? -10.307 10.363  0.982   1.00 21.66 ? 31  LEU B CD2 1 
ATOM   505  N N   . TRP B 1 5  ? -6.556  10.877  -2.160  1.00 18.02 ? 32  TRP B N   1 
ATOM   506  C CA  . TRP B 1 5  ? -5.634  10.869  -3.291  1.00 19.88 ? 32  TRP B CA  1 
ATOM   507  C C   . TRP B 1 5  ? -5.518  9.496   -3.941  1.00 16.78 ? 32  TRP B C   1 
ATOM   508  O O   . TRP B 1 5  ? -5.688  8.471   -3.283  1.00 20.27 ? 32  TRP B O   1 
ATOM   509  C CB  . TRP B 1 5  ? -4.240  11.359  -2.855  1.00 17.67 ? 32  TRP B CB  1 
ATOM   510  C CG  . TRP B 1 5  ? -3.589  10.532  -1.769  1.00 17.08 ? 32  TRP B CG  1 
ATOM   511  C CD1 . TRP B 1 5  ? -2.936  9.342   -1.915  1.00 19.49 ? 32  TRP B CD1 1 
ATOM   512  C CD2 . TRP B 1 5  ? -3.520  10.854  -0.378  1.00 14.81 ? 32  TRP B CD2 1 
ATOM   513  N NE1 . TRP B 1 5  ? -2.469  8.902   -0.704  1.00 17.23 ? 32  TRP B NE1 1 
ATOM   514  C CE2 . TRP B 1 5  ? -2.822  9.814   0.259   1.00 19.88 ? 32  TRP B CE2 1 
ATOM   515  C CE3 . TRP B 1 5  ? -3.991  11.924  0.390   1.00 18.25 ? 32  TRP B CE3 1 
ATOM   516  C CZ2 . TRP B 1 5  ? -2.571  9.814   1.628   1.00 21.80 ? 32  TRP B CZ2 1 
ATOM   517  C CZ3 . TRP B 1 5  ? -3.742  11.921  1.757   1.00 16.84 ? 32  TRP B CZ3 1 
ATOM   518  C CH2 . TRP B 1 5  ? -3.043  10.875  2.357   1.00 23.39 ? 32  TRP B CH2 1 
ATOM   519  N N   . GLU B 1 6  ? -5.214  9.481   -5.238  1.00 23.10 ? 33  GLU B N   1 
ATOM   520  C CA  . GLU B 1 6  ? -4.986  8.231   -5.968  1.00 17.49 ? 33  GLU B CA  1 
ATOM   521  C C   . GLU B 1 6  ? -3.983  7.325   -5.251  1.00 22.94 ? 33  GLU B C   1 
ATOM   522  O O   . GLU B 1 6  ? -2.939  7.783   -4.795  1.00 24.36 ? 33  GLU B O   1 
ATOM   523  C CB  . GLU B 1 6  ? -4.479  8.525   -7.383  1.00 16.72 ? 33  GLU B CB  1 
ATOM   524  C CG  . GLU B 1 6  ? -5.455  9.318   -8.209  1.00 20.01 ? 33  GLU B CG  1 
ATOM   525  C CD  . GLU B 1 6  ? -5.121  9.294   -9.686  1.00 29.36 ? 33  GLU B CD  1 
ATOM   526  O OE1 . GLU B 1 6  ? -4.142  8.624   -10.072 1.00 31.40 ? 33  GLU B OE1 1 
ATOM   527  O OE2 . GLU B 1 6  ? -5.848  9.944   -10.459 1.00 33.34 ? 33  GLU B OE2 1 
ATOM   528  N N   . GLY B 1 7  ? -4.309  6.045   -5.148  1.00 19.66 ? 34  GLY B N   1 
ATOM   529  C CA  . GLY B 1 7  ? -3.439  5.076   -4.505  1.00 23.12 ? 34  GLY B CA  1 
ATOM   530  C C   . GLY B 1 7  ? -3.643  4.933   -3.006  1.00 20.30 ? 34  GLY B C   1 
ATOM   531  O O   . GLY B 1 7  ? -3.093  4.043   -2.372  1.00 22.34 ? 34  GLY B O   1 
ATOM   532  N N   . GLN B 1 8  ? -4.444  5.812   -2.432  1.00 19.11 ? 35  GLN B N   1 
ATOM   533  C CA  . GLN B 1 8  ? -4.669  5.796   -0.997  1.00 19.84 ? 35  GLN B CA  1 
ATOM   534  C C   . GLN B 1 8  ? -5.582  4.643   -0.569  1.00 26.18 ? 35  GLN B C   1 
ATOM   535  O O   . GLN B 1 8  ? -6.635  4.427   -1.161  1.00 19.68 ? 35  GLN B O   1 
ATOM   536  C CB  . GLN B 1 8  ? -5.272  7.134   -0.574  1.00 19.09 ? 35  GLN B CB  1 
ATOM   537  C CG  . GLN B 1 8  ? -5.527  7.309   0.910   1.00 16.77 ? 35  GLN B CG  1 
ATOM   538  C CD  . GLN B 1 8  ? -6.295  8.574   1.195   1.00 21.89 ? 35  GLN B CD  1 
ATOM   539  O OE1 . GLN B 1 8  ? -6.971  9.111   0.309   1.00 18.65 ? 35  GLN B OE1 1 
ATOM   540  N NE2 . GLN B 1 8  ? -6.181  9.082   2.425   1.00 24.08 ? 35  GLN B NE2 1 
ATOM   541  N N   . ASP B 1 9  ? -5.182  3.921   0.476   1.00 23.17 ? 36  ASP B N   1 
ATOM   542  C CA  . ASP B 1 9  ? -6.056  2.918   1.082   1.00 27.79 ? 36  ASP B CA  1 
ATOM   543  C C   . ASP B 1 9  ? -7.128  3.592   1.925   1.00 25.77 ? 36  ASP B C   1 
ATOM   544  O O   . ASP B 1 9  ? -6.835  4.458   2.765   1.00 25.06 ? 36  ASP B O   1 
ATOM   545  C CB  . ASP B 1 9  ? -5.266  1.925   1.938   1.00 25.06 ? 36  ASP B CB  1 
ATOM   546  C CG  . ASP B 1 9  ? -4.345  1.063   1.116   1.00 36.40 ? 36  ASP B CG  1 
ATOM   547  O OD1 . ASP B 1 9  ? -3.307  0.631   1.653   1.00 40.16 ? 36  ASP B OD1 1 
ATOM   548  O OD2 . ASP B 1 9  ? -4.655  0.819   -0.069  1.00 44.16 ? 36  ASP B OD2 1 
ATOM   549  N N   . VAL B 1 10 ? -8.373  3.194   1.699   1.00 20.93 ? 37  VAL B N   1 
ATOM   550  C CA  . VAL B 1 10 ? -9.503  3.840   2.350   1.00 18.17 ? 37  VAL B CA  1 
ATOM   551  C C   . VAL B 1 10 ? -10.523 2.821   2.808   1.00 19.60 ? 37  VAL B C   1 
ATOM   552  O O   . VAL B 1 10 ? -10.517 1.672   2.357   1.00 22.67 ? 37  VAL B O   1 
ATOM   553  C CB  . VAL B 1 10 ? -10.228 4.812   1.394   1.00 20.64 ? 37  VAL B CB  1 
ATOM   554  C CG1 . VAL B 1 10 ? -9.324  5.977   1.027   1.00 17.16 ? 37  VAL B CG1 1 
ATOM   555  C CG2 . VAL B 1 10 ? -10.710 4.067   0.130   1.00 20.76 ? 37  VAL B CG2 1 
ATOM   556  N N   . LEU B 1 11 ? -11.379 3.250   3.730   1.00 19.26 ? 38  LEU B N   1 
ATOM   557  C CA  . LEU B 1 11 ? -12.587 2.516   4.048   1.00 19.19 ? 38  LEU B CA  1 
ATOM   558  C C   . LEU B 1 11 ? -13.723 3.228   3.324   1.00 20.28 ? 38  LEU B C   1 
ATOM   559  O O   . LEU B 1 11 ? -13.832 4.444   3.394   1.00 21.85 ? 38  LEU B O   1 
ATOM   560  C CB  . LEU B 1 11 ? -12.813 2.500   5.561   1.00 24.80 ? 38  LEU B CB  1 
ATOM   561  C CG  . LEU B 1 11 ? -11.762 1.709   6.345   1.00 27.10 ? 38  LEU B CG  1 
ATOM   562  C CD1 . LEU B 1 11 ? -11.961 1.857   7.843   1.00 27.89 ? 38  LEU B CD1 1 
ATOM   563  C CD2 . LEU B 1 11 ? -11.803 0.237   5.959   1.00 28.32 ? 38  LEU B CD2 1 
ATOM   564  N N   . ALA B 1 12 ? -14.550 2.470   2.603   1.00 17.62 ? 39  ALA B N   1 
ATOM   565  C CA  . ALA B 1 12 ? -15.687 3.039   1.913   1.00 16.53 ? 39  ALA B CA  1 
ATOM   566  C C   . ALA B 1 12 ? -16.985 2.415   2.427   1.00 16.36 ? 39  ALA B C   1 
ATOM   567  O O   . ALA B 1 12 ? -17.077 1.205   2.584   1.00 17.86 ? 39  ALA B O   1 
ATOM   568  C CB  . ALA B 1 12 ? -15.545 2.853   0.365   1.00 18.54 ? 39  ALA B CB  1 
ATOM   569  N N   . ARG B 1 13 ? -17.972 3.249   2.705   1.00 14.17 ? 40  ARG B N   1 
ATOM   570  C CA  . ARG B 1 13 ? -19.251 2.754   3.180   1.00 15.19 ? 40  ARG B CA  1 
ATOM   571  C C   . ARG B 1 13 ? -20.093 2.367   1.975   1.00 21.19 ? 40  ARG B C   1 
ATOM   572  O O   . ARG B 1 13 ? -20.280 3.155   1.048   1.00 18.94 ? 40  ARG B O   1 
ATOM   573  C CB  . ARG B 1 13 ? -19.964 3.788   4.062   1.00 17.82 ? 40  ARG B CB  1 
ATOM   574  C CG  . ARG B 1 13 ? -21.153 3.189   4.867   1.00 15.87 ? 40  ARG B CG  1 
ATOM   575  C CD  . ARG B 1 13 ? -21.730 4.171   5.873   1.00 22.42 ? 40  ARG B CD  1 
ATOM   576  N NE  . ARG B 1 13 ? -20.703 4.702   6.772   1.00 19.13 ? 40  ARG B NE  1 
ATOM   577  C CZ  . ARG B 1 13 ? -20.279 4.082   7.872   1.00 26.14 ? 40  ARG B CZ  1 
ATOM   578  N NH1 . ARG B 1 13 ? -20.797 2.910   8.215   1.00 24.31 ? 40  ARG B NH1 1 
ATOM   579  N NH2 . ARG B 1 13 ? -19.324 4.633   8.624   1.00 21.35 ? 40  ARG B NH2 1 
ATOM   580  N N   . TRP B 1 14 ? -20.597 1.139   2.006   1.00 18.55 ? 41  TRP B N   1 
ATOM   581  C CA  . TRP B 1 14 ? -21.311 0.563   0.875   1.00 21.37 ? 41  TRP B CA  1 
ATOM   582  C C   . TRP B 1 14 ? -22.808 0.719   1.088   1.00 21.15 ? 41  TRP B C   1 
ATOM   583  O O   . TRP B 1 14 ? -23.245 1.259   2.098   1.00 17.23 ? 41  TRP B O   1 
ATOM   584  C CB  . TRP B 1 14 ? -20.937 -0.916  0.764   1.00 20.22 ? 41  TRP B CB  1 
ATOM   585  C CG  . TRP B 1 14 ? -21.468 -1.649  -0.431  1.00 20.70 ? 41  TRP B CG  1 
ATOM   586  C CD1 . TRP B 1 14 ? -22.243 -2.769  -0.423  1.00 23.82 ? 41  TRP B CD1 1 
ATOM   587  C CD2 . TRP B 1 14 ? -21.251 -1.317  -1.801  1.00 20.03 ? 41  TRP B CD2 1 
ATOM   588  N NE1 . TRP B 1 14 ? -22.526 -3.161  -1.716  1.00 21.31 ? 41  TRP B NE1 1 
ATOM   589  C CE2 . TRP B 1 14 ? -21.924 -2.287  -2.579  1.00 22.99 ? 41  TRP B CE2 1 
ATOM   590  C CE3 . TRP B 1 14 ? -20.555 -0.293  -2.453  1.00 22.56 ? 41  TRP B CE3 1 
ATOM   591  C CZ2 . TRP B 1 14 ? -21.918 -2.259  -3.974  1.00 24.70 ? 41  TRP B CZ2 1 
ATOM   592  C CZ3 . TRP B 1 14 ? -20.547 -0.270  -3.835  1.00 24.19 ? 41  TRP B CZ3 1 
ATOM   593  C CH2 . TRP B 1 14 ? -21.225 -1.249  -4.579  1.00 27.25 ? 41  TRP B CH2 1 
ATOM   594  N N   . THR B 1 15 ? -23.591 0.224   0.137   1.00 20.15 ? 42  THR B N   1 
ATOM   595  C CA  . THR B 1 15 ? -25.032 0.402   0.169   1.00 17.48 ? 42  THR B CA  1 
ATOM   596  C C   . THR B 1 15 ? -25.689 -0.409  1.287   1.00 22.70 ? 42  THR B C   1 
ATOM   597  O O   . THR B 1 15 ? -26.860 -0.187  1.619   1.00 23.88 ? 42  THR B O   1 
ATOM   598  C CB  . THR B 1 15 ? -25.628 0.003   -1.182  1.00 20.23 ? 42  THR B CB  1 
ATOM   599  O OG1 . THR B 1 15 ? -25.265 -1.354  -1.460  1.00 24.32 ? 42  THR B OG1 1 
ATOM   600  C CG2 . THR B 1 15 ? -25.032 0.885   -2.269  1.00 24.80 ? 42  THR B CG2 1 
ATOM   601  N N   . ASP B 1 16 ? -24.941 -1.360  1.847   1.00 19.97 ? 43  ASP B N   1 
ATOM   602  C CA  . ASP B 1 16 ? -25.408 -2.097  3.020   1.00 18.96 ? 43  ASP B CA  1 
ATOM   603  C C   . ASP B 1 16 ? -25.089 -1.378  4.341   1.00 24.51 ? 43  ASP B C   1 
ATOM   604  O O   . ASP B 1 16 ? -25.423 -1.869  5.424   1.00 24.62 ? 43  ASP B O   1 
ATOM   605  C CB  . ASP B 1 16 ? -24.878 -3.537  3.037   1.00 19.25 ? 43  ASP B CB  1 
ATOM   606  C CG  . ASP B 1 16 ? -23.368 -3.614  3.054   1.00 20.90 ? 43  ASP B CG  1 
ATOM   607  O OD1 . ASP B 1 16 ? -22.694 -2.553  3.072   1.00 19.08 ? 43  ASP B OD1 1 
ATOM   608  O OD2 . ASP B 1 16 ? -22.851 -4.750  3.048   1.00 22.69 ? 43  ASP B OD2 1 
ATOM   609  N N   . GLY B 1 17 ? -24.483 -0.202  4.245   1.00 20.19 ? 44  GLY B N   1 
ATOM   610  C CA  . GLY B 1 17 ? -24.143 0.574   5.430   1.00 17.68 ? 44  GLY B CA  1 
ATOM   611  C C   . GLY B 1 17 ? -22.867 0.138   6.124   1.00 19.15 ? 44  GLY B C   1 
ATOM   612  O O   . GLY B 1 17 ? -22.530 0.650   7.190   1.00 24.85 ? 44  GLY B O   1 
ATOM   613  N N   . LEU B 1 18 ? -22.160 -0.818  5.536   1.00 18.08 ? 45  LEU B N   1 
ATOM   614  C CA  . LEU B 1 18 ? -20.952 -1.354  6.142   1.00 18.98 ? 45  LEU B CA  1 
ATOM   615  C C   . LEU B 1 18 ? -19.740 -0.806  5.429   1.00 19.91 ? 45  LEU B C   1 
ATOM   616  O O   . LEU B 1 18 ? -19.814 -0.425  4.263   1.00 18.91 ? 45  LEU B O   1 
ATOM   617  C CB  . LEU B 1 18 ? -20.931 -2.875  6.071   1.00 20.15 ? 45  LEU B CB  1 
ATOM   618  C CG  . LEU B 1 18 ? -22.106 -3.576  6.753   1.00 19.50 ? 45  LEU B CG  1 
ATOM   619  C CD1 . LEU B 1 18 ? -21.893 -5.073  6.699   1.00 28.88 ? 45  LEU B CD1 1 
ATOM   620  C CD2 . LEU B 1 18 ? -22.248 -3.102  8.192   1.00 18.30 ? 45  LEU B CD2 1 
ATOM   621  N N   . LEU B 1 19 ? -18.613 -0.793  6.126   1.00 20.04 ? 46  LEU B N   1 
ATOM   622  C CA  . LEU B 1 19 ? -17.369 -0.333  5.527   1.00 20.43 ? 46  LEU B CA  1 
ATOM   623  C C   . LEU B 1 19 ? -16.611 -1.487  4.889   1.00 21.75 ? 46  LEU B C   1 
ATOM   624  O O   . LEU B 1 19 ? -16.556 -2.588  5.444   1.00 20.72 ? 46  LEU B O   1 
ATOM   625  C CB  . LEU B 1 19 ? -16.475 0.342   6.575   1.00 18.75 ? 46  LEU B CB  1 
ATOM   626  C CG  . LEU B 1 19 ? -17.001 1.594   7.263   1.00 22.06 ? 46  LEU B CG  1 
ATOM   627  C CD1 . LEU B 1 19 ? -15.990 2.056   8.325   1.00 23.87 ? 46  LEU B CD1 1 
ATOM   628  C CD2 . LEU B 1 19 ? -17.288 2.698   6.243   1.00 19.44 ? 46  LEU B CD2 1 
ATOM   629  N N   . TYR B 1 20 ? -16.020 -1.216  3.725   1.00 18.26 ? 47  TYR B N   1 
ATOM   630  C CA  . TYR B 1 20 ? -15.144 -2.154  3.047   1.00 17.41 ? 47  TYR B CA  1 
ATOM   631  C C   . TYR B 1 20 ? -13.835 -1.448  2.716   1.00 19.46 ? 47  TYR B C   1 
ATOM   632  O O   . TYR B 1 20 ? -13.836 -0.274  2.348   1.00 20.47 ? 47  TYR B O   1 
ATOM   633  C CB  . TYR B 1 20 ? -15.786 -2.663  1.749   1.00 20.54 ? 47  TYR B CB  1 
ATOM   634  C CG  . TYR B 1 20 ? -17.043 -3.467  1.989   1.00 19.28 ? 47  TYR B CG  1 
ATOM   635  C CD1 . TYR B 1 20 ? -18.230 -2.843  2.311   1.00 16.91 ? 47  TYR B CD1 1 
ATOM   636  C CD2 . TYR B 1 20 ? -17.027 -4.855  1.917   1.00 23.62 ? 47  TYR B CD2 1 
ATOM   637  C CE1 . TYR B 1 20 ? -19.386 -3.577  2.550   1.00 18.73 ? 47  TYR B CE1 1 
ATOM   638  C CE2 . TYR B 1 20 ? -18.175 -5.600  2.145   1.00 25.78 ? 47  TYR B CE2 1 
ATOM   639  C CZ  . TYR B 1 20 ? -19.351 -4.956  2.459   1.00 25.12 ? 47  TYR B CZ  1 
ATOM   640  O OH  . TYR B 1 20 ? -20.496 -5.689  2.696   1.00 25.17 ? 47  TYR B OH  1 
ATOM   641  N N   . LEU B 1 21 ? -12.729 -2.175  2.842   1.00 21.36 ? 48  LEU B N   1 
ATOM   642  C CA  . LEU B 1 21 ? -11.405 -1.653  2.495   1.00 22.52 ? 48  LEU B CA  1 
ATOM   643  C C   . LEU B 1 21 ? -11.222 -1.562  0.978   1.00 24.85 ? 48  LEU B C   1 
ATOM   644  O O   . LEU B 1 21 ? -11.545 -2.506  0.244   1.00 21.96 ? 48  LEU B O   1 
ATOM   645  C CB  . LEU B 1 21 ? -10.315 -2.551  3.076   1.00 28.07 ? 48  LEU B CB  1 
ATOM   646  C CG  . LEU B 1 21 ? -8.866  -2.127  2.810   1.00 31.20 ? 48  LEU B CG  1 
ATOM   647  C CD1 . LEU B 1 21 ? -8.571  -0.765  3.446   1.00 32.60 ? 48  LEU B CD1 1 
ATOM   648  C CD2 . LEU B 1 21 ? -7.907  -3.176  3.332   1.00 32.62 ? 48  LEU B CD2 1 
ATOM   649  N N   . GLY B 1 22 ? -10.712 -0.423  0.515   1.00 24.26 ? 49  GLY B N   1 
ATOM   650  C CA  . GLY B 1 22 ? -10.453 -0.234  -0.894  1.00 24.83 ? 49  GLY B CA  1 
ATOM   651  C C   . GLY B 1 22 ? -9.267  0.677   -1.148  1.00 22.85 ? 49  GLY B C   1 
ATOM   652  O O   . GLY B 1 22 ? -8.604  1.155   -0.215  1.00 18.61 ? 49  GLY B O   1 
ATOM   653  N N   . THR B 1 23 ? -9.006  0.914   -2.428  1.00 17.28 ? 50  THR B N   1 
ATOM   654  C CA  . THR B 1 23 ? -7.941  1.820   -2.843  1.00 20.91 ? 50  THR B CA  1 
ATOM   655  C C   . THR B 1 23 ? -8.531  2.810   -3.835  1.00 21.46 ? 50  THR B C   1 
ATOM   656  O O   . THR B 1 23 ? -9.257  2.421   -4.754  1.00 22.16 ? 50  THR B O   1 
ATOM   657  C CB  . THR B 1 23 ? -6.744  1.035   -3.459  1.00 21.43 ? 50  THR B CB  1 
ATOM   658  O OG1 . THR B 1 23 ? -6.254  0.093   -2.497  1.00 25.01 ? 50  THR B OG1 1 
ATOM   659  C CG2 . THR B 1 23 ? -5.609  1.969   -3.835  1.00 25.36 ? 50  THR B CG2 1 
ATOM   660  N N   . ILE B 1 24 ? -8.266  4.093   -3.630  1.00 18.40 ? 51  ILE B N   1 
ATOM   661  C CA  . ILE B 1 24 ? -8.734  5.108   -4.572  1.00 18.35 ? 51  ILE B CA  1 
ATOM   662  C C   . ILE B 1 24 ? -7.977  5.042   -5.908  1.00 26.02 ? 51  ILE B C   1 
ATOM   663  O O   . ILE B 1 24 ? -6.740  5.057   -5.936  1.00 21.77 ? 51  ILE B O   1 
ATOM   664  C CB  . ILE B 1 24 ? -8.625  6.516   -3.973  1.00 19.15 ? 51  ILE B CB  1 
ATOM   665  C CG1 . ILE B 1 24 ? -9.549  6.645   -2.751  1.00 15.83 ? 51  ILE B CG1 1 
ATOM   666  C CG2 . ILE B 1 24 ? -8.965  7.586   -5.020  1.00 19.26 ? 51  ILE B CG2 1 
ATOM   667  C CD1 . ILE B 1 24 ? -9.525  8.018   -2.101  1.00 19.51 ? 51  ILE B CD1 1 
ATOM   668  N N   . LYS B 1 25 ? -8.717  4.951   -7.014  1.00 22.60 ? 52  LYS B N   1 
ATOM   669  C CA  . LYS B 1 25 ? -8.096  4.941   -8.332  1.00 23.75 ? 52  LYS B CA  1 
ATOM   670  C C   . LYS B 1 25 ? -8.179  6.321   -8.975  1.00 27.38 ? 52  LYS B C   1 
ATOM   671  O O   . LYS B 1 25 ? -7.275  6.716   -9.713  1.00 30.60 ? 52  LYS B O   1 
ATOM   672  C CB  . LYS B 1 25 ? -8.752  3.906   -9.250  1.00 19.83 ? 52  LYS B CB  1 
ATOM   673  C CG  . LYS B 1 25 ? -8.832  2.524   -8.677  1.00 17.94 ? 52  LYS B CG  1 
ATOM   674  C CD  . LYS B 1 25 ? -7.472  2.028   -8.230  1.00 33.54 ? 52  LYS B CD  1 
ATOM   675  C CE  . LYS B 1 25 ? -6.761  1.282   -9.334  1.00 45.58 ? 52  LYS B CE  1 
ATOM   676  N NZ  . LYS B 1 25 ? -5.679  0.452   -8.733  1.00 55.58 ? 52  LYS B NZ  1 
ATOM   677  N N   . LYS B 1 26 ? -9.264  7.046   -8.695  1.00 20.24 ? 53  LYS B N   1 
ATOM   678  C CA  . LYS B 1 26 ? -9.463  8.381   -9.245  1.00 18.91 ? 53  LYS B CA  1 
ATOM   679  C C   . LYS B 1 26 ? -10.204 9.293   -8.283  1.00 18.67 ? 53  LYS B C   1 
ATOM   680  O O   . LYS B 1 26 ? -11.127 8.871   -7.581  1.00 21.59 ? 53  LYS B O   1 
ATOM   681  C CB  . LYS B 1 26 ? -10.246 8.311   -10.571 1.00 23.89 ? 53  LYS B CB  1 
ATOM   682  C CG  . LYS B 1 26 ? -9.559  7.522   -11.676 1.00 27.59 ? 53  LYS B CG  1 
ATOM   683  C CD  . LYS B 1 26 ? -8.452  8.340   -12.353 1.00 30.26 ? 53  LYS B CD  1 
ATOM   684  C CE  . LYS B 1 26 ? -7.784  7.549   -13.474 1.00 41.42 ? 53  LYS B CE  1 
ATOM   685  N NZ  . LYS B 1 26 ? -7.217  8.432   -14.542 1.00 45.23 ? 53  LYS B NZ  1 
ATOM   686  N N   . VAL B 1 27 ? -9.812  10.559  -8.272  1.00 23.30 ? 54  VAL B N   1 
ATOM   687  C CA  . VAL B 1 27 ? -10.506 11.570  -7.485  1.00 20.82 ? 54  VAL B CA  1 
ATOM   688  C C   . VAL B 1 27 ? -11.297 12.492  -8.430  1.00 23.61 ? 54  VAL B C   1 
ATOM   689  O O   . VAL B 1 27 ? -10.732 13.060  -9.373  1.00 23.90 ? 54  VAL B O   1 
ATOM   690  C CB  . VAL B 1 27 ? -9.508  12.381  -6.634  1.00 24.99 ? 54  VAL B CB  1 
ATOM   691  C CG1 . VAL B 1 27 ? -10.247 13.418  -5.776  1.00 29.79 ? 54  VAL B CG1 1 
ATOM   692  C CG2 . VAL B 1 27 ? -8.680  11.443  -5.758  1.00 20.10 ? 54  VAL B CG2 1 
ATOM   693  N N   . ASP B 1 28 ? -12.602 12.623  -8.192  1.00 20.04 ? 55  ASP B N   1 
ATOM   694  C CA  . ASP B 1 28 ? -13.441 13.481  -9.022  1.00 23.85 ? 55  ASP B CA  1 
ATOM   695  C C   . ASP B 1 28 ? -13.971 14.652  -8.207  1.00 21.78 ? 55  ASP B C   1 
ATOM   696  O O   . ASP B 1 28 ? -15.012 14.550  -7.573  1.00 26.40 ? 55  ASP B O   1 
ATOM   697  C CB  . ASP B 1 28 ? -14.604 12.672  -9.606  1.00 24.45 ? 55  ASP B CB  1 
ATOM   698  C CG  . ASP B 1 28 ? -15.491 13.494  -10.543 1.00 32.30 ? 55  ASP B CG  1 
ATOM   699  O OD1 . ASP B 1 28 ? -16.291 12.877  -11.274 1.00 26.39 ? 55  ASP B OD1 1 
ATOM   700  O OD2 . ASP B 1 28 ? -15.400 14.742  -10.553 1.00 31.49 ? 55  ASP B OD2 1 
ATOM   701  N N   . SER B 1 29 ? -13.273 15.781  -8.250  1.00 20.97 ? 56  SER B N   1 
ATOM   702  C CA  . SER B 1 29 ? -13.617 16.903  -7.376  1.00 28.50 ? 56  SER B CA  1 
ATOM   703  C C   . SER B 1 29 ? -14.845 17.706  -7.814  1.00 30.90 ? 56  SER B C   1 
ATOM   704  O O   . SER B 1 29 ? -15.410 18.460  -7.023  1.00 35.73 ? 56  SER B O   1 
ATOM   705  C CB  . SER B 1 29 ? -12.405 17.819  -7.148  1.00 41.32 ? 56  SER B CB  1 
ATOM   706  O OG  . SER B 1 29 ? -11.956 18.394  -8.362  1.00 56.67 ? 56  SER B OG  1 
ATOM   707  N N   . ALA B 1 30 ? -15.262 17.539  -9.066  1.00 39.17 ? 57  ALA B N   1 
ATOM   708  C CA  . ALA B 1 30 ? -16.444 18.228  -9.570  1.00 39.14 ? 57  ALA B CA  1 
ATOM   709  C C   . ALA B 1 30 ? -17.707 17.563  -9.051  1.00 36.53 ? 57  ALA B C   1 
ATOM   710  O O   . ALA B 1 30 ? -18.642 18.231  -8.611  1.00 38.81 ? 57  ALA B O   1 
ATOM   711  C CB  . ALA B 1 30 ? -16.436 18.244  -11.092 1.00 36.67 ? 57  ALA B CB  1 
ATOM   712  N N   . ARG B 1 31 ? -17.721 16.236  -9.099  1.00 31.52 ? 58  ARG B N   1 
ATOM   713  C CA  . ARG B 1 31 ? -18.851 15.452  -8.635  1.00 25.03 ? 58  ARG B CA  1 
ATOM   714  C C   . ARG B 1 31 ? -18.675 15.003  -7.181  1.00 25.59 ? 58  ARG B C   1 
ATOM   715  O O   . ARG B 1 31 ? -19.610 14.482  -6.570  1.00 25.67 ? 58  ARG B O   1 
ATOM   716  C CB  . ARG B 1 31 ? -19.018 14.225  -9.524  1.00 29.82 ? 58  ARG B CB  1 
ATOM   717  C CG  . ARG B 1 31 ? -20.283 14.229  -10.361 1.00 45.38 ? 58  ARG B CG  1 
ATOM   718  C CD  . ARG B 1 31 ? -20.017 13.828  -11.804 1.00 36.57 ? 58  ARG B CD  1 
ATOM   719  N NE  . ARG B 1 31 ? -19.049 12.740  -11.935 1.00 33.62 ? 58  ARG B NE  1 
ATOM   720  C CZ  . ARG B 1 31 ? -19.340 11.514  -12.367 1.00 34.10 ? 58  ARG B CZ  1 
ATOM   721  N NH1 . ARG B 1 31 ? -20.580 11.198  -12.712 1.00 32.51 ? 58  ARG B NH1 1 
ATOM   722  N NH2 . ARG B 1 31 ? -18.382 10.600  -12.458 1.00 36.15 ? 58  ARG B NH2 1 
ATOM   723  N N   . GLU B 1 32 ? -17.479 15.199  -6.636  1.00 27.62 ? 59  GLU B N   1 
ATOM   724  C CA  . GLU B 1 32 ? -17.160 14.758  -5.269  1.00 23.07 ? 59  GLU B CA  1 
ATOM   725  C C   . GLU B 1 32 ? -17.432 13.265  -5.051  1.00 19.52 ? 59  GLU B C   1 
ATOM   726  O O   . GLU B 1 32 ? -18.170 12.854  -4.146  1.00 20.13 ? 59  GLU B O   1 
ATOM   727  C CB  . GLU B 1 32 ? -17.852 15.645  -4.220  1.00 25.90 ? 59  GLU B CB  1 
ATOM   728  C CG  . GLU B 1 32 ? -17.558 17.135  -4.428  1.00 34.11 ? 59  GLU B CG  1 
ATOM   729  C CD  . GLU B 1 32 ? -17.831 18.002  -3.203  1.00 41.51 ? 59  GLU B CD  1 
ATOM   730  O OE1 . GLU B 1 32 ? -18.746 17.683  -2.414  1.00 42.09 ? 59  GLU B OE1 1 
ATOM   731  O OE2 . GLU B 1 32 ? -17.116 19.010  -3.032  1.00 42.57 ? 59  GLU B OE2 1 
ATOM   732  N N   . VAL B 1 33 ? -16.803 12.462  -5.900  1.00 25.23 ? 60  VAL B N   1 
ATOM   733  C CA  . VAL B 1 33 ? -16.796 11.019  -5.772  1.00 20.95 ? 60  VAL B CA  1 
ATOM   734  C C   . VAL B 1 33 ? -15.377 10.569  -6.047  1.00 15.52 ? 60  VAL B C   1 
ATOM   735  O O   . VAL B 1 33 ? -14.575 11.328  -6.591  1.00 21.11 ? 60  VAL B O   1 
ATOM   736  C CB  . VAL B 1 33 ? -17.708 10.347  -6.820  1.00 22.72 ? 60  VAL B CB  1 
ATOM   737  C CG1 . VAL B 1 33 ? -19.177 10.591  -6.505  1.00 23.31 ? 60  VAL B CG1 1 
ATOM   738  C CG2 . VAL B 1 33 ? -17.374 10.854  -8.207  1.00 20.18 ? 60  VAL B CG2 1 
ATOM   739  N N   . CYS B 1 34 ? -15.072 9.330   -5.678  1.00 21.54 ? 61  CYS B N   1 
ATOM   740  C CA  . CYS B 1 34 ? -13.826 8.680   -6.071  1.00 20.22 ? 61  CYS B CA  1 
ATOM   741  C C   . CYS B 1 34 ? -14.157 7.350   -6.696  1.00 15.65 ? 61  CYS B C   1 
ATOM   742  O O   . CYS B 1 34 ? -15.076 6.663   -6.246  1.00 16.58 ? 61  CYS B O   1 
ATOM   743  C CB  . CYS B 1 34 ? -12.930 8.400   -4.856  1.00 21.01 ? 61  CYS B CB  1 
ATOM   744  S SG  . CYS B 1 34 ? -12.194 9.834   -4.185  1.00 20.59 ? 61  CYS B SG  1 
ATOM   745  N N   . LEU B 1 35 ? -13.397 6.974   -7.719  1.00 19.78 ? 62  LEU B N   1 
ATOM   746  C CA  . LEU B 1 35 ? -13.450 5.610   -8.225  1.00 24.34 ? 62  LEU B CA  1 
ATOM   747  C C   . LEU B 1 35 ? -12.632 4.760   -7.268  1.00 22.22 ? 62  LEU B C   1 
ATOM   748  O O   . LEU B 1 35 ? -11.440 5.007   -7.097  1.00 19.00 ? 62  LEU B O   1 
ATOM   749  C CB  . LEU B 1 35 ? -12.857 5.533   -9.638  1.00 24.83 ? 62  LEU B CB  1 
ATOM   750  C CG  . LEU B 1 35 ? -12.952 4.173   -10.332 1.00 24.15 ? 62  LEU B CG  1 
ATOM   751  C CD1 . LEU B 1 35 ? -14.412 3.760   -10.507 1.00 20.45 ? 62  LEU B CD1 1 
ATOM   752  C CD2 . LEU B 1 35 ? -12.229 4.210   -11.668 1.00 21.91 ? 62  LEU B CD2 1 
ATOM   753  N N   . VAL B 1 36 ? -13.272 3.780   -6.631  1.00 19.58 ? 63  VAL B N   1 
ATOM   754  C CA  . VAL B 1 36 ? -12.605 2.983   -5.610  1.00 16.61 ? 63  VAL B CA  1 
ATOM   755  C C   . VAL B 1 36 ? -12.550 1.519   -6.016  1.00 20.23 ? 63  VAL B C   1 
ATOM   756  O O   . VAL B 1 36 ? -13.556 0.959   -6.436  1.00 22.60 ? 63  VAL B O   1 
ATOM   757  C CB  . VAL B 1 36 ? -13.312 3.114   -4.252  1.00 20.24 ? 63  VAL B CB  1 
ATOM   758  C CG1 . VAL B 1 36 ? -12.683 2.169   -3.223  1.00 22.74 ? 63  VAL B CG1 1 
ATOM   759  C CG2 . VAL B 1 36 ? -13.268 4.567   -3.777  1.00 22.81 ? 63  VAL B CG2 1 
ATOM   760  N N   . GLN B 1 37 ? -11.379 0.897   -5.891  1.00 20.93 ? 64  GLN B N   1 
ATOM   761  C CA  . GLN B 1 37 ? -11.265 -0.526  -6.189  1.00 24.14 ? 64  GLN B CA  1 
ATOM   762  C C   . GLN B 1 37 ? -11.255 -1.362  -4.915  1.00 23.85 ? 64  GLN B C   1 
ATOM   763  O O   . GLN B 1 37 ? -10.500 -1.089  -3.991  1.00 25.45 ? 64  GLN B O   1 
ATOM   764  C CB  . GLN B 1 37 ? -10.019 -0.829  -7.027  1.00 26.30 ? 64  GLN B CB  1 
ATOM   765  C CG  . GLN B 1 37 ? -9.801  -2.325  -7.236  1.00 29.44 ? 64  GLN B CG  1 
ATOM   766  C CD  . GLN B 1 37 ? -8.856  -2.627  -8.394  1.00 45.26 ? 64  GLN B CD  1 
ATOM   767  O OE1 . GLN B 1 37 ? -7.873  -1.922  -8.605  1.00 40.80 ? 64  GLN B OE1 1 
ATOM   768  N NE2 . GLN B 1 37 ? -9.165  -3.671  -9.156  1.00 52.15 ? 64  GLN B NE2 1 
ATOM   769  N N   . PHE B 1 38 ? -12.092 -2.393  -4.871  1.00 23.15 ? 65  PHE B N   1 
ATOM   770  C CA  . PHE B 1 38 ? -12.220 -3.205  -3.666  1.00 21.98 ? 65  PHE B CA  1 
ATOM   771  C C   . PHE B 1 38 ? -11.409 -4.494  -3.752  1.00 21.23 ? 65  PHE B C   1 
ATOM   772  O O   . PHE B 1 38 ? -10.765 -4.753  -4.765  1.00 26.52 ? 65  PHE B O   1 
ATOM   773  C CB  . PHE B 1 38 ? -13.699 -3.462  -3.360  1.00 21.88 ? 65  PHE B CB  1 
ATOM   774  C CG  . PHE B 1 38 ? -14.469 -2.200  -3.108  1.00 26.29 ? 65  PHE B CG  1 
ATOM   775  C CD1 . PHE B 1 38 ? -14.574 -1.682  -1.825  1.00 25.37 ? 65  PHE B CD1 1 
ATOM   776  C CD2 . PHE B 1 38 ? -15.032 -1.493  -4.160  1.00 20.07 ? 65  PHE B CD2 1 
ATOM   777  C CE1 . PHE B 1 38 ? -15.251 -0.494  -1.591  1.00 25.65 ? 65  PHE B CE1 1 
ATOM   778  C CE2 . PHE B 1 38 ? -15.714 -0.299  -3.931  1.00 21.74 ? 65  PHE B CE2 1 
ATOM   779  C CZ  . PHE B 1 38 ? -15.830 0.196   -2.648  1.00 29.24 ? 65  PHE B CZ  1 
ATOM   780  N N   . GLU B 1 39 ? -11.419 -5.283  -2.682  1.00 19.19 ? 66  GLU B N   1 
ATOM   781  C CA  . GLU B 1 39 ? -10.557 -6.464  -2.587  1.00 23.21 ? 66  GLU B CA  1 
ATOM   782  C C   . GLU B 1 39 ? -10.865 -7.553  -3.626  1.00 33.32 ? 66  GLU B C   1 
ATOM   783  O O   . GLU B 1 39 ? -10.024 -8.416  -3.900  1.00 31.59 ? 66  GLU B O   1 
ATOM   784  C CB  . GLU B 1 39 ? -10.628 -7.054  -1.183  1.00 27.91 ? 66  GLU B CB  1 
ATOM   785  C CG  . GLU B 1 39 ? -9.965  -6.188  -0.121  1.00 41.37 ? 66  GLU B CG  1 
ATOM   786  C CD  . GLU B 1 39 ? -10.013 -6.828  1.261   1.00 50.34 ? 66  GLU B CD  1 
ATOM   787  O OE1 . GLU B 1 39 ? -10.691 -7.863  1.411   1.00 48.21 ? 66  GLU B OE1 1 
ATOM   788  O OE2 . GLU B 1 39 ? -9.374  -6.298  2.195   1.00 60.24 ? 66  GLU B OE2 1 
ATOM   789  N N   . ASP B 1 40 ? -12.067 -7.517  -4.190  1.00 26.50 ? 67  ASP B N   1 
ATOM   790  C CA  . ASP B 1 40 ? -12.442 -8.471  -5.225  1.00 27.89 ? 67  ASP B CA  1 
ATOM   791  C C   . ASP B 1 40 ? -12.233 -7.852  -6.598  1.00 34.82 ? 67  ASP B C   1 
ATOM   792  O O   . ASP B 1 40 ? -12.731 -8.362  -7.596  1.00 35.16 ? 67  ASP B O   1 
ATOM   793  C CB  . ASP B 1 40 ? -13.901 -8.893  -5.053  1.00 32.41 ? 67  ASP B CB  1 
ATOM   794  C CG  . ASP B 1 40 ? -14.861 -7.758  -5.313  1.00 30.35 ? 67  ASP B CG  1 
ATOM   795  O OD1 . ASP B 1 40 ? -14.404 -6.607  -5.370  1.00 24.71 ? 67  ASP B OD1 1 
ATOM   796  O OD2 . ASP B 1 40 ? -16.070 -8.012  -5.461  1.00 31.39 ? 67  ASP B OD2 1 
ATOM   797  N N   . ASP B 1 41 ? -11.515 -6.733  -6.627  1.00 29.44 ? 68  ASP B N   1 
ATOM   798  C CA  . ASP B 1 41 ? -11.157 -6.040  -7.866  1.00 29.98 ? 68  ASP B CA  1 
ATOM   799  C C   . ASP B 1 41 ? -12.309 -5.269  -8.532  1.00 22.97 ? 68  ASP B C   1 
ATOM   800  O O   . ASP B 1 41 ? -12.122 -4.612  -9.561  1.00 25.98 ? 68  ASP B O   1 
ATOM   801  C CB  . ASP B 1 41 ? -10.477 -7.002  -8.842  1.00 35.25 ? 68  ASP B CB  1 
ATOM   802  C CG  . ASP B 1 41 ? -9.124  -7.477  -8.339  1.00 44.71 ? 68  ASP B CG  1 
ATOM   803  O OD1 . ASP B 1 41 ? -8.491  -6.755  -7.536  1.00 45.97 ? 68  ASP B OD1 1 
ATOM   804  O OD2 . ASP B 1 41 ? -8.692  -8.573  -8.747  1.00 49.58 ? 68  ASP B OD2 1 
ATOM   805  N N   . SER B 1 42 ? -13.496 -5.315  -7.936  1.00 23.38 ? 69  SER B N   1 
ATOM   806  C CA  . SER B 1 42 ? -14.588 -4.489  -8.440  1.00 22.19 ? 69  SER B CA  1 
ATOM   807  C C   . SER B 1 42 ? -14.257 -3.016  -8.218  1.00 21.12 ? 69  SER B C   1 
ATOM   808  O O   . SER B 1 42 ? -13.537 -2.663  -7.294  1.00 23.21 ? 69  SER B O   1 
ATOM   809  C CB  . SER B 1 42 ? -15.920 -4.847  -7.774  1.00 24.72 ? 69  SER B CB  1 
ATOM   810  O OG  . SER B 1 42 ? -15.880 -4.610  -6.375  1.00 26.31 ? 69  SER B OG  1 
ATOM   811  N N   . GLN B 1 43 ? -14.773 -2.156  -9.083  1.00 23.81 ? 70  GLN B N   1 
ATOM   812  C CA  . GLN B 1 43 ? -14.553 -0.732  -8.932  1.00 22.17 ? 70  GLN B CA  1 
ATOM   813  C C   . GLN B 1 43 ? -15.902 -0.030  -8.984  1.00 25.07 ? 70  GLN B C   1 
ATOM   814  O O   . GLN B 1 43 ? -16.717 -0.292  -9.873  1.00 21.86 ? 70  GLN B O   1 
ATOM   815  C CB  . GLN B 1 43 ? -13.618 -0.211  -10.032 1.00 24.92 ? 70  GLN B CB  1 
ATOM   816  C CG  . GLN B 1 43 ? -12.309 -0.986  -10.138 1.00 28.29 ? 70  GLN B CG  1 
ATOM   817  C CD  . GLN B 1 43 ? -11.306 -0.340  -11.074 1.00 37.20 ? 70  GLN B CD  1 
ATOM   818  O OE1 . GLN B 1 43 ? -11.341 0.862   -11.307 1.00 35.60 ? 70  GLN B OE1 1 
ATOM   819  N NE2 . GLN B 1 43 ? -10.403 -1.143  -11.613 1.00 50.79 ? 70  GLN B NE2 1 
ATOM   820  N N   . PHE B 1 44 ? -16.148 0.839   -8.010  1.00 18.79 ? 71  PHE B N   1 
ATOM   821  C CA  . PHE B 1 44 ? -17.369 1.646   -7.981  1.00 17.33 ? 71  PHE B CA  1 
ATOM   822  C C   . PHE B 1 44 ? -17.029 3.083   -7.625  1.00 20.33 ? 71  PHE B C   1 
ATOM   823  O O   . PHE B 1 44 ? -16.021 3.346   -6.958  1.00 21.49 ? 71  PHE B O   1 
ATOM   824  C CB  . PHE B 1 44 ? -18.364 1.110   -6.945  1.00 21.83 ? 71  PHE B CB  1 
ATOM   825  C CG  . PHE B 1 44 ? -18.903 -0.255  -7.257  1.00 24.81 ? 71  PHE B CG  1 
ATOM   826  C CD1 . PHE B 1 44 ? -20.066 -0.407  -7.994  1.00 22.21 ? 71  PHE B CD1 1 
ATOM   827  C CD2 . PHE B 1 44 ? -18.262 -1.388  -6.777  1.00 20.62 ? 71  PHE B CD2 1 
ATOM   828  C CE1 . PHE B 1 44 ? -20.565 -1.669  -8.262  1.00 20.48 ? 71  PHE B CE1 1 
ATOM   829  C CE2 . PHE B 1 44 ? -18.738 -2.635  -7.055  1.00 22.03 ? 71  PHE B CE2 1 
ATOM   830  C CZ  . PHE B 1 44 ? -19.896 -2.780  -7.798  1.00 25.36 ? 71  PHE B CZ  1 
ATOM   831  N N   . LEU B 1 45 ? -17.878 4.009   -8.054  1.00 17.08 ? 72  LEU B N   1 
ATOM   832  C CA  . LEU B 1 45 ? -17.799 5.389   -7.587  1.00 17.60 ? 72  LEU B CA  1 
ATOM   833  C C   . LEU B 1 45 ? -18.403 5.494   -6.190  1.00 21.29 ? 72  LEU B C   1 
ATOM   834  O O   . LEU B 1 45 ? -19.521 5.051   -5.949  1.00 16.70 ? 72  LEU B O   1 
ATOM   835  C CB  . LEU B 1 45 ? -18.536 6.327   -8.527  1.00 21.48 ? 72  LEU B CB  1 
ATOM   836  C CG  . LEU B 1 45 ? -18.037 6.356   -9.973  1.00 22.38 ? 72  LEU B CG  1 
ATOM   837  C CD1 . LEU B 1 45 ? -18.979 7.182   -10.812 1.00 20.09 ? 72  LEU B CD1 1 
ATOM   838  C CD2 . LEU B 1 45 ? -16.612 6.918   -10.026 1.00 16.45 ? 72  LEU B CD2 1 
ATOM   839  N N   . VAL B 1 46 ? -17.648 6.087   -5.275  1.00 17.35 ? 73  VAL B N   1 
ATOM   840  C CA  . VAL B 1 46 ? -18.095 6.241   -3.902  1.00 21.73 ? 73  VAL B CA  1 
ATOM   841  C C   . VAL B 1 46 ? -18.069 7.726   -3.592  1.00 19.06 ? 73  VAL B C   1 
ATOM   842  O O   . VAL B 1 46 ? -17.145 8.438   -4.015  1.00 20.00 ? 73  VAL B O   1 
ATOM   843  C CB  . VAL B 1 46 ? -17.170 5.475   -2.923  1.00 19.72 ? 73  VAL B CB  1 
ATOM   844  C CG1 . VAL B 1 46 ? -17.645 5.631   -1.457  1.00 15.95 ? 73  VAL B CG1 1 
ATOM   845  C CG2 . VAL B 1 46 ? -17.080 4.002   -3.327  1.00 18.57 ? 73  VAL B CG2 1 
ATOM   846  N N   . LEU B 1 47 ? -19.070 8.192   -2.854  1.00 15.60 ? 74  LEU B N   1 
ATOM   847  C CA  . LEU B 1 47 ? -19.139 9.595   -2.481  1.00 19.51 ? 74  LEU B CA  1 
ATOM   848  C C   . LEU B 1 47 ? -18.040 9.910   -1.486  1.00 19.47 ? 74  LEU B C   1 
ATOM   849  O O   . LEU B 1 47 ? -17.750 9.114   -0.589  1.00 19.20 ? 74  LEU B O   1 
ATOM   850  C CB  . LEU B 1 47 ? -20.476 9.927   -1.834  1.00 20.11 ? 74  LEU B CB  1 
ATOM   851  C CG  . LEU B 1 47 ? -21.746 9.752   -2.658  1.00 20.24 ? 74  LEU B CG  1 
ATOM   852  C CD1 . LEU B 1 47 ? -22.943 9.762   -1.728  1.00 26.19 ? 74  LEU B CD1 1 
ATOM   853  C CD2 . LEU B 1 47 ? -21.856 10.849  -3.691  1.00 24.73 ? 74  LEU B CD2 1 
ATOM   854  N N   . TRP B 1 48 ? -17.445 11.086  -1.634  1.00 20.23 ? 75  TRP B N   1 
ATOM   855  C CA  . TRP B 1 48 ? -16.434 11.538  -0.696  1.00 20.00 ? 75  TRP B CA  1 
ATOM   856  C C   . TRP B 1 48 ? -16.897 11.380  0.753   1.00 20.69 ? 75  TRP B C   1 
ATOM   857  O O   . TRP B 1 48 ? -16.114 10.998  1.614   1.00 18.88 ? 75  TRP B O   1 
ATOM   858  C CB  . TRP B 1 48 ? -16.101 13.005  -0.948  1.00 17.00 ? 75  TRP B CB  1 
ATOM   859  C CG  . TRP B 1 48 ? -15.274 13.249  -2.158  1.00 24.38 ? 75  TRP B CG  1 
ATOM   860  C CD1 . TRP B 1 48 ? -14.902 12.342  -3.113  1.00 27.16 ? 75  TRP B CD1 1 
ATOM   861  C CD2 . TRP B 1 48 ? -14.704 14.500  -2.543  1.00 19.97 ? 75  TRP B CD2 1 
ATOM   862  N NE1 . TRP B 1 48 ? -14.123 12.963  -4.074  1.00 22.29 ? 75  TRP B NE1 1 
ATOM   863  C CE2 . TRP B 1 48 ? -13.995 14.290  -3.745  1.00 22.32 ? 75  TRP B CE2 1 
ATOM   864  C CE3 . TRP B 1 48 ? -14.715 15.782  -1.980  1.00 28.15 ? 75  TRP B CE3 1 
ATOM   865  C CZ2 . TRP B 1 48 ? -13.309 15.315  -4.397  1.00 28.07 ? 75  TRP B CZ2 1 
ATOM   866  C CZ3 . TRP B 1 48 ? -14.027 16.805  -2.635  1.00 27.49 ? 75  TRP B CZ3 1 
ATOM   867  C CH2 . TRP B 1 48 ? -13.344 16.563  -3.830  1.00 24.81 ? 75  TRP B CH2 1 
ATOM   868  N N   . LYS B 1 49 ? -18.165 11.688  1.019   1.00 21.35 ? 76  LYS B N   1 
ATOM   869  C CA  . LYS B 1 49 ? -18.702 11.572  2.379   1.00 23.91 ? 76  LYS B CA  1 
ATOM   870  C C   . LYS B 1 49 ? -18.663 10.140  2.932   1.00 28.07 ? 76  LYS B C   1 
ATOM   871  O O   . LYS B 1 49 ? -18.753 9.939   4.141   1.00 26.06 ? 76  LYS B O   1 
ATOM   872  C CB  . LYS B 1 49 ? -20.131 12.125  2.461   1.00 28.44 ? 76  LYS B CB  1 
ATOM   873  C CG  . LYS B 1 49 ? -21.166 11.321  1.680   1.00 42.42 ? 76  LYS B CG  1 
ATOM   874  C CD  . LYS B 1 49 ? -22.597 11.539  2.206   1.00 45.43 ? 76  LYS B CD  1 
ATOM   875  C CE  . LYS B 1 49 ? -23.265 10.214  2.603   1.00 44.34 ? 76  LYS B CE  1 
ATOM   876  N NZ  . LYS B 1 49 ? -24.253 9.708   1.602   1.00 46.55 ? 76  LYS B NZ  1 
ATOM   877  N N   . ASP B 1 50 ? -18.536 9.149   2.052   1.00 17.40 ? 77  ASP B N   1 
ATOM   878  C CA  . ASP B 1 50 ? -18.499 7.750   2.463   1.00 22.13 ? 77  ASP B CA  1 
ATOM   879  C C   . ASP B 1 50 ? -17.087 7.180   2.461   1.00 21.67 ? 77  ASP B C   1 
ATOM   880  O O   . ASP B 1 50 ? -16.899 5.975   2.597   1.00 22.00 ? 77  ASP B O   1 
ATOM   881  C CB  . ASP B 1 50 ? -19.398 6.901   1.548   1.00 20.65 ? 77  ASP B CB  1 
ATOM   882  C CG  . ASP B 1 50 ? -20.868 7.205   1.742   1.00 26.03 ? 77  ASP B CG  1 
ATOM   883  O OD1 . ASP B 1 50 ? -21.275 7.415   2.910   1.00 23.51 ? 77  ASP B OD1 1 
ATOM   884  O OD2 . ASP B 1 50 ? -21.609 7.252   0.732   1.00 20.72 ? 77  ASP B OD2 1 
ATOM   885  N N   . ILE B 1 51 ? -16.093 8.042   2.305   1.00 17.09 ? 78  ILE B N   1 
ATOM   886  C CA  . ILE B 1 51 ? -14.721 7.569   2.243   1.00 16.03 ? 78  ILE B CA  1 
ATOM   887  C C   . ILE B 1 51 ? -13.894 8.128   3.404   1.00 21.17 ? 78  ILE B C   1 
ATOM   888  O O   . ILE B 1 51 ? -13.974 9.317   3.712   1.00 24.07 ? 78  ILE B O   1 
ATOM   889  C CB  . ILE B 1 51 ? -14.049 7.972   0.935   1.00 18.81 ? 78  ILE B CB  1 
ATOM   890  C CG1 . ILE B 1 51 ? -14.890 7.494   -0.260  1.00 20.34 ? 78  ILE B CG1 1 
ATOM   891  C CG2 . ILE B 1 51 ? -12.635 7.380   0.866   1.00 19.29 ? 78  ILE B CG2 1 
ATOM   892  C CD1 . ILE B 1 51 ? -14.372 7.961   -1.601  1.00 22.91 ? 78  ILE B CD1 1 
ATOM   893  N N   . SER B 1 52 ? -13.111 7.264   4.041   1.00 20.61 ? 79  SER B N   1 
ATOM   894  C CA  . SER B 1 52 ? -12.173 7.713   5.072   1.00 22.94 ? 79  SER B CA  1 
ATOM   895  C C   . SER B 1 52 ? -10.861 6.943   4.941   1.00 21.82 ? 79  SER B C   1 
ATOM   896  O O   . SER B 1 52 ? -10.864 5.783   4.563   1.00 22.02 ? 79  SER B O   1 
ATOM   897  C CB  . SER B 1 52 ? -12.786 7.507   6.455   1.00 24.05 ? 79  SER B CB  1 
ATOM   898  O OG  . SER B 1 52 ? -13.139 6.148   6.633   1.00 27.86 ? 79  SER B OG  1 
ATOM   899  N N   . PRO B 1 53 ? -9.723  7.591   5.235   1.00 22.31 ? 80  PRO B N   1 
ATOM   900  C CA  . PRO B 1 53 ? -8.455  6.852   5.152   1.00 19.85 ? 80  PRO B CA  1 
ATOM   901  C C   . PRO B 1 53 ? -8.442  5.615   6.058   1.00 20.86 ? 80  PRO B C   1 
ATOM   902  O O   . PRO B 1 53 ? -9.023  5.629   7.141   1.00 26.69 ? 80  PRO B O   1 
ATOM   903  C CB  . PRO B 1 53 ? -7.407  7.879   5.619   1.00 26.93 ? 80  PRO B CB  1 
ATOM   904  C CG  . PRO B 1 53 ? -8.186  8.996   6.273   1.00 29.18 ? 80  PRO B CG  1 
ATOM   905  C CD  . PRO B 1 53 ? -9.523  9.010   5.558   1.00 25.72 ? 80  PRO B CD  1 
ATOM   906  N N   . ALA B 1 54 ? -7.787  4.556   5.603   1.00 17.56 ? 81  ALA B N   1 
ATOM   907  C CA  . ALA B 1 54 ? -7.615  3.350   6.405   1.00 24.36 ? 81  ALA B CA  1 
ATOM   908  C C   . ALA B 1 54 ? -6.611  3.581   7.539   1.00 28.35 ? 81  ALA B C   1 
ATOM   909  O O   . ALA B 1 54 ? -6.685  2.918   8.566   1.00 31.70 ? 81  ALA B O   1 
ATOM   910  C CB  . ALA B 1 54 ? -7.148  2.201   5.534   1.00 24.81 ? 81  ALA B CB  1 
ATOM   911  N N   . ALA B 1 55 ? -5.689  4.522   7.349   1.00 28.66 ? 82  ALA B N   1 
ATOM   912  C CA  . ALA B 1 55 ? -4.686  4.854   8.376   1.00 34.84 ? 82  ALA B CA  1 
ATOM   913  C C   . ALA B 1 55 ? -5.267  5.841   9.386   1.00 36.91 ? 82  ALA B C   1 
ATOM   914  O O   . ALA B 1 55 ? -6.404  6.275   9.223   1.00 41.78 ? 82  ALA B O   1 
ATOM   915  C CB  . ALA B 1 55 ? -3.440  5.431   7.727   1.00 38.99 ? 82  ALA B CB  1 
ATOM   916  N N   . LEU B 1 56 ? -4.503  6.216   10.414  1.00 57.18 ? 83  LEU B N   1 
ATOM   917  C CA  . LEU B 1 56 ? -5.063  7.079   11.469  1.00 61.81 ? 83  LEU B CA  1 
ATOM   918  C C   . LEU B 1 56 ? -4.609  8.553   11.559  1.00 64.91 ? 83  LEU B C   1 
ATOM   919  O O   . LEU B 1 56 ? -5.411  9.416   11.922  1.00 67.40 ? 83  LEU B O   1 
ATOM   920  C CB  . LEU B 1 56 ? -4.973  6.411   12.850  1.00 60.21 ? 83  LEU B CB  1 
ATOM   921  C CG  . LEU B 1 56 ? -6.337  6.188   13.523  1.00 53.78 ? 83  LEU B CG  1 
ATOM   922  C CD1 . LEU B 1 56 ? -6.217  5.467   14.863  1.00 47.00 ? 83  LEU B CD1 1 
ATOM   923  C CD2 . LEU B 1 56 ? -7.067  7.504   13.697  1.00 50.02 ? 83  LEU B CD2 1 
ATOM   924  N N   . PRO B 1 57 ? -3.335  8.859   11.263  1.00 65.99 ? 84  PRO B N   1 
ATOM   925  C CA  . PRO B 1 57 ? -2.204  8.057   10.772  1.00 66.43 ? 84  PRO B CA  1 
ATOM   926  C C   . PRO B 1 57 ? -1.665  7.067   11.800  1.00 64.15 ? 84  PRO B C   1 
ATOM   927  O O   . PRO B 1 57 ? -0.443  6.945   11.920  1.00 53.08 ? 84  PRO B O   1 
ATOM   928  C CB  . PRO B 1 57 ? -1.134  9.119   10.478  1.00 65.66 ? 84  PRO B CB  1 
ATOM   929  C CG  . PRO B 1 57 ? -1.427  10.213  11.455  1.00 63.00 ? 84  PRO B CG  1 
ATOM   930  C CD  . PRO B 1 57 ? -2.934  10.252  11.542  1.00 65.09 ? 84  PRO B CD  1 
ATOM   931  N N   . SER C 2 1  ? 4.330   7.175   -2.187  1.00 47.68 ? 31  SER C N   1 
ATOM   932  C CA  . SER C 2 1  ? 4.044   8.601   -2.329  1.00 42.89 ? 31  SER C CA  1 
ATOM   933  C C   . SER C 2 1  ? 4.332   9.101   -3.733  1.00 31.89 ? 31  SER C C   1 
ATOM   934  O O   . SER C 2 1  ? 5.452   8.981   -4.210  1.00 34.84 ? 31  SER C O   1 
ATOM   935  C CB  . SER C 2 1  ? 4.875   9.408   -1.327  1.00 47.76 ? 31  SER C CB  1 
ATOM   936  O OG  . SER C 2 1  ? 5.083   10.737  -1.790  1.00 44.44 ? 31  SER C OG  1 
ATOM   937  N N   . THR C 2 2  ? 3.343   9.680   -4.398  1.00 29.85 ? 32  THR C N   1 
ATOM   938  C CA  . THR C 2 2  ? 3.594   10.209  -5.749  1.00 28.12 ? 32  THR C CA  1 
ATOM   939  C C   . THR C 2 2  ? 4.401   11.514  -5.726  1.00 27.66 ? 32  THR C C   1 
ATOM   940  O O   . THR C 2 2  ? 4.096   12.439  -4.972  1.00 27.70 ? 32  THR C O   1 
ATOM   941  C CB  . THR C 2 2  ? 2.302   10.367  -6.561  1.00 37.49 ? 32  THR C CB  1 
ATOM   942  O OG1 . THR C 2 2  ? 1.723   11.652  -6.315  1.00 54.25 ? 32  THR C OG1 1 
ATOM   943  C CG2 . THR C 2 2  ? 1.323   9.270   -6.182  1.00 19.55 ? 32  THR C CG2 1 
ATOM   944  N N   . GLY C 2 3  ? 5.451   11.557  -6.544  1.00 29.99 ? 33  GLY C N   1 
ATOM   945  C CA  . GLY C 2 3  ? 6.372   12.680  -6.569  1.00 21.85 ? 33  GLY C CA  1 
ATOM   946  C C   . GLY C 2 3  ? 7.434   12.569  -5.484  1.00 29.14 ? 33  GLY C C   1 
ATOM   947  O O   . GLY C 2 3  ? 8.280   13.449  -5.349  1.00 36.32 ? 33  GLY C O   1 
ATOM   948  N N   . GLY C 2 4  ? 7.389   11.486  -4.708  1.00 29.43 ? 34  GLY C N   1 
ATOM   949  C CA  . GLY C 2 4  ? 8.357   11.261  -3.640  1.00 26.54 ? 34  GLY C CA  1 
ATOM   950  C C   . GLY C 2 4  ? 9.752   11.026  -4.200  1.00 31.41 ? 34  GLY C C   1 
ATOM   951  O O   . GLY C 2 4  ? 9.915   10.780  -5.388  1.00 30.69 ? 34  GLY C O   1 
ATOM   952  N N   . VAL C 2 5  ? 10.763  11.099  -3.343  1.00 28.99 ? 35  VAL C N   1 
ATOM   953  C CA  . VAL C 2 5  ? 12.142  10.908  -3.776  1.00 29.67 ? 35  VAL C CA  1 
ATOM   954  C C   . VAL C 2 5  ? 12.844  9.905   -2.854  1.00 30.41 ? 35  VAL C C   1 
ATOM   955  O O   . VAL C 2 5  ? 12.744  10.000  -1.632  1.00 30.07 ? 35  VAL C O   1 
ATOM   956  C CB  . VAL C 2 5  ? 12.909  12.261  -3.795  1.00 44.63 ? 35  VAL C CB  1 
ATOM   957  C CG1 . VAL C 2 5  ? 12.863  12.925  -2.425  1.00 46.24 ? 35  VAL C CG1 1 
ATOM   958  C CG2 . VAL C 2 5  ? 14.353  12.080  -4.272  1.00 40.05 ? 35  VAL C CG2 1 
HETATM 959  N N   . M3L C 2 6  ? 13.529  8.932   -3.447  1.00 28.58 ? 36  M3L C N   1 
HETATM 960  C CA  . M3L C 2 6  ? 14.245  7.920   -2.676  1.00 29.22 ? 36  M3L C CA  1 
HETATM 961  C CB  . M3L C 2 6  ? 14.479  6.635   -3.465  1.00 29.20 ? 36  M3L C CB  1 
HETATM 962  C CG  . M3L C 2 6  ? 13.282  5.830   -3.912  1.00 36.80 ? 36  M3L C CG  1 
HETATM 963  C CD  . M3L C 2 6  ? 13.594  4.640   -4.838  1.00 36.59 ? 36  M3L C CD  1 
HETATM 964  C CE  . M3L C 2 6  ? 14.607  3.621   -4.324  1.00 25.35 ? 36  M3L C CE  1 
HETATM 965  N NZ  . M3L C 2 6  ? 15.144  2.659   -5.279  1.00 27.96 ? 36  M3L C NZ  1 
HETATM 966  C C   . M3L C 2 6  ? 15.566  8.450   -2.242  1.00 31.78 ? 36  M3L C C   1 
HETATM 967  O O   . M3L C 2 6  ? 16.284  9.112   -3.031  1.00 28.70 ? 36  M3L C O   1 
HETATM 968  C CM1 . M3L C 2 6  ? 15.631  1.498   -4.478  1.00 29.94 ? 36  M3L C CM1 1 
HETATM 969  C CM2 . M3L C 2 6  ? 16.282  3.212   -5.979  1.00 25.56 ? 36  M3L C CM2 1 
HETATM 970  C CM3 . M3L C 2 6  ? 14.093  2.407   -6.298  1.00 21.53 ? 36  M3L C CM3 1 
ATOM   971  N N   . LYS C 2 7  ? 15.921  8.175   -0.994  1.00 30.95 ? 37  LYS C N   1 
ATOM   972  C CA  . LYS C 2 7  ? 17.270  8.446   -0.523  1.00 36.11 ? 37  LYS C CA  1 
ATOM   973  C C   . LYS C 2 7  ? 17.804  7.228   0.210   1.00 22.66 ? 37  LYS C C   1 
ATOM   974  O O   . LYS C 2 7  ? 17.042  6.498   0.845   1.00 25.06 ? 37  LYS C O   1 
ATOM   975  C CB  . LYS C 2 7  ? 17.328  9.698   0.367   1.00 38.46 ? 37  LYS C CB  1 
ATOM   976  C CG  . LYS C 2 7  ? 16.050  10.024  1.123   1.00 45.62 ? 37  LYS C CG  1 
ATOM   977  C CD  . LYS C 2 7  ? 15.854  9.141   2.339   1.00 53.30 ? 37  LYS C CD  1 
ATOM   978  C CE  . LYS C 2 7  ? 14.775  9.711   3.250   1.00 53.89 ? 37  LYS C CE  1 
ATOM   979  N NZ  . LYS C 2 7  ? 13.554  10.120  2.491   1.00 49.52 ? 37  LYS C NZ  1 
ATOM   980  N N   . PRO C 2 8  ? 19.118  6.998   0.107   1.00 26.61 ? 38  PRO C N   1 
ATOM   981  C CA  . PRO C 2 8  ? 19.756  5.886   0.813   1.00 22.42 ? 38  PRO C CA  1 
ATOM   982  C C   . PRO C 2 8  ? 19.519  5.996   2.319   1.00 27.43 ? 38  PRO C C   1 
ATOM   983  O O   . PRO C 2 8  ? 19.633  7.080   2.883   1.00 24.59 ? 38  PRO C O   1 
ATOM   984  C CB  . PRO C 2 8  ? 21.239  6.074   0.488   1.00 23.62 ? 38  PRO C CB  1 
ATOM   985  C CG  . PRO C 2 8  ? 21.249  6.801   -0.816  1.00 28.70 ? 38  PRO C CG  1 
ATOM   986  C CD  . PRO C 2 8  ? 20.052  7.704   -0.789  1.00 28.54 ? 38  PRO C CD  1 
ATOM   987  N N   . HIS C 2 9  ? 19.166  4.885   2.949   1.00 27.63 ? 39  HIS C N   1 
ATOM   988  C CA  . HIS C 2 9  ? 18.843  4.884   4.371   1.00 34.01 ? 39  HIS C CA  1 
ATOM   989  C C   . HIS C 2 9  ? 20.020  5.393   5.190   1.00 34.71 ? 39  HIS C C   1 
ATOM   990  O O   . HIS C 2 9  ? 21.168  5.019   4.939   1.00 36.31 ? 39  HIS C O   1 
ATOM   991  C CB  . HIS C 2 9  ? 18.459  3.475   4.820   1.00 37.65 ? 39  HIS C CB  1 
ATOM   992  C CG  . HIS C 2 9  ? 17.898  3.409   6.209   1.00 43.61 ? 39  HIS C CG  1 
ATOM   993  N ND1 . HIS C 2 9  ? 16.691  3.976   6.553   1.00 40.45 ? 39  HIS C ND1 1 
ATOM   994  C CD2 . HIS C 2 9  ? 18.377  2.822   7.331   1.00 36.82 ? 39  HIS C CD2 1 
ATOM   995  C CE1 . HIS C 2 9  ? 16.448  3.747   7.834   1.00 38.04 ? 39  HIS C CE1 1 
ATOM   996  N NE2 . HIS C 2 9  ? 17.452  3.047   8.326   1.00 38.68 ? 39  HIS C NE2 1 
ATOM   997  N N   . ARG C 2 10 ? 19.720  6.248   6.164   1.00 34.19 ? 40  ARG C N   1 
ATOM   998  C CA  . ARG C 2 10 ? 20.724  6.832   7.043   1.00 36.87 ? 40  ARG C CA  1 
ATOM   999  C C   . ARG C 2 10 ? 21.914  7.356   6.269   1.00 36.42 ? 40  ARG C C   1 
ATOM   1000 O O   . ARG C 2 10 ? 22.948  7.661   6.857   1.00 48.34 ? 40  ARG C O   1 
ATOM   1001 C CB  . ARG C 2 10 ? 21.170  5.829   8.113   1.00 35.86 ? 40  ARG C CB  1 
ATOM   1002 C CG  . ARG C 2 10 ? 20.024  5.320   8.979   1.00 37.65 ? 40  ARG C CG  1 
ATOM   1003 C CD  . ARG C 2 10 ? 20.423  4.119   9.828   1.00 46.30 ? 40  ARG C CD  1 
ATOM   1004 N NE  . ARG C 2 10 ? 21.616  4.399   10.623  1.00 46.91 ? 40  ARG C NE  1 
ATOM   1005 C CZ  . ARG C 2 10 ? 22.693  3.624   10.651  1.00 40.42 ? 40  ARG C CZ  1 
ATOM   1006 N NH1 . ARG C 2 10 ? 22.723  2.498   9.941   1.00 34.87 ? 40  ARG C NH1 1 
ATOM   1007 N NH2 . ARG C 2 10 ? 23.736  3.974   11.397  1.00 32.20 ? 40  ARG C NH2 1 
ATOM   1008 N N   . GLY D 2 4  ? -8.901  -12.106 -4.489  1.00 59.32 ? 34  GLY D N   1 
ATOM   1009 C CA  . GLY D 2 4  ? -9.504  -11.458 -3.336  1.00 56.17 ? 34  GLY D CA  1 
ATOM   1010 C C   . GLY D 2 4  ? -11.020 -11.547 -3.310  1.00 57.73 ? 34  GLY D C   1 
ATOM   1011 O O   . GLY D 2 4  ? -11.661 -11.848 -4.321  1.00 57.78 ? 34  GLY D O   1 
ATOM   1012 N N   . VAL D 2 5  ? -11.599 -11.294 -2.142  1.00 56.94 ? 35  VAL D N   1 
ATOM   1013 C CA  . VAL D 2 5  ? -13.049 -11.239 -1.993  1.00 54.48 ? 35  VAL D CA  1 
ATOM   1014 C C   . VAL D 2 5  ? -13.401 -10.120 -1.027  1.00 56.58 ? 35  VAL D C   1 
ATOM   1015 O O   . VAL D 2 5  ? -12.582 -9.720  -0.202  1.00 57.93 ? 35  VAL D O   1 
ATOM   1016 C CB  . VAL D 2 5  ? -13.631 -12.554 -1.438  1.00 46.35 ? 35  VAL D CB  1 
ATOM   1017 C CG1 . VAL D 2 5  ? -13.316 -13.719 -2.370  1.00 50.76 ? 35  VAL D CG1 1 
ATOM   1018 C CG2 . VAL D 2 5  ? -13.110 -12.810 -0.041  1.00 44.52 ? 35  VAL D CG2 1 
HETATM 1019 N N   . M3L D 2 6  ? -14.621 -9.617  -1.125  1.00 51.24 ? 36  M3L D N   1 
HETATM 1020 C CA  . M3L D 2 6  ? -15.033 -8.518  -0.276  1.00 43.81 ? 36  M3L D CA  1 
HETATM 1021 C CB  . M3L D 2 6  ? -16.028 -7.647  -1.018  1.00 36.60 ? 36  M3L D CB  1 
HETATM 1022 C CG  . M3L D 2 6  ? -15.464 -6.774  -2.101  1.00 34.64 ? 36  M3L D CG  1 
HETATM 1023 C CD  . M3L D 2 6  ? -16.494 -5.857  -2.775  1.00 38.49 ? 36  M3L D CD  1 
HETATM 1024 C CE  . M3L D 2 6  ? -17.198 -4.865  -1.859  1.00 36.14 ? 36  M3L D CE  1 
HETATM 1025 N NZ  . M3L D 2 6  ? -18.367 -4.195  -2.400  1.00 37.88 ? 36  M3L D NZ  1 
HETATM 1026 C C   . M3L D 2 6  ? -15.659 -9.033  0.966   1.00 43.43 ? 36  M3L D C   1 
HETATM 1027 O O   . M3L D 2 6  ? -16.619 -9.821  0.909   1.00 47.30 ? 36  M3L D O   1 
HETATM 1028 C CM1 . M3L D 2 6  ? -18.114 -3.987  -3.859  1.00 21.74 ? 36  M3L D CM1 1 
HETATM 1029 C CM2 . M3L D 2 6  ? -18.480 -2.895  -1.790  1.00 36.73 ? 36  M3L D CM2 1 
HETATM 1030 C CM3 . M3L D 2 6  ? -19.554 -4.996  -2.020  1.00 39.59 ? 36  M3L D CM3 1 
ATOM   1031 N N   . LYS D 2 7  ? -15.139 -8.606  2.107   1.00 39.07 ? 37  LYS D N   1 
ATOM   1032 C CA  . LYS D 2 7  ? -15.832 -8.812  3.361   1.00 41.33 ? 37  LYS D CA  1 
ATOM   1033 C C   . LYS D 2 7  ? -15.841 -7.500  4.132   1.00 33.77 ? 37  LYS D C   1 
ATOM   1034 O O   . LYS D 2 7  ? -14.952 -6.666  3.946   1.00 34.16 ? 37  LYS D O   1 
ATOM   1035 C CB  . LYS D 2 7  ? -15.211 -9.957  4.176   1.00 39.81 ? 37  LYS D CB  1 
ATOM   1036 C CG  . LYS D 2 7  ? -13.704 -10.097 4.086   1.00 45.74 ? 37  LYS D CG  1 
ATOM   1037 C CD  . LYS D 2 7  ? -12.973 -8.904  4.652   1.00 44.30 ? 37  LYS D CD  1 
ATOM   1038 C CE  . LYS D 2 7  ? -11.659 -9.324  5.293   1.00 49.90 ? 37  LYS D CE  1 
ATOM   1039 N NZ  . LYS D 2 7  ? -10.816 -10.148 4.383   1.00 51.67 ? 37  LYS D NZ  1 
ATOM   1040 N N   . PRO D 2 8  ? -16.867 -7.300  4.969   1.00 33.92 ? 38  PRO D N   1 
ATOM   1041 C CA  . PRO D 2 8  ? -16.989 -6.064  5.744   1.00 27.42 ? 38  PRO D CA  1 
ATOM   1042 C C   . PRO D 2 8  ? -15.781 -5.882  6.643   1.00 34.82 ? 38  PRO D C   1 
ATOM   1043 O O   . PRO D 2 8  ? -15.255 -6.858  7.176   1.00 35.79 ? 38  PRO D O   1 
ATOM   1044 C CB  . PRO D 2 8  ? -18.247 -6.297  6.580   1.00 32.40 ? 38  PRO D CB  1 
ATOM   1045 C CG  . PRO D 2 8  ? -19.052 -7.272  5.769   1.00 37.22 ? 38  PRO D CG  1 
ATOM   1046 C CD  . PRO D 2 8  ? -18.043 -8.173  5.124   1.00 38.27 ? 38  PRO D CD  1 
ATOM   1047 N N   . HIS D 2 9  ? -15.336 -4.641  6.799   1.00 32.09 ? 39  HIS D N   1 
ATOM   1048 C CA  . HIS D 2 9  ? -14.189 -4.361  7.651   1.00 35.31 ? 39  HIS D CA  1 
ATOM   1049 C C   . HIS D 2 9  ? -14.596 -4.599  9.100   1.00 31.01 ? 39  HIS D C   1 
ATOM   1050 O O   . HIS D 2 9  ? -15.667 -4.174  9.517   1.00 29.26 ? 39  HIS D O   1 
ATOM   1051 C CB  . HIS D 2 9  ? -13.736 -2.919  7.461   1.00 39.21 ? 39  HIS D CB  1 
ATOM   1052 C CG  . HIS D 2 9  ? -12.405 -2.621  8.063   1.00 43.00 ? 39  HIS D CG  1 
ATOM   1053 N ND1 . HIS D 2 9  ? -12.257 -1.848  9.200   1.00 39.65 ? 39  HIS D ND1 1 
ATOM   1054 C CD2 . HIS D 2 9  ? -11.151 -2.976  7.689   1.00 38.65 ? 39  HIS D CD2 1 
ATOM   1055 C CE1 . HIS D 2 9  ? -10.977 -1.743  9.493   1.00 48.27 ? 39  HIS D CE1 1 
ATOM   1056 N NE2 . HIS D 2 9  ? -10.280 -2.419  8.589   1.00 43.63 ? 39  HIS D NE2 1 
ATOM   1057 N N   . ARG D 2 10 ? -13.751 -5.295  9.857   1.00 31.46 ? 40  ARG D N   1 
ATOM   1058 C CA  . ARG D 2 10 ? -14.075 -5.610  11.244  1.00 34.71 ? 40  ARG D CA  1 
ATOM   1059 C C   . ARG D 2 10 ? -13.039 -5.045  12.210  1.00 38.79 ? 40  ARG D C   1 
ATOM   1060 O O   . ARG D 2 10 ? -12.386 -4.041  11.916  1.00 44.12 ? 40  ARG D O   1 
ATOM   1061 C CB  . ARG D 2 10 ? -14.222 -7.120  11.432  1.00 35.25 ? 40  ARG D CB  1 
HETATM 1062 O O   . HOH E 3 .  ? 26.908  -3.197  -0.635  1.00 18.90 ? 101 HOH A O   1 
HETATM 1063 O O   . HOH E 3 .  ? 17.876  -8.112  -4.700  1.00 20.46 ? 102 HOH A O   1 
HETATM 1064 O O   . HOH E 3 .  ? 12.819  4.209   -0.512  1.00 18.46 ? 103 HOH A O   1 
HETATM 1065 O O   . HOH E 3 .  ? 17.847  -5.340  -5.116  1.00 31.36 ? 104 HOH A O   1 
HETATM 1066 O O   . HOH E 3 .  ? 21.384  -6.727  3.376   1.00 34.18 ? 105 HOH A O   1 
HETATM 1067 O O   . HOH E 3 .  ? 22.457  -7.878  1.003   1.00 28.15 ? 106 HOH A O   1 
HETATM 1068 O O   . HOH E 3 .  ? 7.015   2.789   1.373   1.00 42.42 ? 107 HOH A O   1 
HETATM 1069 O O   . HOH E 3 .  ? 3.300   -12.596 4.199   1.00 33.56 ? 108 HOH A O   1 
HETATM 1070 O O   . HOH E 3 .  ? 10.396  -4.142  10.312  1.00 28.92 ? 109 HOH A O   1 
HETATM 1071 O O   . HOH E 3 .  ? 23.382  1.814   2.656   1.00 34.46 ? 110 HOH A O   1 
HETATM 1072 O O   . HOH E 3 .  ? 11.717  -10.817 11.116  1.00 32.07 ? 111 HOH A O   1 
HETATM 1073 O O   . HOH E 3 .  ? 24.842  -0.423  3.033   1.00 42.30 ? 112 HOH A O   1 
HETATM 1074 O O   . HOH E 3 .  ? 14.232  -11.557 11.387  1.00 41.55 ? 113 HOH A O   1 
HETATM 1075 O O   . HOH E 3 .  ? 3.944   1.617   -8.174  1.00 45.70 ? 114 HOH A O   1 
HETATM 1076 O O   . HOH E 3 .  ? 7.374   -5.593  12.404  1.00 40.71 ? 115 HOH A O   1 
HETATM 1077 O O   . HOH E 3 .  ? 5.148   -14.371 5.118   1.00 34.97 ? 116 HOH A O   1 
HETATM 1078 O O   . HOH E 3 .  ? 0.065   -5.672  -0.031  1.00 46.94 ? 117 HOH A O   1 
HETATM 1079 O O   . HOH E 3 .  ? 6.912   -3.337  9.964   1.00 31.73 ? 118 HOH A O   1 
HETATM 1080 O O   . HOH E 3 .  ? 11.483  -8.342  12.831  1.00 36.52 ? 119 HOH A O   1 
HETATM 1081 O O   . HOH E 3 .  ? 1.162   -4.315  2.134   1.00 44.26 ? 120 HOH A O   1 
HETATM 1082 O O   . HOH E 3 .  ? 19.039  -5.458  3.961   1.00 23.90 ? 121 HOH A O   1 
HETATM 1083 O O   . HOH E 3 .  ? 9.735   -6.390  11.550  1.00 36.28 ? 122 HOH A O   1 
HETATM 1084 O O   . HOH E 3 .  ? 19.200  -10.132 5.184   1.00 35.42 ? 123 HOH A O   1 
HETATM 1085 O O   . HOH E 3 .  ? 22.168  1.430   -9.310  1.00 28.90 ? 124 HOH A O   1 
HETATM 1086 O O   . HOH E 3 .  ? 11.438  -16.492 6.060   1.00 48.59 ? 125 HOH A O   1 
HETATM 1087 O O   . HOH E 3 .  ? 21.011  -8.368  5.204   1.00 33.18 ? 126 HOH A O   1 
HETATM 1088 O O   . HOH E 3 .  ? 14.205  -6.669  13.704  1.00 47.48 ? 127 HOH A O   1 
HETATM 1089 O O   . HOH E 3 .  ? 24.196  5.523   -5.026  1.00 33.37 ? 128 HOH A O   1 
HETATM 1090 O O   . HOH E 3 .  ? 18.170  -4.047  9.084   1.00 30.60 ? 129 HOH A O   1 
HETATM 1091 O O   . HOH E 3 .  ? 6.980   5.403   -9.011  1.00 39.87 ? 130 HOH A O   1 
HETATM 1092 O O   . HOH E 3 .  ? 8.610   -14.493 13.084  1.00 48.01 ? 131 HOH A O   1 
HETATM 1093 O O   . HOH E 3 .  ? 7.173   -12.751 12.897  1.00 44.42 ? 132 HOH A O   1 
HETATM 1094 O O   . HOH E 3 .  ? 2.558   -12.499 -0.239  1.00 36.23 ? 133 HOH A O   1 
HETATM 1095 O O   . HOH E 3 .  ? -1.372  -11.317 -1.056  1.00 51.07 ? 134 HOH A O   1 
HETATM 1096 O O   . HOH E 3 .  ? 16.022  3.244   -10.517 1.00 38.20 ? 135 HOH A O   1 
HETATM 1097 O O   . HOH E 3 .  ? 19.089  3.940   -9.141  1.00 50.70 ? 136 HOH A O   1 
HETATM 1098 O O   . HOH E 3 .  ? 12.807  4.529   -8.705  1.00 34.09 ? 137 HOH A O   1 
HETATM 1099 O O   . HOH E 3 .  ? 18.881  5.614   -6.291  1.00 61.33 ? 138 HOH A O   1 
HETATM 1100 O O   . HOH E 3 .  ? 13.012  8.592   -6.596  1.00 52.08 ? 139 HOH A O   1 
HETATM 1101 O O   . HOH E 3 .  ? 24.810  -4.614  -4.941  1.00 51.09 ? 140 HOH A O   1 
HETATM 1102 O O   . HOH E 3 .  ? 23.077  8.276   -4.084  1.00 59.74 ? 141 HOH A O   1 
HETATM 1103 O O   . HOH E 3 .  ? 8.130   2.755   3.461   1.00 55.74 ? 142 HOH A O   1 
HETATM 1104 O O   . HOH E 3 .  ? 3.117   -12.429 -5.242  1.00 40.55 ? 143 HOH A O   1 
HETATM 1105 O O   . HOH E 3 .  ? 3.348   -16.959 0.720   1.00 56.94 ? 144 HOH A O   1 
HETATM 1106 O O   . HOH E 3 .  ? 4.695   -17.434 -1.626  1.00 50.62 ? 145 HOH A O   1 
HETATM 1107 O O   . HOH E 3 .  ? 4.681   -18.153 -6.103  1.00 51.96 ? 146 HOH A O   1 
HETATM 1108 O O   . HOH E 3 .  ? 15.630  -19.156 2.374   1.00 53.96 ? 147 HOH A O   1 
HETATM 1109 O O   . HOH E 3 .  ? 17.157  -21.794 -1.047  1.00 41.79 ? 148 HOH A O   1 
HETATM 1110 O O   . HOH E 3 .  ? 2.699   7.292   -8.010  1.00 43.40 ? 149 HOH A O   1 
HETATM 1111 O O   . HOH E 3 .  ? 7.681   1.009   -10.224 1.00 37.75 ? 150 HOH A O   1 
HETATM 1112 O O   . HOH E 3 .  ? 9.184   -2.186  -11.385 1.00 41.69 ? 151 HOH A O   1 
HETATM 1113 O O   . HOH E 3 .  ? 1.577   -3.574  -5.056  1.00 34.78 ? 152 HOH A O   1 
HETATM 1114 O O   . HOH E 3 .  ? 17.036  -15.469 2.837   1.00 48.35 ? 153 HOH A O   1 
HETATM 1115 O O   . HOH E 3 .  ? 13.838  -15.633 4.891   1.00 52.65 ? 154 HOH A O   1 
HETATM 1116 O O   . HOH E 3 .  ? 17.367  -2.204  12.523  1.00 54.18 ? 155 HOH A O   1 
HETATM 1117 O O   . HOH E 3 .  ? 9.387   -0.721  11.710  1.00 48.27 ? 156 HOH A O   1 
HETATM 1118 O O   . HOH E 3 .  ? 9.520   -21.764 13.302  1.00 40.90 ? 157 HOH A O   1 
HETATM 1119 O O   . HOH E 3 .  ? 6.628   -24.093 12.877  1.00 59.78 ? 158 HOH A O   1 
HETATM 1120 O O   . HOH E 3 .  ? 9.709   -15.839 4.553   1.00 47.97 ? 159 HOH A O   1 
HETATM 1121 O O   . HOH E 3 .  ? 16.951  -10.395 8.965   1.00 43.37 ? 160 HOH A O   1 
HETATM 1122 O O   . HOH E 3 .  ? 2.355   -13.990 2.042   1.00 40.69 ? 161 HOH A O   1 
HETATM 1123 O O   . HOH E 3 .  ? 1.917   -14.207 -2.166  1.00 45.78 ? 162 HOH A O   1 
HETATM 1124 O O   . HOH E 3 .  ? 24.129  -2.488  5.604   1.00 41.45 ? 163 HOH A O   1 
HETATM 1125 O O   . HOH E 3 .  ? 6.499   -12.677 -7.795  1.00 47.88 ? 164 HOH A O   1 
HETATM 1126 O O   . HOH E 3 .  ? 12.177  -22.564 -6.141  1.00 63.96 ? 165 HOH A O   1 
HETATM 1127 O O   . HOH E 3 .  ? 15.142  -15.737 -8.028  1.00 39.35 ? 166 HOH A O   1 
HETATM 1128 O O   . HOH E 3 .  ? 17.238  -16.671 -0.111  1.00 44.95 ? 167 HOH A O   1 
HETATM 1129 O O   . HOH E 3 .  ? 17.161  -14.685 -1.784  1.00 29.06 ? 168 HOH A O   1 
HETATM 1130 O O   . HOH E 3 .  ? 10.097  12.080  -0.750  1.00 42.20 ? 169 HOH A O   1 
HETATM 1131 O O   . HOH F 3 .  ? -21.131 6.357   -1.756  1.00 19.53 ? 101 HOH B O   1 
HETATM 1132 O O   . HOH F 3 .  ? -20.407 7.398   5.641   1.00 29.83 ? 102 HOH B O   1 
HETATM 1133 O O   . HOH F 3 .  ? -24.214 2.511   8.231   1.00 21.34 ? 103 HOH B O   1 
HETATM 1134 O O   . HOH F 3 .  ? -7.694  11.437  -9.982  1.00 22.16 ? 104 HOH B O   1 
HETATM 1135 O O   . HOH F 3 .  ? -15.743 5.912   5.503   1.00 24.06 ? 105 HOH B O   1 
HETATM 1136 O O   . HOH F 3 .  ? -6.237  12.286  4.657   1.00 25.75 ? 106 HOH B O   1 
HETATM 1137 O O   . HOH F 3 .  ? -5.461  14.069  -4.275  1.00 32.15 ? 107 HOH B O   1 
HETATM 1138 O O   . HOH F 3 .  ? -25.110 4.006   5.909   1.00 33.02 ? 108 HOH B O   1 
HETATM 1139 O O   . HOH F 3 .  ? -5.872  16.330  -5.625  1.00 28.42 ? 109 HOH B O   1 
HETATM 1140 O O   . HOH F 3 .  ? -1.319  10.021  -5.398  1.00 28.51 ? 110 HOH B O   1 
HETATM 1141 O O   . HOH F 3 .  ? -16.606 14.979  -13.218 1.00 40.17 ? 111 HOH B O   1 
HETATM 1142 O O   . HOH F 3 .  ? -19.832 0.286   9.838   1.00 45.97 ? 112 HOH B O   1 
HETATM 1143 O O   . HOH F 3 .  ? -5.381  5.300   -11.072 1.00 49.52 ? 113 HOH B O   1 
HETATM 1144 O O   . HOH F 3 .  ? -3.892  7.854   4.233   1.00 33.40 ? 114 HOH B O   1 
HETATM 1145 O O   . HOH F 3 .  ? -23.911 6.417   3.447   1.00 48.75 ? 115 HOH B O   1 
HETATM 1146 O O   . HOH F 3 .  ? -18.960 -0.944  -11.457 1.00 34.47 ? 116 HOH B O   1 
HETATM 1147 O O   . HOH F 3 .  ? -6.176  13.295  -8.338  1.00 25.25 ? 117 HOH B O   1 
HETATM 1148 O O   . HOH F 3 .  ? -26.351 -3.568  -0.406  1.00 31.76 ? 118 HOH B O   1 
HETATM 1149 O O   . HOH F 3 .  ? -18.603 -6.732  -6.003  1.00 26.91 ? 119 HOH B O   1 
HETATM 1150 O O   . HOH F 3 .  ? -13.057 -6.544  1.529   1.00 36.52 ? 120 HOH B O   1 
HETATM 1151 O O   . HOH F 3 .  ? -4.870  11.883  -12.224 1.00 63.55 ? 121 HOH B O   1 
HETATM 1152 O O   . HOH F 3 .  ? -7.902  12.721  6.751   1.00 39.46 ? 122 HOH B O   1 
HETATM 1153 O O   . HOH F 3 .  ? -5.365  9.575   -13.212 1.00 54.63 ? 123 HOH B O   1 
HETATM 1154 O O   . HOH F 3 .  ? -18.834 15.632  -0.240  1.00 31.73 ? 124 HOH B O   1 
HETATM 1155 O O   . HOH F 3 .  ? -5.490  20.341  -1.458  1.00 36.51 ? 125 HOH B O   1 
HETATM 1156 O O   . HOH F 3 .  ? -18.396 -1.528  8.814   1.00 35.83 ? 126 HOH B O   1 
HETATM 1157 O O   . HOH F 3 .  ? -1.167  7.569   4.148   1.00 38.99 ? 127 HOH B O   1 
HETATM 1158 O O   . HOH F 3 .  ? -7.693  15.924  -7.345  1.00 36.17 ? 128 HOH B O   1 
HETATM 1159 O O   . HOH F 3 .  ? -15.446 10.457  -12.270 1.00 44.06 ? 129 HOH B O   1 
HETATM 1160 O O   . HOH F 3 .  ? -26.667 -4.034  6.163   1.00 34.50 ? 130 HOH B O   1 
HETATM 1161 O O   . HOH F 3 .  ? -29.290 -1.476  1.933   1.00 36.01 ? 131 HOH B O   1 
HETATM 1162 O O   . HOH F 3 .  ? -15.901 10.591  5.566   1.00 37.46 ? 132 HOH B O   1 
HETATM 1163 O O   . HOH F 3 .  ? -4.353  9.998   5.852   1.00 31.79 ? 133 HOH B O   1 
HETATM 1164 O O   . HOH F 3 .  ? -25.628 -2.759  -3.701  1.00 36.32 ? 134 HOH B O   1 
HETATM 1165 O O   . HOH F 3 .  ? -1.453  8.439   -9.261  1.00 45.15 ? 135 HOH B O   1 
HETATM 1166 O O   . HOH F 3 .  ? -2.049  14.704  1.713   1.00 34.21 ? 136 HOH B O   1 
HETATM 1167 O O   . HOH F 3 .  ? 2.054   15.424  1.967   1.00 57.64 ? 137 HOH B O   1 
HETATM 1168 O O   . HOH F 3 .  ? -14.928 14.902  1.877   1.00 39.67 ? 138 HOH B O   1 
HETATM 1169 O O   . HOH F 3 .  ? -19.695 13.391  -0.878  1.00 29.81 ? 139 HOH B O   1 
HETATM 1170 O O   . HOH F 3 .  ? -4.921  12.181  -6.269  1.00 18.09 ? 140 HOH B O   1 
HETATM 1171 O O   . HOH F 3 .  ? -2.680  4.400   1.609   1.00 28.24 ? 141 HOH B O   1 
HETATM 1172 O O   . HOH F 3 .  ? -2.971  3.231   4.964   1.00 45.28 ? 142 HOH B O   1 
HETATM 1173 O O   . HOH F 3 .  ? -4.888  5.384   4.386   1.00 22.22 ? 143 HOH B O   1 
HETATM 1174 O O   . HOH F 3 .  ? -11.696 10.888  -12.951 1.00 47.57 ? 144 HOH B O   1 
HETATM 1175 O O   . HOH F 3 .  ? -8.177  -2.945  -3.398  1.00 42.28 ? 145 HOH B O   1 
HETATM 1176 O O   . HOH F 3 .  ? -6.473  -1.528  -6.405  1.00 58.86 ? 146 HOH B O   1 
HETATM 1177 O O   . HOH F 3 .  ? -5.783  -8.125  -6.563  1.00 55.19 ? 147 HOH B O   1 
HETATM 1178 O O   . HOH F 3 .  ? -3.049  -3.031  0.797   1.00 60.62 ? 148 HOH B O   1 
HETATM 1179 O O   . HOH F 3 .  ? -3.030  -0.936  -2.678  1.00 53.21 ? 149 HOH B O   1 
HETATM 1180 O O   . HOH F 3 .  ? -11.414 5.217   8.625   1.00 28.98 ? 150 HOH B O   1 
HETATM 1181 O O   . HOH F 3 .  ? -24.409 4.118   -0.772  1.00 36.09 ? 151 HOH B O   1 
HETATM 1182 O O   . HOH F 3 .  ? -21.012 3.614   -1.491  1.00 32.64 ? 152 HOH B O   1 
HETATM 1183 O O   . HOH F 3 .  ? -25.309 -0.951  -5.228  1.00 29.33 ? 153 HOH B O   1 
HETATM 1184 O O   . HOH F 3 .  ? -23.906 -6.907  4.252   1.00 46.92 ? 154 HOH B O   1 
HETATM 1185 O O   . HOH F 3 .  ? -20.403 -7.381  -0.566  1.00 46.29 ? 155 HOH B O   1 
HETATM 1186 O O   . HOH F 3 .  ? -22.444 -6.133  -4.477  1.00 44.93 ? 156 HOH B O   1 
HETATM 1187 O O   . HOH F 3 .  ? -13.120 -4.637  -0.216  1.00 20.96 ? 157 HOH B O   1 
HETATM 1188 O O   . HOH F 3 .  ? -9.169  15.438  -9.416  1.00 47.53 ? 158 HOH B O   1 
HETATM 1189 O O   . HOH F 3 .  ? -19.561 12.729  -16.350 1.00 45.93 ? 159 HOH B O   1 
HETATM 1190 O O   . HOH F 3 .  ? -23.572 13.879  -11.890 1.00 49.09 ? 160 HOH B O   1 
HETATM 1191 O O   . HOH F 3 .  ? -23.017 14.312  -9.212  1.00 46.02 ? 161 HOH B O   1 
HETATM 1192 O O   . HOH F 3 .  ? -22.206 17.763  -10.459 1.00 51.50 ? 162 HOH B O   1 
HETATM 1193 O O   . HOH F 3 .  ? -15.390 19.869  -4.871  1.00 36.99 ? 163 HOH B O   1 
HETATM 1194 O O   . HOH F 3 .  ? -9.265  -9.913  0.484   1.00 53.17 ? 164 HOH B O   1 
HETATM 1195 O O   . HOH F 3 .  ? -12.143 -3.690  -12.437 1.00 46.06 ? 165 HOH B O   1 
HETATM 1196 O O   . HOH F 3 .  ? -8.230  4.025   -12.845 1.00 37.82 ? 166 HOH B O   1 
HETATM 1197 O O   . HOH F 3 .  ? -16.069 -3.392  -11.294 1.00 41.86 ? 167 HOH B O   1 
HETATM 1198 O O   . HOH F 3 .  ? -10.558 11.461  6.566   1.00 41.68 ? 168 HOH B O   1 
HETATM 1199 O O   . HOH F 3 .  ? -0.022  6.451   -3.134  1.00 51.96 ? 169 HOH B O   1 
HETATM 1200 O O   . HOH F 3 .  ? -7.316  -2.913  -0.521  1.00 40.46 ? 170 HOH B O   1 
HETATM 1201 O O   . HOH F 3 .  ? -23.686 4.636   1.623   1.00 56.32 ? 171 HOH B O   1 
HETATM 1202 O O   . HOH F 3 .  ? -23.750 -5.714  -2.222  1.00 48.75 ? 172 HOH B O   1 
HETATM 1203 O O   . HOH F 3 .  ? -21.260 3.177   -4.096  1.00 54.97 ? 173 HOH B O   1 
HETATM 1204 O O   . HOH F 3 .  ? -25.890 3.166   3.483   1.00 47.73 ? 174 HOH B O   1 
HETATM 1205 O O   . HOH F 3 .  ? -9.300  -0.364  -14.877 1.00 49.75 ? 175 HOH B O   1 
HETATM 1206 O O   . HOH F 3 .  ? -13.368 -11.445 -8.594  1.00 45.25 ? 176 HOH B O   1 
HETATM 1207 O O   . HOH F 3 .  ? -20.770 9.970   6.130   1.00 43.07 ? 177 HOH B O   1 
HETATM 1208 O O   . HOH F 3 .  ? -13.573 8.718   -12.060 1.00 41.19 ? 178 HOH B O   1 
HETATM 1209 O O   . HOH G 3 .  ? 23.064  4.542   2.475   1.00 37.57 ? 101 HOH C O   1 
HETATM 1210 O O   . HOH G 3 .  ? 9.470   10.589  -8.006  1.00 42.59 ? 102 HOH C O   1 
HETATM 1211 O O   . HOH G 3 .  ? 15.704  6.222   4.939   1.00 35.09 ? 103 HOH C O   1 
HETATM 1212 O O   . HOH G 3 .  ? 15.785  5.026   2.447   1.00 27.57 ? 104 HOH C O   1 
HETATM 1213 O O   . HOH G 3 .  ? 13.977  6.647   0.396   1.00 27.27 ? 105 HOH C O   1 
HETATM 1214 O O   . HOH G 3 .  ? 6.326   9.062   -7.791  1.00 25.19 ? 106 HOH C O   1 
HETATM 1215 O O   . HOH G 3 .  ? 11.229  13.188  -9.360  1.00 54.54 ? 107 HOH C O   1 
HETATM 1216 O O   . HOH G 3 .  ? 21.068  1.650   7.772   1.00 37.90 ? 108 HOH C O   1 
HETATM 1217 O O   . HOH G 3 .  ? 25.445  9.466   5.841   1.00 47.87 ? 109 HOH C O   1 
HETATM 1218 O O   . HOH H 3 .  ? -12.971 -4.748  4.029   1.00 26.79 ? 101 HOH D O   1 
HETATM 1219 O O   . HOH H 3 .  ? -14.131 -0.466  10.883  1.00 36.23 ? 102 HOH D O   1 
HETATM 1220 O O   . HOH H 3 .  ? -11.725 -7.042  8.057   1.00 47.97 ? 103 HOH D O   1 
HETATM 1221 O O   . HOH H 3 .  ? -11.108 -5.749  5.880   1.00 37.32 ? 104 HOH D O   1 
HETATM 1222 O O   . HOH H 3 .  ? -11.300 -12.240 -6.859  1.00 55.38 ? 105 HOH D O   1 
# 
loop_
_atom_site_anisotrop.id 
_atom_site_anisotrop.type_symbol 
_atom_site_anisotrop.pdbx_label_atom_id 
_atom_site_anisotrop.pdbx_label_alt_id 
_atom_site_anisotrop.pdbx_label_comp_id 
_atom_site_anisotrop.pdbx_label_asym_id 
_atom_site_anisotrop.pdbx_label_seq_id 
_atom_site_anisotrop.pdbx_PDB_ins_code 
_atom_site_anisotrop.U[1][1] 
_atom_site_anisotrop.U[2][2] 
_atom_site_anisotrop.U[3][3] 
_atom_site_anisotrop.U[1][2] 
_atom_site_anisotrop.U[1][3] 
_atom_site_anisotrop.U[2][3] 
_atom_site_anisotrop.pdbx_auth_seq_id 
_atom_site_anisotrop.pdbx_auth_comp_id 
_atom_site_anisotrop.pdbx_auth_asym_id 
_atom_site_anisotrop.pdbx_auth_atom_id 
1   N N   . ARG A 1  ? 0.4379 0.5229 0.4453 -0.0797 -0.0014 0.1127  28 ARG A N   
2   C CA  . ARG A 1  ? 0.4803 0.5391 0.4920 -0.0765 -0.0055 0.1132  28 ARG A CA  
3   C C   . ARG A 1  ? 0.4769 0.5142 0.4820 -0.0678 -0.0044 0.0958  28 ARG A C   
4   O O   . ARG A 1  ? 0.4946 0.5211 0.4965 -0.0629 -0.0050 0.0933  28 ARG A O   
5   C CB  . ARG A 1  ? 0.4412 0.4856 0.4689 -0.0821 -0.0119 0.1253  28 ARG A CB  
6   C CG  . ARG A 1  ? 0.4091 0.4213 0.4416 -0.0769 -0.0159 0.1165  28 ARG A CG  
7   C CD  . ARG A 1  ? 0.5893 0.5856 0.6358 -0.0795 -0.0225 0.1293  28 ARG A CD  
8   N NE  . ARG A 1  ? 0.7023 0.6772 0.7605 -0.0814 -0.0282 0.1269  28 ARG A NE  
9   C CZ  . ARG A 1  ? 0.7527 0.7280 0.8254 -0.0905 -0.0334 0.1397  28 ARG A CZ  
10  N NH1 . ARG A 1  ? 0.7452 0.7430 0.8230 -0.0985 -0.0332 0.1576  28 ARG A NH1 
11  N NH2 . ARG A 1  ? 0.6650 0.6192 0.7479 -0.0920 -0.0390 0.1352  28 ARG A NH2 
12  N N   . PRO A 2  ? 0.5137 0.5469 0.5175 -0.0660 -0.0028 0.0851  29 PRO A N   
13  C CA  . PRO A 2  ? 0.4522 0.4691 0.4499 -0.0577 -0.0015 0.0700  29 PRO A CA  
14  C C   . PRO A 2  ? 0.4010 0.4273 0.3872 -0.0532 0.0026  0.0631  29 PRO A C   
15  O O   . PRO A 2  ? 0.3838 0.4307 0.3645 -0.0550 0.0061  0.0629  29 PRO A O   
16  C CB  . PRO A 2  ? 0.5183 0.5367 0.5168 -0.0576 0.0002  0.0621  29 PRO A CB  
17  C CG  . PRO A 2  ? 0.5410 0.5678 0.5492 -0.0661 -0.0025 0.0737  29 PRO A CG  
18  C CD  . PRO A 2  ? 0.4879 0.5319 0.4963 -0.0710 -0.0023 0.0869  29 PRO A CD  
19  N N   . ARG A 3  ? 0.3522 0.3642 0.3350 -0.0472 0.0018  0.0574  30 ARG A N   
20  C CA  . ARG A 3  ? 0.3603 0.3784 0.3338 -0.0435 0.0045  0.0511  30 ARG A CA  
21  C C   . ARG A 3  ? 0.3752 0.3927 0.3440 -0.0392 0.0076  0.0377  30 ARG A C   
22  O O   . ARG A 3  ? 0.3502 0.3774 0.3120 -0.0377 0.0102  0.0316  30 ARG A O   
23  C CB  . ARG A 3  ? 0.3634 0.3674 0.3370 -0.0393 0.0019  0.0521  30 ARG A CB  
24  C CG  . ARG A 3  ? 0.3737 0.3821 0.3388 -0.0363 0.0034  0.0470  30 ARG A CG  
25  C CD  . ARG A 3  ? 0.4455 0.4424 0.4119 -0.0324 0.0007  0.0506  30 ARG A CD  
26  N NE  . ARG A 3  ? 0.4141 0.3952 0.3829 -0.0262 -0.0003 0.0434  30 ARG A NE  
27  C CZ  . ARG A 3  ? 0.4183 0.3975 0.3832 -0.0220 0.0008  0.0351  30 ARG A CZ  
28  N NH1 . ARG A 3  ? 0.3803 0.3692 0.3389 -0.0234 0.0026  0.0319  30 ARG A NH1 
29  N NH2 . ARG A 3  ? 0.3728 0.3410 0.3403 -0.0164 0.0000  0.0301  30 ARG A NH2 
30  N N   . LEU A 4  ? 0.3051 0.3116 0.2787 -0.0370 0.0069  0.0332  31 LEU A N   
31  C CA  . LEU A 4  ? 0.2802 0.2851 0.2516 -0.0325 0.0095  0.0220  31 LEU A CA  
32  C C   . LEU A 4  ? 0.2515 0.2624 0.2268 -0.0349 0.0108  0.0212  31 LEU A C   
33  O O   . LEU A 4  ? 0.3052 0.3135 0.2871 -0.0391 0.0081  0.0277  31 LEU A O   
34  C CB  . LEU A 4  ? 0.2363 0.2246 0.2091 -0.0266 0.0077  0.0171  31 LEU A CB  
35  C CG  . LEU A 4  ? 0.2601 0.2433 0.2295 -0.0238 0.0062  0.0185  31 LEU A CG  
36  C CD1 . LEU A 4  ? 0.3410 0.3111 0.3130 -0.0179 0.0041  0.0156  31 LEU A CD1 
37  C CD2 . LEU A 4  ? 0.2409 0.2321 0.2040 -0.0227 0.0085  0.0135  31 LEU A CD2 
38  N N   . TRP A 5  ? 0.2860 0.3049 0.2587 -0.0321 0.0142  0.0134  32 TRP A N   
39  C CA  . TRP A 5  ? 0.2702 0.2975 0.2468 -0.0338 0.0159  0.0127  32 TRP A CA  
40  C C   . TRP A 5  ? 0.3336 0.3620 0.3089 -0.0279 0.0190  0.0025  32 TRP A C   
41  O O   . TRP A 5  ? 0.2924 0.3188 0.2635 -0.0234 0.0204  -0.0037 32 TRP A O   
42  C CB  . TRP A 5  ? 0.2949 0.3425 0.2703 -0.0392 0.0176  0.0192  32 TRP A CB  
43  C CG  . TRP A 5  ? 0.2927 0.3546 0.2603 -0.0370 0.0209  0.0145  32 TRP A CG  
44  C CD1 . TRP A 5  ? 0.3503 0.4225 0.3145 -0.0326 0.0248  0.0053  32 TRP A CD1 
45  C CD2 . TRP A 5  ? 0.2954 0.3637 0.2581 -0.0389 0.0203  0.0182  32 TRP A CD2 
46  N NE1 . TRP A 5  ? 0.2961 0.3796 0.2533 -0.0315 0.0263  0.0016  32 TRP A NE1 
47  C CE2 . TRP A 5  ? 0.2989 0.3813 0.2547 -0.0356 0.0238  0.0097  32 TRP A CE2 
48  C CE3 . TRP A 5  ? 0.3189 0.3827 0.2827 -0.0427 0.0171  0.0279  32 TRP A CE3 
49  C CZ2 . TRP A 5  ? 0.3429 0.4359 0.2921 -0.0367 0.0238  0.0099  32 TRP A CZ2 
50  C CZ3 . TRP A 5  ? 0.3755 0.4506 0.3331 -0.0437 0.0176  0.0297  32 TRP A CZ3 
51  C CH2 . TRP A 5  ? 0.3900 0.4803 0.3401 -0.0411 0.0208  0.0204  32 TRP A CH2 
52  N N   . GLU A 6  ? 0.3757 0.4075 0.3555 -0.0282 0.0197  0.0017  33 GLU A N   
53  C CA  . GLU A 6  ? 0.3610 0.3956 0.3413 -0.0225 0.0228  -0.0064 33 GLU A CA  
54  C C   . GLU A 6  ? 0.3610 0.4088 0.3368 -0.0196 0.0267  -0.0115 33 GLU A C   
55  O O   . GLU A 6  ? 0.3661 0.4298 0.3398 -0.0230 0.0282  -0.0082 33 GLU A O   
56  C CB  . GLU A 6  ? 0.3792 0.4196 0.3654 -0.0246 0.0229  -0.0049 33 GLU A CB  
57  C CG  . GLU A 6  ? 0.4259 0.4542 0.4172 -0.0275 0.0185  -0.0018 33 GLU A CG  
58  C CD  . GLU A 6  ? 0.5840 0.6182 0.5809 -0.0286 0.0185  -0.0025 33 GLU A CD  
59  O OE1 . GLU A 6  ? 0.5431 0.5901 0.5401 -0.0260 0.0224  -0.0053 33 GLU A OE1 
60  O OE2 . GLU A 6  ? 0.6176 0.6438 0.6190 -0.0320 0.0143  -0.0009 33 GLU A OE2 
61  N N   . GLY A 7  ? 0.3127 0.3548 0.2877 -0.0131 0.0280  -0.0196 34 GLY A N   
62  C CA  . GLY A 7  ? 0.2917 0.3436 0.2635 -0.0091 0.0311  -0.0270 34 GLY A CA  
63  C C   . GLY A 7  ? 0.2844 0.3339 0.2502 -0.0095 0.0299  -0.0295 34 GLY A C   
64  O O   . GLY A 7  ? 0.3200 0.3747 0.2829 -0.0057 0.0316  -0.0376 34 GLY A O   
65  N N   . GLN A 8  ? 0.3394 0.3812 0.3036 -0.0137 0.0268  -0.0228 35 GLN A N   
66  C CA  . GLN A 8  ? 0.2863 0.3262 0.2450 -0.0148 0.0252  -0.0235 35 GLN A CA  
67  C C   . GLN A 8  ? 0.3024 0.3290 0.2621 -0.0102 0.0238  -0.0302 35 GLN A C   
68  O O   . GLN A 8  ? 0.3036 0.3180 0.2681 -0.0080 0.0223  -0.0288 35 GLN A O   
69  C CB  . GLN A 8  ? 0.2808 0.3157 0.2394 -0.0199 0.0223  -0.0134 35 GLN A CB  
70  C CG  . GLN A 8  ? 0.2248 0.2624 0.1776 -0.0220 0.0207  -0.0116 35 GLN A CG  
71  C CD  . GLN A 8  ? 0.2722 0.3048 0.2264 -0.0262 0.0179  -0.0007 35 GLN A CD  
72  O OE1 . GLN A 8  ? 0.2649 0.2860 0.2243 -0.0258 0.0162  0.0029  35 GLN A OE1 
73  N NE2 . GLN A 8  ? 0.3531 0.3954 0.3032 -0.0300 0.0172  0.0046  35 GLN A NE2 
74  N N   . ASP A 9  ? 0.3127 0.3427 0.2679 -0.0092 0.0236  -0.0368 36 ASP A N   
75  C CA  . ASP A 9  ? 0.3327 0.3499 0.2895 -0.0068 0.0210  -0.0415 36 ASP A CA  
76  C C   . ASP A 9  ? 0.3318 0.3428 0.2861 -0.0105 0.0177  -0.0342 36 ASP A C   
77  O O   . ASP A 9  ? 0.2985 0.3183 0.2472 -0.0146 0.0173  -0.0302 36 ASP A O   
78  C CB  . ASP A 9  ? 0.3897 0.4119 0.3435 -0.0045 0.0213  -0.0527 36 ASP A CB  
79  C CG  . ASP A 9  ? 0.5289 0.5539 0.4870 0.0013  0.0241  -0.0610 36 ASP A CG  
80  O OD1 . ASP A 9  ? 0.5919 0.6238 0.5473 0.0040  0.0249  -0.0715 36 ASP A OD1 
81  O OD2 . ASP A 9  ? 0.4923 0.5134 0.4564 0.0035  0.0255  -0.0577 36 ASP A OD2 
82  N N   . VAL A 10 ? 0.2874 0.2856 0.2464 -0.0085 0.0154  -0.0318 37 VAL A N   
83  C CA  . VAL A 10 ? 0.2585 0.2516 0.2161 -0.0109 0.0125  -0.0242 37 VAL A CA  
84  C C   . VAL A 10 ? 0.2799 0.2641 0.2408 -0.0090 0.0094  -0.0252 37 VAL A C   
85  O O   . VAL A 10 ? 0.2788 0.2581 0.2453 -0.0058 0.0092  -0.0301 37 VAL A O   
86  C CB  . VAL A 10 ? 0.2807 0.2696 0.2413 -0.0104 0.0123  -0.0168 37 VAL A CB  
87  C CG1 . VAL A 10 ? 0.2229 0.2200 0.1818 -0.0139 0.0140  -0.0131 37 VAL A CG1 
88  C CG2 . VAL A 10 ? 0.2139 0.1970 0.1812 -0.0058 0.0128  -0.0191 37 VAL A CG2 
89  N N   . LEU A 11 ? 0.2299 0.2126 0.1885 -0.0112 0.0067  -0.0195 38 LEU A N   
90  C CA  . LEU A 11 ? 0.3287 0.3045 0.2915 -0.0098 0.0036  -0.0170 38 LEU A CA  
91  C C   . LEU A 11 ? 0.2960 0.2690 0.2617 -0.0070 0.0032  -0.0093 38 LEU A C   
92  O O   . LEU A 11 ? 0.2862 0.2610 0.2486 -0.0082 0.0035  -0.0043 38 LEU A O   
93  C CB  . LEU A 11 ? 0.3791 0.3576 0.3378 -0.0137 0.0006  -0.0155 38 LEU A CB  
94  C CG  . LEU A 11 ? 0.3827 0.3652 0.3380 -0.0165 0.0000  -0.0246 38 LEU A CG  
95  C CD1 . LEU A 11 ? 0.3731 0.3587 0.3248 -0.0208 -0.0038 -0.0222 38 LEU A CD1 
96  C CD2 . LEU A 11 ? 0.3546 0.3298 0.3167 -0.0136 -0.0007 -0.0330 38 LEU A CD2 
97  N N   . ALA A 12 ? 0.2202 0.1895 0.1926 -0.0032 0.0024  -0.0084 39 ALA A N   
98  C CA  . ALA A 12 ? 0.2120 0.1808 0.1867 0.0004  0.0020  -0.0029 39 ALA A CA  
99  C C   . ALA A 12 ? 0.2548 0.2243 0.2328 0.0019  -0.0011 0.0027  39 ALA A C   
100 O O   . ALA A 12 ? 0.2511 0.2199 0.2346 0.0018  -0.0027 0.0021  39 ALA A O   
101 C CB  . ALA A 12 ? 0.2348 0.2034 0.2144 0.0039  0.0040  -0.0056 39 ALA A CB  
102 N N   . ARG A 13 ? 0.2271 0.1988 0.2031 0.0035  -0.0023 0.0086  40 ARG A N   
103 C CA  . ARG A 13 ? 0.1894 0.1653 0.1687 0.0054  -0.0051 0.0149  40 ARG A CA  
104 C C   . ARG A 13 ? 0.2510 0.2306 0.2364 0.0112  -0.0049 0.0163  40 ARG A C   
105 O O   . ARG A 13 ? 0.2568 0.2367 0.2412 0.0150  -0.0034 0.0146  40 ARG A O   
106 C CB  . ARG A 13 ? 0.2354 0.2143 0.2105 0.0060  -0.0063 0.0208  40 ARG A CB  
107 C CG  . ARG A 13 ? 0.2781 0.2637 0.2562 0.0065  -0.0095 0.0282  40 ARG A CG  
108 C CD  . ARG A 13 ? 0.2698 0.2597 0.2436 0.0066  -0.0106 0.0343  40 ARG A CD  
109 N NE  . ARG A 13 ? 0.2962 0.2833 0.2641 0.0009  -0.0103 0.0327  40 ARG A NE  
110 C CZ  . ARG A 13 ? 0.3313 0.3203 0.2975 -0.0053 -0.0121 0.0324  40 ARG A CZ  
111 N NH1 . ARG A 13 ? 0.2980 0.2892 0.2690 -0.0072 -0.0150 0.0338  40 ARG A NH1 
112 N NH2 . ARG A 13 ? 0.3158 0.3057 0.2763 -0.0099 -0.0115 0.0308  40 ARG A NH2 
113 N N   . TRP A 14 ? 0.2373 0.2207 0.2296 0.0114  -0.0067 0.0195  41 TRP A N   
114 C CA  . TRP A 14 ? 0.2339 0.2242 0.2332 0.0164  -0.0066 0.0221  41 TRP A CA  
115 C C   . TRP A 14 ? 0.2254 0.2271 0.2263 0.0206  -0.0086 0.0302  41 TRP A C   
116 O O   . TRP A 14 ? 0.2601 0.2631 0.2568 0.0198  -0.0099 0.0337  41 TRP A O   
117 C CB  . TRP A 14 ? 0.2197 0.2083 0.2278 0.0143  -0.0077 0.0224  41 TRP A CB  
118 C CG  . TRP A 14 ? 0.2596 0.2565 0.2764 0.0187  -0.0075 0.0258  41 TRP A CG  
119 C CD1 . TRP A 14 ? 0.2711 0.2755 0.2984 0.0192  -0.0102 0.0340  41 TRP A CD1 
120 C CD2 . TRP A 14 ? 0.2229 0.2232 0.2395 0.0228  -0.0046 0.0218  41 TRP A CD2 
121 N NE1 . TRP A 14 ? 0.2842 0.2979 0.3177 0.0236  -0.0089 0.0360  41 TRP A NE1 
122 C CE2 . TRP A 14 ? 0.2942 0.3054 0.3207 0.0260  -0.0053 0.0279  41 TRP A CE2 
123 C CE3 . TRP A 14 ? 0.2340 0.2300 0.2438 0.0235  -0.0016 0.0143  41 TRP A CE3 
124 C CZ2 . TRP A 14 ? 0.2981 0.3168 0.3268 0.0301  -0.0032 0.0260  41 TRP A CZ2 
125 C CZ3 . TRP A 14 ? 0.2444 0.2464 0.2567 0.0271  0.0001  0.0122  41 TRP A CZ3 
126 C CH2 . TRP A 14 ? 0.2569 0.2707 0.2782 0.0305  -0.0006 0.0175  41 TRP A CH2 
127 N N   . THR A 15 ? 0.2471 0.2595 0.2542 0.0254  -0.0087 0.0337  42 THR A N   
128 C CA  . THR A 15 ? 0.2313 0.2589 0.2402 0.0306  -0.0102 0.0411  42 THR A CA  
129 C C   . THR A 15 ? 0.2718 0.3058 0.2858 0.0272  -0.0138 0.0512  42 THR A C   
130 O O   . THR A 15 ? 0.2462 0.2946 0.2612 0.0312  -0.0151 0.0585  42 THR A O   
131 C CB  . THR A 15 ? 0.2204 0.2611 0.2348 0.0363  -0.0094 0.0423  42 THR A CB  
132 O OG1 . THR A 15 ? 0.3061 0.3465 0.3299 0.0329  -0.0102 0.0453  42 THR A OG1 
133 C CG2 . THR A 15 ? 0.2391 0.2746 0.2483 0.0393  -0.0067 0.0323  42 THR A CG2 
134 N N   . ASP A 16 ? 0.2484 0.2732 0.2667 0.0204  -0.0156 0.0513  43 ASP A N   
135 C CA  . ASP A 16 ? 0.2756 0.3040 0.2992 0.0154  -0.0199 0.0599  43 ASP A CA  
136 C C   . ASP A 16 ? 0.2810 0.3026 0.2960 0.0111  -0.0207 0.0581  43 ASP A C   
137 O O   . ASP A 16 ? 0.2726 0.2966 0.2906 0.0061  -0.0246 0.0642  43 ASP A O   
138 C CB  . ASP A 16 ? 0.2790 0.3005 0.3132 0.0102  -0.0226 0.0612  43 ASP A CB  
139 C CG  . ASP A 16 ? 0.2118 0.2158 0.2426 0.0070  -0.0209 0.0492  43 ASP A CG  
140 O OD1 . ASP A 16 ? 0.1809 0.1788 0.2007 0.0074  -0.0178 0.0413  43 ASP A OD1 
141 O OD2 . ASP A 16 ? 0.2934 0.2905 0.3332 0.0044  -0.0227 0.0481  43 ASP A OD2 
142 N N   . GLY A 17 ? 0.2213 0.2360 0.2266 0.0127  -0.0175 0.0505  44 GLY A N   
143 C CA  . GLY A 17 ? 0.2846 0.2948 0.2821 0.0088  -0.0180 0.0495  44 GLY A CA  
144 C C   . GLY A 17 ? 0.2193 0.2180 0.2148 0.0012  -0.0187 0.0429  44 GLY A C   
145 O O   . GLY A 17 ? 0.2478 0.2452 0.2370 -0.0028 -0.0193 0.0420  44 GLY A O   
146 N N   . LEU A 18 ? 0.2303 0.2224 0.2315 -0.0003 -0.0188 0.0379  45 LEU A N   
147 C CA  . LEU A 18 ? 0.2889 0.2710 0.2888 -0.0060 -0.0195 0.0297  45 LEU A CA  
148 C C   . LEU A 18 ? 0.2656 0.2412 0.2598 -0.0046 -0.0151 0.0199  45 LEU A C   
149 O O   . LEU A 18 ? 0.2210 0.1977 0.2155 0.0004  -0.0120 0.0192  45 LEU A O   
150 C CB  . LEU A 18 ? 0.2285 0.2064 0.2399 -0.0085 -0.0232 0.0301  45 LEU A CB  
151 C CG  . LEU A 18 ? 0.2396 0.2243 0.2589 -0.0116 -0.0286 0.0411  45 LEU A CG  
152 C CD1 . LEU A 18 ? 0.2819 0.2605 0.3150 -0.0141 -0.0325 0.0421  45 LEU A CD1 
153 C CD2 . LEU A 18 ? 0.2672 0.2531 0.2804 -0.0176 -0.0315 0.0417  45 LEU A CD2 
154 N N   . LEU A 19 ? 0.2205 0.1913 0.2101 -0.0090 -0.0150 0.0123  46 LEU A N   
155 C CA  . LEU A 19 ? 0.2299 0.1972 0.2143 -0.0082 -0.0110 0.0038  46 LEU A CA  
156 C C   . LEU A 19 ? 0.2452 0.2065 0.2363 -0.0071 -0.0106 -0.0033 46 LEU A C   
157 O O   . LEU A 19 ? 0.2361 0.1929 0.2335 -0.0094 -0.0141 -0.0054 46 LEU A O   
158 C CB  . LEU A 19 ? 0.2725 0.2420 0.2478 -0.0128 -0.0107 -0.0004 46 LEU A CB  
159 C CG  . LEU A 19 ? 0.2722 0.2477 0.2406 -0.0138 -0.0104 0.0065  46 LEU A CG  
160 C CD1 . LEU A 19 ? 0.3047 0.2847 0.2654 -0.0189 -0.0103 0.0023  46 LEU A CD1 
161 C CD2 . LEU A 19 ? 0.2546 0.2304 0.2216 -0.0094 -0.0070 0.0091  46 LEU A CD2 
162 N N   . TYR A 20 ? 0.2214 0.1827 0.2122 -0.0035 -0.0066 -0.0068 47 TYR A N   
163 C CA  . TYR A 20 ? 0.2021 0.1589 0.1986 -0.0015 -0.0053 -0.0137 47 TYR A CA  
164 C C   . TYR A 20 ? 0.2111 0.1698 0.2006 -0.0013 -0.0011 -0.0215 47 TYR A C   
165 O O   . TYR A 20 ? 0.2613 0.2245 0.2453 -0.0010 0.0014  -0.0191 47 TYR A O   
166 C CB  . TYR A 20 ? 0.2463 0.2045 0.2516 0.0032  -0.0047 -0.0086 47 TYR A CB  
167 C CG  . TYR A 20 ? 0.2286 0.1880 0.2431 0.0031  -0.0089 0.0000  47 TYR A CG  
168 C CD1 . TYR A 20 ? 0.1985 0.1647 0.2108 0.0032  -0.0103 0.0085  47 TYR A CD1 
169 C CD2 . TYR A 20 ? 0.2753 0.2297 0.3015 0.0030  -0.0118 0.0002  47 TYR A CD2 
170 C CE1 . TYR A 20 ? 0.1863 0.1568 0.2073 0.0030  -0.0142 0.0178  47 TYR A CE1 
171 C CE2 . TYR A 20 ? 0.3273 0.2843 0.3633 0.0021  -0.0162 0.0102  47 TYR A CE2 
172 C CZ  . TYR A 20 ? 0.2790 0.2452 0.3120 0.0020  -0.0172 0.0192  47 TYR A CZ  
173 O OH  . TYR A 20 ? 0.2709 0.2432 0.3141 0.0010  -0.0215 0.0303  47 TYR A OH  
174 N N   . LEU A 21 ? 0.2599 0.2159 0.2508 -0.0011 -0.0008 -0.0306 48 LEU A N   
175 C CA  . LEU A 21 ? 0.2623 0.2235 0.2471 -0.0005 0.0033  -0.0379 48 LEU A CA  
176 C C   . LEU A 21 ? 0.3565 0.3196 0.3456 0.0038  0.0069  -0.0370 48 LEU A C   
177 O O   . LEU A 21 ? 0.3371 0.2963 0.3356 0.0073  0.0063  -0.0363 48 LEU A O   
178 C CB  . LEU A 21 ? 0.3577 0.3171 0.3425 -0.0005 0.0025  -0.0492 48 LEU A CB  
179 C CG  . LEU A 21 ? 0.4528 0.4211 0.4315 0.0010  0.0066  -0.0578 48 LEU A CG  
180 C CD1 . LEU A 21 ? 0.4101 0.3893 0.3776 -0.0035 0.0080  -0.0555 48 LEU A CD1 
181 C CD2 . LEU A 21 ? 0.5242 0.4891 0.5055 0.0032  0.0053  -0.0706 48 LEU A CD2 
182 N N   . GLY A 22 ? 0.3141 0.2842 0.2971 0.0030  0.0102  -0.0361 49 GLY A N   
183 C CA  . GLY A 22 ? 0.2969 0.2701 0.2835 0.0060  0.0130  -0.0350 49 GLY A CA  
184 C C   . GLY A 22 ? 0.3143 0.2963 0.2947 0.0042  0.0164  -0.0372 49 GLY A C   
185 O O   . GLY A 22 ? 0.2664 0.2533 0.2399 0.0009  0.0167  -0.0391 49 GLY A O   
186 N N   . THR A 23 ? 0.2729 0.2588 0.2564 0.0059  0.0187  -0.0359 50 THR A N   
187 C CA  . THR A 23 ? 0.2753 0.2712 0.2548 0.0036  0.0216  -0.0362 50 THR A CA  
188 C C   . THR A 23 ? 0.2844 0.2804 0.2655 0.0020  0.0213  -0.0300 50 THR A C   
189 O O   . THR A 23 ? 0.2916 0.2849 0.2782 0.0050  0.0209  -0.0289 50 THR A O   
190 C CB  . THR A 23 ? 0.3221 0.3253 0.3049 0.0074  0.0248  -0.0425 50 THR A CB  
191 O OG1 . THR A 23 ? 0.3560 0.3575 0.3382 0.0098  0.0246  -0.0504 50 THR A OG1 
192 C CG2 . THR A 23 ? 0.3270 0.3435 0.3058 0.0045  0.0276  -0.0412 50 THR A CG2 
193 N N   . ILE A 24 ? 0.2510 0.2507 0.2278 -0.0028 0.0210  -0.0259 51 ILE A N   
194 C CA  . ILE A 24 ? 0.3036 0.3016 0.2827 -0.0047 0.0198  -0.0210 51 ILE A CA  
195 C C   . ILE A 24 ? 0.3058 0.3116 0.2890 -0.0043 0.0220  -0.0222 51 ILE A C   
196 O O   . ILE A 24 ? 0.2965 0.3129 0.2787 -0.0055 0.0246  -0.0235 51 ILE A O   
197 C CB  . ILE A 24 ? 0.2404 0.2386 0.2159 -0.0103 0.0181  -0.0150 51 ILE A CB  
198 C CG1 . ILE A 24 ? 0.2011 0.1918 0.1736 -0.0100 0.0157  -0.0126 51 ILE A CG1 
199 C CG2 . ILE A 24 ? 0.2243 0.2194 0.2037 -0.0126 0.0162  -0.0110 51 ILE A CG2 
200 C CD1 . ILE A 24 ? 0.2724 0.2639 0.2423 -0.0149 0.0141  -0.0057 51 ILE A CD1 
201 N N   . LYS A 25 ? 0.3253 0.3277 0.3131 -0.0022 0.0209  -0.0219 52 LYS A N   
202 C CA  . LYS A 25 ? 0.3743 0.3845 0.3665 -0.0022 0.0224  -0.0224 52 LYS A CA  
203 C C   . LYS A 25 ? 0.3300 0.3400 0.3232 -0.0076 0.0200  -0.0186 52 LYS A C   
204 O O   . LYS A 25 ? 0.3584 0.3774 0.3535 -0.0111 0.0210  -0.0171 52 LYS A O   
205 C CB  . LYS A 25 ? 0.2600 0.2695 0.2576 0.0034  0.0225  -0.0244 52 LYS A CB  
206 C CG  . LYS A 25 ? 0.3420 0.3522 0.3420 0.0085  0.0246  -0.0276 52 LYS A CG  
207 C CD  . LYS A 25 ? 0.5349 0.5546 0.5346 0.0087  0.0280  -0.0306 52 LYS A CD  
208 C CE  . LYS A 25 ? 0.6606 0.6781 0.6621 0.0137  0.0295  -0.0356 52 LYS A CE  
209 N NZ  . LYS A 25 ? 0.7620 0.7903 0.7624 0.0151  0.0330  -0.0400 52 LYS A NZ  
210 N N   . LYS A 26 ? 0.2678 0.2675 0.2602 -0.0082 0.0164  -0.0169 53 LYS A N   
211 C CA  . LYS A 26 ? 0.3178 0.3137 0.3125 -0.0128 0.0129  -0.0144 53 LYS A CA  
212 C C   . LYS A 26 ? 0.3481 0.3331 0.3407 -0.0138 0.0098  -0.0115 53 LYS A C   
213 O O   . LYS A 26 ? 0.3405 0.3202 0.3305 -0.0094 0.0095  -0.0127 53 LYS A O   
214 C CB  . LYS A 26 ? 0.3638 0.3589 0.3625 -0.0102 0.0111  -0.0180 53 LYS A CB  
215 C CG  . LYS A 26 ? 0.4763 0.4834 0.4785 -0.0088 0.0139  -0.0200 53 LYS A CG  
216 C CD  . LYS A 26 ? 0.4724 0.4877 0.4770 -0.0154 0.0141  -0.0172 53 LYS A CD  
217 C CE  . LYS A 26 ? 0.5169 0.5459 0.5247 -0.0134 0.0174  -0.0186 53 LYS A CE  
218 N NZ  . LYS A 26 ? 0.6500 0.6897 0.6603 -0.0199 0.0178  -0.0148 53 LYS A NZ  
219 N N   . VAL A 27 ? 0.3144 0.2966 0.3088 -0.0198 0.0072  -0.0068 54 VAL A N   
220 C CA  . VAL A 27 ? 0.3749 0.3462 0.3692 -0.0208 0.0036  -0.0030 54 VAL A CA  
221 C C   . VAL A 27 ? 0.4620 0.4232 0.4617 -0.0212 -0.0013 -0.0049 54 VAL A C   
222 O O   . VAL A 27 ? 0.4663 0.4287 0.4710 -0.0267 -0.0033 -0.0037 54 VAL A O   
223 C CB  . VAL A 27 ? 0.3315 0.3068 0.3257 -0.0275 0.0035  0.0052  54 VAL A CB  
224 C CG1 . VAL A 27 ? 0.3736 0.3372 0.3695 -0.0283 -0.0005 0.0102  54 VAL A CG1 
225 C CG2 . VAL A 27 ? 0.3156 0.3016 0.3037 -0.0264 0.0079  0.0052  54 VAL A CG2 
226 N N   . ASP A 28 ? 0.3748 0.3269 0.3737 -0.0154 -0.0034 -0.0083 55 ASP A N   
227 C CA  . ASP A 28 ? 0.4325 0.3746 0.4358 -0.0139 -0.0084 -0.0126 55 ASP A CA  
228 C C   . ASP A 28 ? 0.3334 0.2630 0.3387 -0.0141 -0.0123 -0.0085 55 ASP A C   
229 O O   . ASP A 28 ? 0.3835 0.3097 0.3857 -0.0080 -0.0122 -0.0091 55 ASP A O   
230 C CB  . ASP A 28 ? 0.4245 0.3693 0.4258 -0.0055 -0.0080 -0.0203 55 ASP A CB  
231 C CG  . ASP A 28 ? 0.4438 0.3820 0.4489 -0.0031 -0.0130 -0.0276 55 ASP A CG  
232 O OD1 . ASP A 28 ? 0.4348 0.3806 0.4391 0.0021  -0.0124 -0.0341 55 ASP A OD1 
233 O OD2 . ASP A 28 ? 0.4471 0.3733 0.4567 -0.0061 -0.0176 -0.0270 55 ASP A OD2 
234 N N   . SER A 29 ? 0.3597 0.2828 0.3714 -0.0211 -0.0159 -0.0035 56 SER A N   
235 C CA  . SER A 29 ? 0.4607 0.3716 0.4765 -0.0217 -0.0199 0.0022  56 SER A CA  
236 C C   . SER A 29 ? 0.5216 0.4187 0.5407 -0.0150 -0.0247 -0.0057 56 SER A C   
237 O O   . SER A 29 ? 0.5036 0.3918 0.5240 -0.0110 -0.0268 -0.0031 56 SER A O   
238 C CB  . SER A 29 ? 0.5279 0.4371 0.5516 -0.0317 -0.0228 0.0118  56 SER A CB  
239 O OG  . SER A 29 ? 0.5380 0.4634 0.5583 -0.0370 -0.0181 0.0185  56 SER A OG  
240 N N   . ALA A 30 ? 0.5403 0.4374 0.5608 -0.0131 -0.0265 -0.0154 57 ALA A N   
241 C CA  . ALA A 30 ? 0.5048 0.3917 0.5277 -0.0058 -0.0312 -0.0256 57 ALA A CA  
242 C C   . ALA A 30 ? 0.5076 0.3985 0.5236 0.0049  -0.0285 -0.0288 57 ALA A C   
243 O O   . ALA A 30 ? 0.5269 0.4081 0.5446 0.0108  -0.0314 -0.0300 57 ALA A O   
244 C CB  . ALA A 30 ? 0.5064 0.3976 0.5307 -0.0063 -0.0329 -0.0356 57 ALA A CB  
245 N N   . ARG A 31 ? 0.4401 0.3458 0.4492 0.0075  -0.0232 -0.0294 58 ARG A N   
246 C CA  . ARG A 31 ? 0.3591 0.2714 0.3627 0.0169  -0.0208 -0.0312 58 ARG A CA  
247 C C   . ARG A 31 ? 0.3895 0.3044 0.3890 0.0158  -0.0174 -0.0215 58 ARG A C   
248 O O   . ARG A 31 ? 0.3808 0.3016 0.3764 0.0221  -0.0157 -0.0207 58 ARG A O   
249 C CB  . ARG A 31 ? 0.4324 0.3597 0.4329 0.0206  -0.0181 -0.0370 58 ARG A CB  
250 C CG  . ARG A 31 ? 0.4646 0.3919 0.4684 0.0215  -0.0218 -0.0473 58 ARG A CG  
251 C CD  . ARG A 31 ? 0.4638 0.4088 0.4651 0.0264  -0.0193 -0.0521 58 ARG A CD  
252 N NE  . ARG A 31 ? 0.4570 0.4115 0.4578 0.0209  -0.0150 -0.0473 58 ARG A NE  
253 C CZ  . ARG A 31 ? 0.5520 0.5224 0.5518 0.0242  -0.0121 -0.0482 58 ARG A CZ  
254 N NH1 . ARG A 31 ? 0.5098 0.4905 0.5085 0.0325  -0.0129 -0.0529 58 ARG A NH1 
255 N NH2 . ARG A 31 ? 0.5355 0.5129 0.5361 0.0198  -0.0085 -0.0438 58 ARG A NH2 
256 N N   . GLU A 32 ? 0.3768 0.2893 0.3778 0.0075  -0.0167 -0.0137 59 GLU A N   
257 C CA  . GLU A 32 ? 0.4379 0.3548 0.4347 0.0056  -0.0136 -0.0052 59 GLU A CA  
258 C C   . GLU A 32 ? 0.3186 0.2476 0.3095 0.0085  -0.0093 -0.0063 59 GLU A C   
259 O O   . GLU A 32 ? 0.3059 0.2378 0.2934 0.0124  -0.0083 -0.0036 59 GLU A O   
260 C CB  . GLU A 32 ? 0.3792 0.2884 0.3773 0.0093  -0.0161 -0.0007 59 GLU A CB  
261 C CG  . GLU A 32 ? 0.5313 0.4285 0.5368 0.0043  -0.0202 0.0044  59 GLU A CG  
262 C CD  . GLU A 32 ? 0.7103 0.5988 0.7185 0.0095  -0.0231 0.0085  59 GLU A CD  
263 O OE1 . GLU A 32 ? 0.7695 0.6495 0.7810 0.0170  -0.0265 0.0013  59 GLU A OE1 
264 O OE2 . GLU A 32 ? 0.8059 0.6976 0.8132 0.0066  -0.0219 0.0185  59 GLU A OE2 
265 N N   . VAL A 33 ? 0.2618 0.1978 0.2525 0.0062  -0.0070 -0.0097 60 VAL A N   
266 C CA  . VAL A 33 ? 0.3372 0.2832 0.3247 0.0081  -0.0033 -0.0104 60 VAL A CA  
267 C C   . VAL A 33 ? 0.2920 0.2434 0.2796 0.0020  -0.0005 -0.0099 60 VAL A C   
268 O O   . VAL A 33 ? 0.2916 0.2410 0.2819 -0.0032 -0.0015 -0.0091 60 VAL A O   
269 C CB  . VAL A 33 ? 0.2955 0.2475 0.2840 0.0146  -0.0034 -0.0163 60 VAL A CB  
270 C CG1 . VAL A 33 ? 0.3289 0.2801 0.3167 0.0219  -0.0056 -0.0168 60 VAL A CG1 
271 C CG2 . VAL A 33 ? 0.2356 0.1870 0.2277 0.0132  -0.0050 -0.0219 60 VAL A CG2 
272 N N   . CYS A 34 ? 0.2742 0.2326 0.2594 0.0028  0.0027  -0.0100 61 CYS A N   
273 C CA  . CYS A 34 ? 0.2374 0.2025 0.2230 -0.0004 0.0056  -0.0113 61 CYS A CA  
274 C C   . CYS A 34 ? 0.2440 0.2151 0.2315 0.0043  0.0073  -0.0147 61 CYS A C   
275 O O   . CYS A 34 ? 0.2360 0.2073 0.2233 0.0084  0.0069  -0.0141 61 CYS A O   
276 C CB  . CYS A 34 ? 0.3057 0.2738 0.2874 -0.0039 0.0076  -0.0084 61 CYS A CB  
277 S SG  . CYS A 34 ? 0.3018 0.2690 0.2825 -0.0107 0.0064  -0.0021 61 CYS A SG  
278 N N   . LEU A 35 ? 0.2573 0.2345 0.2479 0.0034  0.0091  -0.0172 62 LEU A N   
279 C CA  . LEU A 35 ? 0.2901 0.2740 0.2836 0.0074  0.0112  -0.0190 62 LEU A CA  
280 C C   . LEU A 35 ? 0.3088 0.2933 0.3007 0.0066  0.0136  -0.0189 62 LEU A C   
281 O O   . LEU A 35 ? 0.2823 0.2698 0.2725 0.0030  0.0155  -0.0196 62 LEU A O   
282 C CB  . LEU A 35 ? 0.3199 0.3110 0.3173 0.0069  0.0123  -0.0213 62 LEU A CB  
283 C CG  . LEU A 35 ? 0.2876 0.2871 0.2900 0.0114  0.0143  -0.0221 62 LEU A CG  
284 C CD1 . LEU A 35 ? 0.2881 0.2895 0.2927 0.0166  0.0125  -0.0209 62 LEU A CD1 
285 C CD2 . LEU A 35 ? 0.3264 0.3348 0.3325 0.0102  0.0155  -0.0237 62 LEU A CD2 
286 N N   . VAL A 36 ? 0.2543 0.2375 0.2472 0.0097  0.0132  -0.0180 63 VAL A N   
287 C CA  . VAL A 36 ? 0.2380 0.2201 0.2297 0.0089  0.0145  -0.0194 63 VAL A CA  
288 C C   . VAL A 36 ? 0.3368 0.3213 0.3353 0.0129  0.0154  -0.0208 63 VAL A C   
289 O O   . VAL A 36 ? 0.3382 0.3245 0.3419 0.0163  0.0140  -0.0178 63 VAL A O   
290 C CB  . VAL A 36 ? 0.2727 0.2496 0.2610 0.0080  0.0122  -0.0169 63 VAL A CB  
291 C CG1 . VAL A 36 ? 0.2981 0.2741 0.2850 0.0066  0.0129  -0.0199 63 VAL A CG1 
292 C CG2 . VAL A 36 ? 0.2996 0.2740 0.2824 0.0046  0.0111  -0.0141 63 VAL A CG2 
293 N N   . GLN A 37 ? 0.2856 0.2716 0.2849 0.0129  0.0177  -0.0248 64 GLN A N   
294 C CA  . GLN A 37 ? 0.3099 0.2966 0.3172 0.0171  0.0183  -0.0264 64 GLN A CA  
295 C C   . GLN A 37 ? 0.3534 0.3330 0.3615 0.0170  0.0164  -0.0283 64 GLN A C   
296 O O   . GLN A 37 ? 0.3126 0.2904 0.3143 0.0142  0.0165  -0.0322 64 GLN A O   
297 C CB  . GLN A 37 ? 0.2819 0.2752 0.2910 0.0184  0.0218  -0.0307 64 GLN A CB  
298 C CG  . GLN A 37 ? 0.2624 0.2557 0.2811 0.0236  0.0224  -0.0321 64 GLN A CG  
299 C CD  . GLN A 37 ? 0.4634 0.4642 0.4837 0.0259  0.0262  -0.0369 64 GLN A CD  
300 O OE1 . GLN A 37 ? 0.5740 0.5764 0.5884 0.0248  0.0278  -0.0424 64 GLN A OE1 
301 N NE2 . GLN A 37 ? 0.4554 0.4626 0.4833 0.0296  0.0276  -0.0345 64 GLN A NE2 
302 N N   . PHE A 38 ? 0.3299 0.3065 0.3464 0.0196  0.0142  -0.0250 65 PHE A N   
303 C CA  . PHE A 38 ? 0.2869 0.2557 0.3059 0.0187  0.0112  -0.0261 65 PHE A CA  
304 C C   . PHE A 38 ? 0.2990 0.2640 0.3269 0.0221  0.0113  -0.0310 65 PHE A C   
305 O O   . PHE A 38 ? 0.3300 0.2996 0.3619 0.0256  0.0142  -0.0329 65 PHE A O   
306 C CB  . PHE A 38 ? 0.2320 0.2001 0.2548 0.0183  0.0075  -0.0176 65 PHE A CB  
307 C CG  . PHE A 38 ? 0.2626 0.2332 0.2766 0.0159  0.0071  -0.0143 65 PHE A CG  
308 C CD1 . PHE A 38 ? 0.3127 0.2794 0.3195 0.0121  0.0055  -0.0152 65 PHE A CD1 
309 C CD2 . PHE A 38 ? 0.2961 0.2733 0.3092 0.0179  0.0082  -0.0110 65 PHE A CD2 
310 C CE1 . PHE A 38 ? 0.3309 0.2995 0.3307 0.0106  0.0051  -0.0116 65 PHE A CE1 
311 C CE2 . PHE A 38 ? 0.2713 0.2492 0.2772 0.0166  0.0074  -0.0090 65 PHE A CE2 
312 C CZ  . PHE A 38 ? 0.3384 0.3116 0.3382 0.0132  0.0060  -0.0087 65 PHE A CZ  
313 N N   . GLU A 39 ? 0.3206 0.2767 0.3520 0.0209  0.0078  -0.0331 66 GLU A N   
314 C CA  . GLU A 39 ? 0.3734 0.3229 0.4131 0.0241  0.0069  -0.0401 66 GLU A CA  
315 C C   . GLU A 39 ? 0.3536 0.3034 0.4081 0.0289  0.0067  -0.0346 66 GLU A C   
316 O O   . GLU A 39 ? 0.3899 0.3368 0.4515 0.0334  0.0078  -0.0403 66 GLU A O   
317 C CB  . GLU A 39 ? 0.4531 0.3921 0.4946 0.0208  0.0018  -0.0432 66 GLU A CB  
318 C CG  . GLU A 39 ? 0.6811 0.6134 0.7235 0.0229  0.0014  -0.0564 66 GLU A CG  
319 C CD  . GLU A 39 ? 0.8719 0.7929 0.9313 0.0262  -0.0026 -0.0571 66 GLU A CD  
320 O OE1 . GLU A 39 ? 0.9182 0.8284 0.9823 0.0232  -0.0083 -0.0598 66 GLU A OE1 
321 O OE2 . GLU A 39 ? 0.9574 0.8801 1.0262 0.0317  -0.0004 -0.0547 66 GLU A OE2 
322 N N   . ASP A 40 ? 0.3016 0.2565 0.3611 0.0285  0.0054  -0.0233 67 ASP A N   
323 C CA  . ASP A 40 ? 0.3149 0.2739 0.3887 0.0328  0.0050  -0.0157 67 ASP A CA  
324 C C   . ASP A 40 ? 0.3061 0.2779 0.3772 0.0357  0.0098  -0.0144 67 ASP A C   
325 O O   . ASP A 40 ? 0.2938 0.2740 0.3751 0.0389  0.0100  -0.0066 67 ASP A O   
326 C CB  . ASP A 40 ? 0.3364 0.2983 0.4181 0.0310  0.0007  -0.0032 67 ASP A CB  
327 C CG  . ASP A 40 ? 0.3753 0.3482 0.4467 0.0292  0.0019  0.0019  67 ASP A CG  
328 O OD1 . ASP A 40 ? 0.3453 0.3190 0.4033 0.0277  0.0048  -0.0045 67 ASP A OD1 
329 O OD2 . ASP A 40 ? 0.3522 0.3336 0.4297 0.0296  -0.0003 0.0125  67 ASP A OD2 
330 N N   . ASP A 41 ? 0.3244 0.2992 0.3828 0.0342  0.0133  -0.0214 68 ASP A N   
331 C CA  . ASP A 41 ? 0.2854 0.2719 0.3409 0.0358  0.0172  -0.0210 68 ASP A CA  
332 C C   . ASP A 41 ? 0.3134 0.3085 0.3652 0.0340  0.0167  -0.0141 68 ASP A C   
333 O O   . ASP A 41 ? 0.3450 0.3495 0.3941 0.0344  0.0191  -0.0142 68 ASP A O   
334 C CB  . ASP A 41 ? 0.3252 0.3162 0.3930 0.0414  0.0190  -0.0197 68 ASP A CB  
335 C CG  . ASP A 41 ? 0.5525 0.5533 0.6160 0.0429  0.0236  -0.0241 68 ASP A CG  
336 O OD1 . ASP A 41 ? 0.6108 0.6093 0.6678 0.0426  0.0256  -0.0326 68 ASP A OD1 
337 O OD2 . ASP A 41 ? 0.5996 0.6123 0.6665 0.0442  0.0251  -0.0190 68 ASP A OD2 
338 N N   . SER A 42 ? 0.2662 0.2591 0.3181 0.0324  0.0133  -0.0088 69 SER A N   
339 C CA  . SER A 42 ? 0.2643 0.2658 0.3116 0.0318  0.0127  -0.0042 69 SER A CA  
340 C C   . SER A 42 ? 0.2759 0.2752 0.3103 0.0283  0.0141  -0.0099 69 SER A C   
341 O O   . SER A 42 ? 0.2591 0.2506 0.2872 0.0255  0.0146  -0.0149 69 SER A O   
342 C CB  . SER A 42 ? 0.2355 0.2377 0.2860 0.0315  0.0089  0.0034  69 SER A CB  
343 O OG  . SER A 42 ? 0.2758 0.2673 0.3202 0.0279  0.0071  0.0009  69 SER A OG  
344 N N   . GLN A 43 ? 0.2646 0.2714 0.2954 0.0286  0.0143  -0.0089 70 GLN A N   
345 C CA  . GLN A 43 ? 0.2282 0.2320 0.2491 0.0252  0.0147  -0.0129 70 GLN A CA  
346 C C   . GLN A 43 ? 0.2760 0.2826 0.2938 0.0262  0.0123  -0.0104 70 GLN A C   
347 O O   . GLN A 43 ? 0.2298 0.2467 0.2518 0.0295  0.0116  -0.0080 70 GLN A O   
348 C CB  . GLN A 43 ? 0.3636 0.3732 0.3840 0.0243  0.0171  -0.0164 70 GLN A CB  
349 C CG  . GLN A 43 ? 0.4010 0.4098 0.4234 0.0241  0.0201  -0.0196 70 GLN A CG  
350 C CD  . GLN A 43 ? 0.4839 0.5008 0.5058 0.0227  0.0224  -0.0218 70 GLN A CD  
351 O OE1 . GLN A 43 ? 0.4229 0.4390 0.4387 0.0184  0.0220  -0.0232 70 GLN A OE1 
352 N NE2 . GLN A 43 ? 0.5376 0.5625 0.5668 0.0262  0.0244  -0.0212 70 GLN A NE2 
353 N N   . PHE A 44 ? 0.2124 0.2112 0.2232 0.0236  0.0109  -0.0111 71 PHE A N   
354 C CA  . PHE A 44 ? 0.2432 0.2436 0.2508 0.0255  0.0086  -0.0096 71 PHE A CA  
355 C C   . PHE A 44 ? 0.2973 0.2893 0.2976 0.0221  0.0080  -0.0126 71 PHE A C   
356 O O   . PHE A 44 ? 0.3011 0.2866 0.2981 0.0178  0.0090  -0.0136 71 PHE A O   
357 C CB  . PHE A 44 ? 0.2379 0.2387 0.2470 0.0271  0.0065  -0.0041 71 PHE A CB  
358 C CG  . PHE A 44 ? 0.2338 0.2441 0.2521 0.0303  0.0060  0.0014  71 PHE A CG  
359 C CD1 . PHE A 44 ? 0.2650 0.2891 0.2867 0.0349  0.0051  0.0048  71 PHE A CD1 
360 C CD2 . PHE A 44 ? 0.2092 0.2150 0.2333 0.0287  0.0061  0.0033  71 PHE A CD2 
361 C CE1 . PHE A 44 ? 0.3174 0.3523 0.3488 0.0373  0.0045  0.0120  71 PHE A CE1 
362 C CE2 . PHE A 44 ? 0.2590 0.2723 0.2936 0.0311  0.0050  0.0099  71 PHE A CE2 
363 C CZ  . PHE A 44 ? 0.2728 0.3018 0.3117 0.0352  0.0042  0.0153  71 PHE A CZ  
364 N N   . LEU A 45 ? 0.2478 0.2407 0.2462 0.0242  0.0061  -0.0140 72 LEU A N   
365 C CA  . LEU A 45 ? 0.2333 0.2172 0.2270 0.0219  0.0045  -0.0154 72 LEU A CA  
366 C C   . LEU A 45 ? 0.3342 0.3142 0.3250 0.0225  0.0033  -0.0112 72 LEU A C   
367 O O   . LEU A 45 ? 0.2504 0.2361 0.2424 0.0268  0.0023  -0.0081 72 LEU A O   
368 C CB  . LEU A 45 ? 0.2805 0.2654 0.2743 0.0249  0.0021  -0.0195 72 LEU A CB  
369 C CG  . LEU A 45 ? 0.2663 0.2562 0.2631 0.0236  0.0024  -0.0242 72 LEU A CG  
370 C CD1 . LEU A 45 ? 0.2970 0.2886 0.2940 0.0273  -0.0008 -0.0297 72 LEU A CD1 
371 C CD2 . LEU A 45 ? 0.2183 0.2014 0.2145 0.0164  0.0034  -0.0244 72 LEU A CD2 
372 N N   . VAL A 46 ? 0.2115 0.1835 0.1985 0.0178  0.0034  -0.0100 73 VAL A N   
373 C CA  . VAL A 46 ? 0.2275 0.1967 0.2114 0.0175  0.0023  -0.0055 73 VAL A CA  
374 C C   . VAL A 46 ? 0.2379 0.1998 0.2193 0.0157  0.0008  -0.0046 73 VAL A C   
375 O O   . VAL A 46 ? 0.2776 0.2357 0.2590 0.0112  0.0011  -0.0056 73 VAL A O   
376 C CB  . VAL A 46 ? 0.3006 0.2697 0.2831 0.0132  0.0038  -0.0042 73 VAL A CB  
377 C CG1 . VAL A 46 ? 0.2369 0.2047 0.2161 0.0122  0.0023  0.0005  73 VAL A CG1 
378 C CG2 . VAL A 46 ? 0.3319 0.3059 0.3191 0.0150  0.0048  -0.0053 73 VAL A CG2 
379 N N   . LEU A 47 ? 0.2259 0.1865 0.2062 0.0193  -0.0012 -0.0016 74 LEU A N   
380 C CA  . LEU A 47 ? 0.1969 0.1499 0.1765 0.0184  -0.0032 0.0004  74 LEU A CA  
381 C C   . LEU A 47 ? 0.2720 0.2229 0.2490 0.0112  -0.0022 0.0049  74 LEU A C   
382 O O   . LEU A 47 ? 0.3332 0.2889 0.3075 0.0090  -0.0008 0.0068  74 LEU A O   
383 C CB  . LEU A 47 ? 0.2432 0.1971 0.2222 0.0245  -0.0051 0.0034  74 LEU A CB  
384 C CG  . LEU A 47 ? 0.3570 0.3160 0.3378 0.0329  -0.0063 -0.0010 74 LEU A CG  
385 C CD1 . LEU A 47 ? 0.3753 0.3395 0.3552 0.0392  -0.0076 0.0031  74 LEU A CD1 
386 C CD2 . LEU A 47 ? 0.4166 0.3684 0.4000 0.0346  -0.0083 -0.0076 74 LEU A CD2 
387 N N   . TRP A 48 ? 0.2676 0.2127 0.2461 0.0075  -0.0032 0.0064  75 TRP A N   
388 C CA  . TRP A 48 ? 0.2731 0.2197 0.2498 0.0010  -0.0026 0.0123  75 TRP A CA  
389 C C   . TRP A 48 ? 0.2583 0.2084 0.2314 0.0018  -0.0028 0.0176  75 TRP A C   
390 O O   . TRP A 48 ? 0.2769 0.2335 0.2464 -0.0028 -0.0014 0.0198  75 TRP A O   
391 C CB  . TRP A 48 ? 0.2587 0.1982 0.2398 -0.0020 -0.0051 0.0162  75 TRP A CB  
392 C CG  . TRP A 48 ? 0.3482 0.2862 0.3329 -0.0057 -0.0051 0.0128  75 TRP A CG  
393 C CD1 . TRP A 48 ? 0.3718 0.3151 0.3558 -0.0059 -0.0027 0.0068  75 TRP A CD1 
394 C CD2 . TRP A 48 ? 0.3863 0.3180 0.3771 -0.0102 -0.0079 0.0164  75 TRP A CD2 
395 N NE1 . TRP A 48 ? 0.3623 0.3042 0.3507 -0.0102 -0.0037 0.0061  75 TRP A NE1 
396 C CE2 . TRP A 48 ? 0.3779 0.3124 0.3709 -0.0133 -0.0071 0.0120  75 TRP A CE2 
397 C CE3 . TRP A 48 ? 0.4940 0.4178 0.4899 -0.0121 -0.0114 0.0236  75 TRP A CE3 
398 C CZ2 . TRP A 48 ? 0.3921 0.3221 0.3918 -0.0190 -0.0101 0.0147  75 TRP A CZ2 
399 C CZ3 . TRP A 48 ? 0.4302 0.3483 0.4338 -0.0176 -0.0146 0.0264  75 TRP A CZ3 
400 C CH2 . TRP A 48 ? 0.3777 0.2990 0.3830 -0.0213 -0.0140 0.0219  75 TRP A CH2 
401 N N   . LYS A 49 ? 0.3315 0.2785 0.3057 0.0077  -0.0049 0.0193  76 LYS A N   
402 C CA  . LYS A 49 ? 0.3585 0.3101 0.3298 0.0090  -0.0054 0.0250  76 LYS A CA  
403 C C   . LYS A 49 ? 0.3054 0.2652 0.2734 0.0067  -0.0039 0.0239  76 LYS A C   
404 O O   . LYS A 49 ? 0.2762 0.2411 0.2411 0.0039  -0.0042 0.0285  76 LYS A O   
405 C CB  . LYS A 49 ? 0.3393 0.2900 0.3126 0.0176  -0.0072 0.0250  76 LYS A CB  
406 C CG  . LYS A 49 ? 0.6570 0.5982 0.6347 0.0220  -0.0096 0.0241  76 LYS A CG  
407 C CD  . LYS A 49 ? 0.7293 0.6728 0.7082 0.0320  -0.0111 0.0225  76 LYS A CD  
408 C CE  . LYS A 49 ? 0.7702 0.7027 0.7541 0.0374  -0.0141 0.0204  76 LYS A CE  
409 N NZ  . LYS A 49 ? 0.7312 0.6679 0.7156 0.0485  -0.0154 0.0184  76 LYS A NZ  
410 N N   . ASP A 50 ? 0.2398 0.2005 0.2089 0.0080  -0.0026 0.0179  77 ASP A N   
411 C CA  . ASP A 50 ? 0.2775 0.2434 0.2456 0.0068  -0.0021 0.0168  77 ASP A CA  
412 C C   . ASP A 50 ? 0.2805 0.2474 0.2469 0.0014  -0.0001 0.0124  77 ASP A C   
413 O O   . ASP A 50 ? 0.3355 0.3045 0.3029 0.0009  0.0001  0.0094  77 ASP A O   
414 C CB  . ASP A 50 ? 0.2464 0.2147 0.2186 0.0124  -0.0024 0.0145  77 ASP A CB  
415 C CG  . ASP A 50 ? 0.3184 0.2903 0.2916 0.0184  -0.0043 0.0189  77 ASP A CG  
416 O OD1 . ASP A 50 ? 0.2757 0.2501 0.2519 0.0243  -0.0046 0.0167  77 ASP A OD1 
417 O OD2 . ASP A 50 ? 0.2923 0.2664 0.2632 0.0175  -0.0056 0.0245  77 ASP A OD2 
418 N N   . ILE A 51 ? 0.2629 0.2294 0.2280 -0.0023 0.0010  0.0123  78 ILE A N   
419 C CA  . ILE A 51 ? 0.1987 0.1690 0.1620 -0.0063 0.0032  0.0077  78 ILE A CA  
420 C C   . ILE A 51 ? 0.2427 0.2194 0.2012 -0.0117 0.0035  0.0110  78 ILE A C   
421 O O   . ILE A 51 ? 0.2626 0.2395 0.2210 -0.0133 0.0025  0.0176  78 ILE A O   
422 C CB  . ILE A 51 ? 0.2673 0.2361 0.2333 -0.0064 0.0048  0.0047  78 ILE A CB  
423 C CG1 . ILE A 51 ? 0.2694 0.2347 0.2399 -0.0011 0.0047  0.0012  78 ILE A CG1 
424 C CG2 . ILE A 51 ? 0.2390 0.2148 0.2032 -0.0099 0.0075  0.0004  78 ILE A CG2 
425 C CD1 . ILE A 51 ? 0.2491 0.2124 0.2230 -0.0009 0.0050  -0.0008 78 ILE A CD1 
426 N N   . SER A 52 ? 0.2381 0.2209 0.1934 -0.0142 0.0043  0.0064  79 SER A N   
427 C CA  . SER A 52 ? 0.2617 0.2547 0.2118 -0.0192 0.0049  0.0080  79 SER A CA  
428 C C   . SER A 52 ? 0.2795 0.2796 0.2273 -0.0205 0.0074  -0.0006 79 SER A C   
429 O O   . SER A 52 ? 0.2950 0.2906 0.2450 -0.0177 0.0077  -0.0080 79 SER A O   
430 C CB  . SER A 52 ? 0.2779 0.2740 0.2245 -0.0208 0.0026  0.0111  79 SER A CB  
431 O OG  . SER A 52 ? 0.3628 0.3547 0.3108 -0.0191 0.0013  0.0056  79 SER A OG  
432 N N   . PRO A 53 ? 0.3058 0.3184 0.2498 -0.0244 0.0089  0.0009  80 PRO A N   
433 C CA  . PRO A 53 ? 0.3301 0.3524 0.2715 -0.0245 0.0115  -0.0079 80 PRO A CA  
434 C C   . PRO A 53 ? 0.3115 0.3336 0.2499 -0.0235 0.0102  -0.0171 80 PRO A C   
435 O O   . PRO A 53 ? 0.4058 0.4285 0.3417 -0.0256 0.0076  -0.0148 80 PRO A O   
436 C CB  . PRO A 53 ? 0.4435 0.4832 0.3808 -0.0292 0.0126  -0.0021 80 PRO A CB  
437 C CG  . PRO A 53 ? 0.5222 0.5572 0.4635 -0.0313 0.0110  0.0104  80 PRO A CG  
438 C CD  . PRO A 53 ? 0.3931 0.4129 0.3364 -0.0283 0.0084  0.0114  80 PRO A CD  
439 N N   . ALA A 54 ? 0.3009 0.3224 0.2408 -0.0204 0.0117  -0.0276 81 ALA A N   
440 C CA  . ALA A 54 ? 0.3417 0.3621 0.2798 -0.0198 0.0098  -0.0377 81 ALA A CA  
441 C C   . ALA A 54 ? 0.4157 0.4542 0.3458 -0.0224 0.0107  -0.0428 81 ALA A C   
442 O O   . ALA A 54 ? 0.5045 0.5452 0.4313 -0.0238 0.0081  -0.0494 81 ALA A O   
443 C CB  . ALA A 54 ? 0.3683 0.3798 0.3124 -0.0146 0.0105  -0.0471 81 ALA A CB  
444 N N   . ALA A 55 ? 0.3821 0.4353 0.3097 -0.0234 0.0141  -0.0391 82 ALA A N   
445 C CA  . ALA A 55 ? 0.4725 0.5483 0.3926 -0.0254 0.0156  -0.0432 82 ALA A CA  
446 C C   . ALA A 55 ? 0.4937 0.5788 0.4081 -0.0305 0.0129  -0.0381 82 ALA A C   
447 O O   . ALA A 55 ? 0.3674 0.4459 0.2838 -0.0333 0.0111  -0.0265 82 ALA A O   
448 C CB  . ALA A 55 ? 0.5497 0.6412 0.4699 -0.0264 0.0193  -0.0364 82 ALA A CB  
449 N N   . LEU A 56 ? 0.5893 0.6914 0.4968 -0.0312 0.0128  -0.0474 83 LEU A N   
450 C CA  . LEU A 56 ? 0.6806 0.7972 0.5816 -0.0364 0.0104  -0.0433 83 LEU A CA  
451 C C   . LEU A 56 ? 0.7373 0.8653 0.6389 -0.0407 0.0116  -0.0251 83 LEU A C   
452 O O   . LEU A 56 ? 0.5186 0.6575 0.4216 -0.0408 0.0147  -0.0195 83 LEU A O   
453 C CB  . LEU A 56 ? 0.6747 0.8139 0.5675 -0.0360 0.0109  -0.0567 83 LEU A CB  
454 C CG  . LEU A 56 ? 0.6426 0.7743 0.5331 -0.0347 0.0071  -0.0735 83 LEU A CG  
455 C CD1 . LEU A 56 ? 0.7175 0.8463 0.6064 -0.0403 0.0023  -0.0675 83 LEU A CD1 
456 C CD2 . LEU A 56 ? 0.5950 0.7006 0.4934 -0.0293 0.0063  -0.0828 83 LEU A CD2 
457 N N   . PRO A 57 ? 0.9418 1.0676 0.8432 -0.0445 0.0087  -0.0152 84 PRO A N   
458 C CA  . PRO A 57 ? 1.0052 1.1387 0.9090 -0.0482 0.0088  0.0030  84 PRO A CA  
459 C C   . PRO A 57 ? 0.9516 1.1091 0.8543 -0.0503 0.0120  0.0089  84 PRO A C   
460 O O   . PRO A 57 ? 0.9556 1.1111 0.8646 -0.0518 0.0128  0.0220  84 PRO A O   
461 C CB  . PRO A 57 ? 1.0384 1.1810 0.9377 -0.0520 0.0057  0.0069  84 PRO A CB  
462 C CG  . PRO A 57 ? 1.0362 1.1608 0.9350 -0.0499 0.0028  -0.0051 84 PRO A CG  
463 C CD  . PRO A 57 ? 0.9738 1.0918 0.8730 -0.0455 0.0045  -0.0209 84 PRO A CD  
464 N N   . GLY A 58 ? 0.8515 1.0322 0.7468 -0.0504 0.0134  -0.0008 85 GLY A N   
465 C CA  . GLY A 58 ? 0.7742 0.9811 0.6681 -0.0516 0.0167  0.0033  85 GLY A CA  
466 C C   . GLY A 58 ? 0.7360 0.9360 0.6330 -0.0468 0.0198  -0.0050 85 GLY A C   
467 O O   . GLY A 58 ? 0.7349 0.9583 0.6294 -0.0460 0.0229  -0.0076 85 GLY A O   
# 
loop_
_pdbx_poly_seq_scheme.asym_id 
_pdbx_poly_seq_scheme.entity_id 
_pdbx_poly_seq_scheme.seq_id 
_pdbx_poly_seq_scheme.mon_id 
_pdbx_poly_seq_scheme.ndb_seq_num 
_pdbx_poly_seq_scheme.pdb_seq_num 
_pdbx_poly_seq_scheme.auth_seq_num 
_pdbx_poly_seq_scheme.pdb_mon_id 
_pdbx_poly_seq_scheme.auth_mon_id 
_pdbx_poly_seq_scheme.pdb_strand_id 
_pdbx_poly_seq_scheme.pdb_ins_code 
_pdbx_poly_seq_scheme.hetero 
A 1 1  ARG 1  28 28 ARG ARG A . n 
A 1 2  PRO 2  29 29 PRO PRO A . n 
A 1 3  ARG 3  30 30 ARG ARG A . n 
A 1 4  LEU 4  31 31 LEU LEU A . n 
A 1 5  TRP 5  32 32 TRP TRP A . n 
A 1 6  GLU 6  33 33 GLU GLU A . n 
A 1 7  GLY 7  34 34 GLY GLY A . n 
A 1 8  GLN 8  35 35 GLN GLN A . n 
A 1 9  ASP 9  36 36 ASP ASP A . n 
A 1 10 VAL 10 37 37 VAL VAL A . n 
A 1 11 LEU 11 38 38 LEU LEU A . n 
A 1 12 ALA 12 39 39 ALA ALA A . n 
A 1 13 ARG 13 40 40 ARG ARG A . n 
A 1 14 TRP 14 41 41 TRP TRP A . n 
A 1 15 THR 15 42 42 THR THR A . n 
A 1 16 ASP 16 43 43 ASP ASP A . n 
A 1 17 GLY 17 44 44 GLY GLY A . n 
A 1 18 LEU 18 45 45 LEU LEU A . n 
A 1 19 LEU 19 46 46 LEU LEU A . n 
A 1 20 TYR 20 47 47 TYR TYR A . n 
A 1 21 LEU 21 48 48 LEU LEU A . n 
A 1 22 GLY 22 49 49 GLY GLY A . n 
A 1 23 THR 23 50 50 THR THR A . n 
A 1 24 ILE 24 51 51 ILE ILE A . n 
A 1 25 LYS 25 52 52 LYS LYS A . n 
A 1 26 LYS 26 53 53 LYS LYS A . n 
A 1 27 VAL 27 54 54 VAL VAL A . n 
A 1 28 ASP 28 55 55 ASP ASP A . n 
A 1 29 SER 29 56 56 SER SER A . n 
A 1 30 ALA 30 57 57 ALA ALA A . n 
A 1 31 ARG 31 58 58 ARG ARG A . n 
A 1 32 GLU 32 59 59 GLU GLU A . n 
A 1 33 VAL 33 60 60 VAL VAL A . n 
A 1 34 CYS 34 61 61 CYS CYS A . n 
A 1 35 LEU 35 62 62 LEU LEU A . n 
A 1 36 VAL 36 63 63 VAL VAL A . n 
A 1 37 GLN 37 64 64 GLN GLN A . n 
A 1 38 PHE 38 65 65 PHE PHE A . n 
A 1 39 GLU 39 66 66 GLU GLU A . n 
A 1 40 ASP 40 67 67 ASP ASP A . n 
A 1 41 ASP 41 68 68 ASP ASP A . n 
A 1 42 SER 42 69 69 SER SER A . n 
A 1 43 GLN 43 70 70 GLN GLN A . n 
A 1 44 PHE 44 71 71 PHE PHE A . n 
A 1 45 LEU 45 72 72 LEU LEU A . n 
A 1 46 VAL 46 73 73 VAL VAL A . n 
A 1 47 LEU 47 74 74 LEU LEU A . n 
A 1 48 TRP 48 75 75 TRP TRP A . n 
A 1 49 LYS 49 76 76 LYS LYS A . n 
A 1 50 ASP 50 77 77 ASP ASP A . n 
A 1 51 ILE 51 78 78 ILE ILE A . n 
A 1 52 SER 52 79 79 SER SER A . n 
A 1 53 PRO 53 80 80 PRO PRO A . n 
A 1 54 ALA 54 81 81 ALA ALA A . n 
A 1 55 ALA 55 82 82 ALA ALA A . n 
A 1 56 LEU 56 83 83 LEU LEU A . n 
A 1 57 PRO 57 84 84 PRO PRO A . n 
A 1 58 GLY 58 85 85 GLY GLY A . n 
B 1 1  ARG 1  28 28 ARG ARG B . n 
B 1 2  PRO 2  29 29 PRO PRO B . n 
B 1 3  ARG 3  30 30 ARG ARG B . n 
B 1 4  LEU 4  31 31 LEU LEU B . n 
B 1 5  TRP 5  32 32 TRP TRP B . n 
B 1 6  GLU 6  33 33 GLU GLU B . n 
B 1 7  GLY 7  34 34 GLY GLY B . n 
B 1 8  GLN 8  35 35 GLN GLN B . n 
B 1 9  ASP 9  36 36 ASP ASP B . n 
B 1 10 VAL 10 37 37 VAL VAL B . n 
B 1 11 LEU 11 38 38 LEU LEU B . n 
B 1 12 ALA 12 39 39 ALA ALA B . n 
B 1 13 ARG 13 40 40 ARG ARG B . n 
B 1 14 TRP 14 41 41 TRP TRP B . n 
B 1 15 THR 15 42 42 THR THR B . n 
B 1 16 ASP 16 43 43 ASP ASP B . n 
B 1 17 GLY 17 44 44 GLY GLY B . n 
B 1 18 LEU 18 45 45 LEU LEU B . n 
B 1 19 LEU 19 46 46 LEU LEU B . n 
B 1 20 TYR 20 47 47 TYR TYR B . n 
B 1 21 LEU 21 48 48 LEU LEU B . n 
B 1 22 GLY 22 49 49 GLY GLY B . n 
B 1 23 THR 23 50 50 THR THR B . n 
B 1 24 ILE 24 51 51 ILE ILE B . n 
B 1 25 LYS 25 52 52 LYS LYS B . n 
B 1 26 LYS 26 53 53 LYS LYS B . n 
B 1 27 VAL 27 54 54 VAL VAL B . n 
B 1 28 ASP 28 55 55 ASP ASP B . n 
B 1 29 SER 29 56 56 SER SER B . n 
B 1 30 ALA 30 57 57 ALA ALA B . n 
B 1 31 ARG 31 58 58 ARG ARG B . n 
B 1 32 GLU 32 59 59 GLU GLU B . n 
B 1 33 VAL 33 60 60 VAL VAL B . n 
B 1 34 CYS 34 61 61 CYS CYS B . n 
B 1 35 LEU 35 62 62 LEU LEU B . n 
B 1 36 VAL 36 63 63 VAL VAL B . n 
B 1 37 GLN 37 64 64 GLN GLN B . n 
B 1 38 PHE 38 65 65 PHE PHE B . n 
B 1 39 GLU 39 66 66 GLU GLU B . n 
B 1 40 ASP 40 67 67 ASP ASP B . n 
B 1 41 ASP 41 68 68 ASP ASP B . n 
B 1 42 SER 42 69 69 SER SER B . n 
B 1 43 GLN 43 70 70 GLN GLN B . n 
B 1 44 PHE 44 71 71 PHE PHE B . n 
B 1 45 LEU 45 72 72 LEU LEU B . n 
B 1 46 VAL 46 73 73 VAL VAL B . n 
B 1 47 LEU 47 74 74 LEU LEU B . n 
B 1 48 TRP 48 75 75 TRP TRP B . n 
B 1 49 LYS 49 76 76 LYS LYS B . n 
B 1 50 ASP 50 77 77 ASP ASP B . n 
B 1 51 ILE 51 78 78 ILE ILE B . n 
B 1 52 SER 52 79 79 SER SER B . n 
B 1 53 PRO 53 80 80 PRO PRO B . n 
B 1 54 ALA 54 81 81 ALA ALA B . n 
B 1 55 ALA 55 82 82 ALA ALA B . n 
B 1 56 LEU 56 83 83 LEU LEU B . n 
B 1 57 PRO 57 84 84 PRO PRO B . n 
B 1 58 GLY 58 85 ?  ?   ?   B . n 
C 2 1  SER 1  31 31 SER SER C . n 
C 2 2  THR 2  32 32 THR THR C . n 
C 2 3  GLY 3  33 33 GLY GLY C . n 
C 2 4  GLY 4  34 34 GLY GLY C . n 
C 2 5  VAL 5  35 35 VAL VAL C . n 
C 2 6  M3L 6  36 36 M3L M3L C . n 
C 2 7  LYS 7  37 37 LYS LYS C . n 
C 2 8  PRO 8  38 38 PRO PRO C . n 
C 2 9  HIS 9  39 39 HIS HIS C . n 
C 2 10 ARG 10 40 40 ARG ARG C . n 
D 2 1  SER 1  31 ?  ?   ?   D . n 
D 2 2  THR 2  32 ?  ?   ?   D . n 
D 2 3  GLY 3  33 ?  ?   ?   D . n 
D 2 4  GLY 4  34 34 GLY GLY D . n 
D 2 5  VAL 5  35 35 VAL VAL D . n 
D 2 6  M3L 6  36 36 M3L M3L D . n 
D 2 7  LYS 7  37 37 LYS LYS D . n 
D 2 8  PRO 8  38 38 PRO PRO D . n 
D 2 9  HIS 9  39 39 HIS HIS D . n 
D 2 10 ARG 10 40 40 ARG ALA D . n 
# 
loop_
_pdbx_nonpoly_scheme.asym_id 
_pdbx_nonpoly_scheme.entity_id 
_pdbx_nonpoly_scheme.mon_id 
_pdbx_nonpoly_scheme.ndb_seq_num 
_pdbx_nonpoly_scheme.pdb_seq_num 
_pdbx_nonpoly_scheme.auth_seq_num 
_pdbx_nonpoly_scheme.pdb_mon_id 
_pdbx_nonpoly_scheme.auth_mon_id 
_pdbx_nonpoly_scheme.pdb_strand_id 
_pdbx_nonpoly_scheme.pdb_ins_code 
E 3 HOH 1  101 1   HOH HOH A . 
E 3 HOH 2  102 2   HOH HOH A . 
E 3 HOH 3  103 3   HOH HOH A . 
E 3 HOH 4  104 11  HOH HOH A . 
E 3 HOH 5  105 12  HOH HOH A . 
E 3 HOH 6  106 13  HOH HOH A . 
E 3 HOH 7  107 17  HOH HOH A . 
E 3 HOH 8  108 19  HOH HOH A . 
E 3 HOH 9  109 22  HOH HOH A . 
E 3 HOH 10 110 23  HOH HOH A . 
E 3 HOH 11 111 26  HOH HOH A . 
E 3 HOH 12 112 27  HOH HOH A . 
E 3 HOH 13 113 28  HOH HOH A . 
E 3 HOH 14 114 31  HOH HOH A . 
E 3 HOH 15 115 32  HOH HOH A . 
E 3 HOH 16 116 35  HOH HOH A . 
E 3 HOH 17 117 36  HOH HOH A . 
E 3 HOH 18 118 39  HOH HOH A . 
E 3 HOH 19 119 43  HOH HOH A . 
E 3 HOH 20 120 44  HOH HOH A . 
E 3 HOH 21 121 46  HOH HOH A . 
E 3 HOH 22 122 48  HOH HOH A . 
E 3 HOH 23 123 51  HOH HOH A . 
E 3 HOH 24 124 52  HOH HOH A . 
E 3 HOH 25 125 53  HOH HOH A . 
E 3 HOH 26 126 57  HOH HOH A . 
E 3 HOH 27 127 58  HOH HOH A . 
E 3 HOH 28 128 60  HOH HOH A . 
E 3 HOH 29 129 61  HOH HOH A . 
E 3 HOH 30 130 66  HOH HOH A . 
E 3 HOH 31 131 70  HOH HOH A . 
E 3 HOH 32 132 71  HOH HOH A . 
E 3 HOH 33 133 72  HOH HOH A . 
E 3 HOH 34 134 73  HOH HOH A . 
E 3 HOH 35 135 74  HOH HOH A . 
E 3 HOH 36 136 75  HOH HOH A . 
E 3 HOH 37 137 76  HOH HOH A . 
E 3 HOH 38 138 77  HOH HOH A . 
E 3 HOH 39 139 78  HOH HOH A . 
E 3 HOH 40 140 79  HOH HOH A . 
E 3 HOH 41 141 80  HOH HOH A . 
E 3 HOH 42 142 84  HOH HOH A . 
E 3 HOH 43 143 85  HOH HOH A . 
E 3 HOH 44 144 86  HOH HOH A . 
E 3 HOH 45 145 87  HOH HOH A . 
E 3 HOH 46 146 88  HOH HOH A . 
E 3 HOH 47 147 89  HOH HOH A . 
E 3 HOH 48 148 90  HOH HOH A . 
E 3 HOH 49 149 92  HOH HOH A . 
E 3 HOH 50 150 93  HOH HOH A . 
E 3 HOH 51 151 94  HOH HOH A . 
E 3 HOH 52 152 95  HOH HOH A . 
E 3 HOH 53 153 96  HOH HOH A . 
E 3 HOH 54 154 97  HOH HOH A . 
E 3 HOH 55 155 98  HOH HOH A . 
E 3 HOH 56 156 99  HOH HOH A . 
E 3 HOH 57 157 133 HOH HOH A . 
E 3 HOH 58 158 134 HOH HOH A . 
E 3 HOH 59 159 135 HOH HOH A . 
E 3 HOH 60 160 136 HOH HOH A . 
E 3 HOH 61 161 137 HOH HOH A . 
E 3 HOH 62 162 138 HOH HOH A . 
E 3 HOH 63 163 141 HOH HOH A . 
E 3 HOH 64 164 142 HOH HOH A . 
E 3 HOH 65 165 143 HOH HOH A . 
E 3 HOH 66 166 144 HOH HOH A . 
E 3 HOH 67 167 145 HOH HOH A . 
E 3 HOH 68 168 146 HOH HOH A . 
E 3 HOH 69 169 147 HOH HOH A . 
F 3 HOH 1  101 4   HOH HOH B . 
F 3 HOH 2  102 5   HOH HOH B . 
F 3 HOH 3  103 6   HOH HOH B . 
F 3 HOH 4  104 7   HOH HOH B . 
F 3 HOH 5  105 8   HOH HOH B . 
F 3 HOH 6  106 9   HOH HOH B . 
F 3 HOH 7  107 10  HOH HOH B . 
F 3 HOH 8  108 14  HOH HOH B . 
F 3 HOH 9  109 16  HOH HOH B . 
F 3 HOH 10 110 18  HOH HOH B . 
F 3 HOH 11 111 20  HOH HOH B . 
F 3 HOH 12 112 21  HOH HOH B . 
F 3 HOH 13 113 24  HOH HOH B . 
F 3 HOH 14 114 25  HOH HOH B . 
F 3 HOH 15 115 29  HOH HOH B . 
F 3 HOH 16 116 30  HOH HOH B . 
F 3 HOH 17 117 33  HOH HOH B . 
F 3 HOH 18 118 34  HOH HOH B . 
F 3 HOH 19 119 37  HOH HOH B . 
F 3 HOH 20 120 38  HOH HOH B . 
F 3 HOH 21 121 40  HOH HOH B . 
F 3 HOH 22 122 41  HOH HOH B . 
F 3 HOH 23 123 42  HOH HOH B . 
F 3 HOH 24 124 45  HOH HOH B . 
F 3 HOH 25 125 47  HOH HOH B . 
F 3 HOH 26 126 49  HOH HOH B . 
F 3 HOH 27 127 50  HOH HOH B . 
F 3 HOH 28 128 54  HOH HOH B . 
F 3 HOH 29 129 55  HOH HOH B . 
F 3 HOH 30 130 56  HOH HOH B . 
F 3 HOH 31 131 62  HOH HOH B . 
F 3 HOH 32 132 63  HOH HOH B . 
F 3 HOH 33 133 64  HOH HOH B . 
F 3 HOH 34 134 65  HOH HOH B . 
F 3 HOH 35 135 68  HOH HOH B . 
F 3 HOH 36 136 100 HOH HOH B . 
F 3 HOH 37 137 101 HOH HOH B . 
F 3 HOH 38 138 102 HOH HOH B . 
F 3 HOH 39 139 103 HOH HOH B . 
F 3 HOH 40 140 104 HOH HOH B . 
F 3 HOH 41 141 105 HOH HOH B . 
F 3 HOH 42 142 106 HOH HOH B . 
F 3 HOH 43 143 107 HOH HOH B . 
F 3 HOH 44 144 108 HOH HOH B . 
F 3 HOH 45 145 109 HOH HOH B . 
F 3 HOH 46 146 110 HOH HOH B . 
F 3 HOH 47 147 111 HOH HOH B . 
F 3 HOH 48 148 112 HOH HOH B . 
F 3 HOH 49 149 113 HOH HOH B . 
F 3 HOH 50 150 114 HOH HOH B . 
F 3 HOH 51 151 115 HOH HOH B . 
F 3 HOH 52 152 116 HOH HOH B . 
F 3 HOH 53 153 117 HOH HOH B . 
F 3 HOH 54 154 118 HOH HOH B . 
F 3 HOH 55 155 119 HOH HOH B . 
F 3 HOH 56 156 120 HOH HOH B . 
F 3 HOH 57 157 121 HOH HOH B . 
F 3 HOH 58 158 122 HOH HOH B . 
F 3 HOH 59 159 123 HOH HOH B . 
F 3 HOH 60 160 124 HOH HOH B . 
F 3 HOH 61 161 125 HOH HOH B . 
F 3 HOH 62 162 126 HOH HOH B . 
F 3 HOH 63 163 127 HOH HOH B . 
F 3 HOH 64 164 128 HOH HOH B . 
F 3 HOH 65 165 129 HOH HOH B . 
F 3 HOH 66 166 130 HOH HOH B . 
F 3 HOH 67 167 131 HOH HOH B . 
F 3 HOH 68 168 148 HOH HOH B . 
F 3 HOH 69 169 149 HOH HOH B . 
F 3 HOH 70 170 150 HOH HOH B . 
F 3 HOH 71 171 151 HOH HOH B . 
F 3 HOH 72 172 152 HOH HOH B . 
F 3 HOH 73 173 153 HOH HOH B . 
F 3 HOH 74 174 154 HOH HOH B . 
F 3 HOH 75 175 155 HOH HOH B . 
F 3 HOH 76 176 156 HOH HOH B . 
F 3 HOH 77 177 157 HOH HOH B . 
F 3 HOH 78 178 158 HOH HOH B . 
G 3 HOH 1  101 59  HOH HOH C . 
G 3 HOH 2  102 69  HOH HOH C . 
G 3 HOH 3  103 81  HOH HOH C . 
G 3 HOH 4  104 82  HOH HOH C . 
G 3 HOH 5  105 83  HOH HOH C . 
G 3 HOH 6  106 91  HOH HOH C . 
G 3 HOH 7  107 132 HOH HOH C . 
G 3 HOH 8  108 139 HOH HOH C . 
G 3 HOH 9  109 140 HOH HOH C . 
H 3 HOH 1  101 15  HOH HOH D . 
H 3 HOH 2  102 67  HOH HOH D . 
H 3 HOH 3  103 159 HOH HOH D . 
H 3 HOH 4  104 160 HOH HOH D . 
H 3 HOH 5  105 161 HOH HOH D . 
# 
loop_
_pdbx_struct_mod_residue.id 
_pdbx_struct_mod_residue.label_asym_id 
_pdbx_struct_mod_residue.label_comp_id 
_pdbx_struct_mod_residue.label_seq_id 
_pdbx_struct_mod_residue.auth_asym_id 
_pdbx_struct_mod_residue.auth_comp_id 
_pdbx_struct_mod_residue.auth_seq_id 
_pdbx_struct_mod_residue.PDB_ins_code 
_pdbx_struct_mod_residue.parent_comp_id 
_pdbx_struct_mod_residue.details 
1 C M3L 6 C M3L 36 ? LYS N-TRIMETHYLLYSINE 
2 D M3L 6 D M3L 36 ? LYS N-TRIMETHYLLYSINE 
# 
loop_
_pdbx_struct_assembly.id 
_pdbx_struct_assembly.details 
_pdbx_struct_assembly.method_details 
_pdbx_struct_assembly.oligomeric_details 
_pdbx_struct_assembly.oligomeric_count 
1 author_and_software_defined_assembly PISA dimeric 2 
2 author_and_software_defined_assembly PISA dimeric 2 
# 
loop_
_pdbx_struct_assembly_gen.assembly_id 
_pdbx_struct_assembly_gen.oper_expression 
_pdbx_struct_assembly_gen.asym_id_list 
1 1 A,C,E,G 
2 1 B,D,F,H 
# 
loop_
_pdbx_struct_assembly_prop.biol_id 
_pdbx_struct_assembly_prop.type 
_pdbx_struct_assembly_prop.value 
_pdbx_struct_assembly_prop.details 
1 'ABSA (A^2)' 970  ? 
1 MORE         -6   ? 
1 'SSA (A^2)'  4920 ? 
2 'ABSA (A^2)' 820  ? 
2 MORE         -7   ? 
2 'SSA (A^2)'  4540 ? 
# 
_pdbx_struct_oper_list.id                   1 
_pdbx_struct_oper_list.type                 'identity operation' 
_pdbx_struct_oper_list.name                 1_555 
_pdbx_struct_oper_list.symmetry_operation   x,y,z 
_pdbx_struct_oper_list.matrix[1][1]         1.0000000000 
_pdbx_struct_oper_list.matrix[1][2]         0.0000000000 
_pdbx_struct_oper_list.matrix[1][3]         0.0000000000 
_pdbx_struct_oper_list.vector[1]            0.0000000000 
_pdbx_struct_oper_list.matrix[2][1]         0.0000000000 
_pdbx_struct_oper_list.matrix[2][2]         1.0000000000 
_pdbx_struct_oper_list.matrix[2][3]         0.0000000000 
_pdbx_struct_oper_list.vector[2]            0.0000000000 
_pdbx_struct_oper_list.matrix[3][1]         0.0000000000 
_pdbx_struct_oper_list.matrix[3][2]         0.0000000000 
_pdbx_struct_oper_list.matrix[3][3]         1.0000000000 
_pdbx_struct_oper_list.vector[3]            0.0000000000 
# 
loop_
_pdbx_audit_revision_history.ordinal 
_pdbx_audit_revision_history.data_content_type 
_pdbx_audit_revision_history.major_revision 
_pdbx_audit_revision_history.minor_revision 
_pdbx_audit_revision_history.revision_date 
1 'Structure model' 1 0 2012-11-14 
2 'Structure model' 1 1 2012-12-19 
3 'Structure model' 1 2 2023-09-20 
# 
_pdbx_audit_revision_details.ordinal             1 
_pdbx_audit_revision_details.revision_ordinal    1 
_pdbx_audit_revision_details.data_content_type   'Structure model' 
_pdbx_audit_revision_details.provider            repository 
_pdbx_audit_revision_details.type                'Initial release' 
_pdbx_audit_revision_details.description         ? 
_pdbx_audit_revision_details.details             ? 
# 
loop_
_pdbx_audit_revision_group.ordinal 
_pdbx_audit_revision_group.revision_ordinal 
_pdbx_audit_revision_group.data_content_type 
_pdbx_audit_revision_group.group 
1 2 'Structure model' 'Database references'    
2 3 'Structure model' 'Data collection'        
3 3 'Structure model' 'Database references'    
4 3 'Structure model' 'Derived calculations'   
5 3 'Structure model' 'Refinement description' 
# 
loop_
_pdbx_audit_revision_category.ordinal 
_pdbx_audit_revision_category.revision_ordinal 
_pdbx_audit_revision_category.data_content_type 
_pdbx_audit_revision_category.category 
1 3 'Structure model' chem_comp_atom                
2 3 'Structure model' chem_comp_bond                
3 3 'Structure model' database_2                    
4 3 'Structure model' pdbx_initial_refinement_model 
5 3 'Structure model' struct_conn                   
# 
loop_
_pdbx_audit_revision_item.ordinal 
_pdbx_audit_revision_item.revision_ordinal 
_pdbx_audit_revision_item.data_content_type 
_pdbx_audit_revision_item.item 
1 3 'Structure model' '_database_2.pdbx_DOI'                
2 3 'Structure model' '_database_2.pdbx_database_accession' 
3 3 'Structure model' '_struct_conn.pdbx_leaving_atom_flag' 
# 
_pdbx_refine_tls.pdbx_refine_id   'X-RAY DIFFRACTION' 
_pdbx_refine_tls.id               1 
_pdbx_refine_tls.details          ? 
_pdbx_refine_tls.method           refined 
_pdbx_refine_tls.origin_x         12.0302 
_pdbx_refine_tls.origin_y         -5.9577 
_pdbx_refine_tls.origin_z         0.7732 
_pdbx_refine_tls.T[1][1]          0.1827 
_pdbx_refine_tls.T[2][2]          0.1554 
_pdbx_refine_tls.T[3][3]          0.1567 
_pdbx_refine_tls.T[1][2]          -0.0015 
_pdbx_refine_tls.T[1][3]          0.0098 
_pdbx_refine_tls.T[2][3]          -0.0101 
_pdbx_refine_tls.L[1][1]          2.0678 
_pdbx_refine_tls.L[2][2]          0.1684 
_pdbx_refine_tls.L[3][3]          1.0770 
_pdbx_refine_tls.L[1][2]          -0.1143 
_pdbx_refine_tls.L[1][3]          0.4202 
_pdbx_refine_tls.L[2][3]          -0.4236 
_pdbx_refine_tls.S[1][1]          0.0807 
_pdbx_refine_tls.S[2][2]          -0.0793 
_pdbx_refine_tls.S[3][3]          0.0341 
_pdbx_refine_tls.S[1][2]          -0.1749 
_pdbx_refine_tls.S[1][3]          -0.0084 
_pdbx_refine_tls.S[2][3]          0.0365 
_pdbx_refine_tls.S[2][1]          0.0810 
_pdbx_refine_tls.S[3][1]          0.0302 
_pdbx_refine_tls.S[3][2]          -0.0685 
# 
_pdbx_refine_tls_group.pdbx_refine_id      'X-RAY DIFFRACTION' 
_pdbx_refine_tls_group.id                  1 
_pdbx_refine_tls_group.refine_tls_id       1 
_pdbx_refine_tls_group.beg_auth_asym_id    A 
_pdbx_refine_tls_group.beg_auth_seq_id     28 
_pdbx_refine_tls_group.end_auth_asym_id    A 
_pdbx_refine_tls_group.end_auth_seq_id     85 
_pdbx_refine_tls_group.selection_details   'Chain A' 
_pdbx_refine_tls_group.beg_label_asym_id   ? 
_pdbx_refine_tls_group.beg_label_seq_id    ? 
_pdbx_refine_tls_group.end_label_asym_id   ? 
_pdbx_refine_tls_group.end_label_seq_id    ? 
_pdbx_refine_tls_group.selection           ? 
# 
_phasing.method   MR 
# 
loop_
_software.pdbx_ordinal 
_software.name 
_software.version 
_software.date 
_software.type 
_software.contact_author 
_software.contact_author_email 
_software.classification 
_software.location 
_software.language 
_software.citation_id 
1 PHASER       .         ?                program 'Randy J. Read' cimr-phaser@lists.cam.ac.uk phasing           
http://www-structmed.cimr.cam.ac.uk/phaser/ ?   ? 
2 PHENIX       1.6.4_486 ?                package 'Paul D. Adams' PDAdams@lbl.gov             refinement        
http://www.phenix-online.org/               C++ ? 
3 PDB_EXTRACT  3.11      'April 22, 2011' package PDB             deposit@deposit.rcsb.org    'data extraction' 
http://sw-tools.pdb.org/apps/PDB_EXTRACT/   C++ ? 
4 CrystalClear .         ?                ?       ?               ?                           'data collection' ? ?   ? 
5 d*TREK       .         ?                ?       ?               ?                           'data reduction'  ? ?   ? 
6 d*TREK       .         ?                ?       ?               ?                           'data scaling'    ? ?   ? 
# 
loop_
_pdbx_validate_torsion.id 
_pdbx_validate_torsion.PDB_model_num 
_pdbx_validate_torsion.auth_comp_id 
_pdbx_validate_torsion.auth_asym_id 
_pdbx_validate_torsion.auth_seq_id 
_pdbx_validate_torsion.PDB_ins_code 
_pdbx_validate_torsion.label_alt_id 
_pdbx_validate_torsion.phi 
_pdbx_validate_torsion.psi 
1 1 ASP A 68 ? ? 77.54 -2.30 
2 1 ASP B 68 ? ? 74.44 -0.60 
# 
loop_
_pdbx_unobs_or_zero_occ_atoms.id 
_pdbx_unobs_or_zero_occ_atoms.PDB_model_num 
_pdbx_unobs_or_zero_occ_atoms.polymer_flag 
_pdbx_unobs_or_zero_occ_atoms.occupancy_flag 
_pdbx_unobs_or_zero_occ_atoms.auth_asym_id 
_pdbx_unobs_or_zero_occ_atoms.auth_comp_id 
_pdbx_unobs_or_zero_occ_atoms.auth_seq_id 
_pdbx_unobs_or_zero_occ_atoms.PDB_ins_code 
_pdbx_unobs_or_zero_occ_atoms.auth_atom_id 
_pdbx_unobs_or_zero_occ_atoms.label_alt_id 
_pdbx_unobs_or_zero_occ_atoms.label_asym_id 
_pdbx_unobs_or_zero_occ_atoms.label_comp_id 
_pdbx_unobs_or_zero_occ_atoms.label_seq_id 
_pdbx_unobs_or_zero_occ_atoms.label_atom_id 
1 1 Y 1 D ARG 40 ? CG  ? D ARG 10 CG  
2 1 Y 1 D ARG 40 ? CD  ? D ARG 10 CD  
3 1 Y 1 D ARG 40 ? NE  ? D ARG 10 NE  
4 1 Y 1 D ARG 40 ? CZ  ? D ARG 10 CZ  
5 1 Y 1 D ARG 40 ? NH1 ? D ARG 10 NH1 
6 1 Y 1 D ARG 40 ? NH2 ? D ARG 10 NH2 
# 
loop_
_pdbx_unobs_or_zero_occ_residues.id 
_pdbx_unobs_or_zero_occ_residues.PDB_model_num 
_pdbx_unobs_or_zero_occ_residues.polymer_flag 
_pdbx_unobs_or_zero_occ_residues.occupancy_flag 
_pdbx_unobs_or_zero_occ_residues.auth_asym_id 
_pdbx_unobs_or_zero_occ_residues.auth_comp_id 
_pdbx_unobs_or_zero_occ_residues.auth_seq_id 
_pdbx_unobs_or_zero_occ_residues.PDB_ins_code 
_pdbx_unobs_or_zero_occ_residues.label_asym_id 
_pdbx_unobs_or_zero_occ_residues.label_comp_id 
_pdbx_unobs_or_zero_occ_residues.label_seq_id 
1 1 Y 1 B GLY 85 ? B GLY 58 
2 1 Y 1 D SER 31 ? D SER 1  
3 1 Y 1 D THR 32 ? D THR 2  
4 1 Y 1 D GLY 33 ? D GLY 3  
# 
loop_
_chem_comp_atom.comp_id 
_chem_comp_atom.atom_id 
_chem_comp_atom.type_symbol 
_chem_comp_atom.pdbx_aromatic_flag 
_chem_comp_atom.pdbx_stereo_config 
_chem_comp_atom.pdbx_ordinal 
ALA N    N N N 1   
ALA CA   C N S 2   
ALA C    C N N 3   
ALA O    O N N 4   
ALA CB   C N N 5   
ALA OXT  O N N 6   
ALA H    H N N 7   
ALA H2   H N N 8   
ALA HA   H N N 9   
ALA HB1  H N N 10  
ALA HB2  H N N 11  
ALA HB3  H N N 12  
ALA HXT  H N N 13  
ARG N    N N N 14  
ARG CA   C N S 15  
ARG C    C N N 16  
ARG O    O N N 17  
ARG CB   C N N 18  
ARG CG   C N N 19  
ARG CD   C N N 20  
ARG NE   N N N 21  
ARG CZ   C N N 22  
ARG NH1  N N N 23  
ARG NH2  N N N 24  
ARG OXT  O N N 25  
ARG H    H N N 26  
ARG H2   H N N 27  
ARG HA   H N N 28  
ARG HB2  H N N 29  
ARG HB3  H N N 30  
ARG HG2  H N N 31  
ARG HG3  H N N 32  
ARG HD2  H N N 33  
ARG HD3  H N N 34  
ARG HE   H N N 35  
ARG HH11 H N N 36  
ARG HH12 H N N 37  
ARG HH21 H N N 38  
ARG HH22 H N N 39  
ARG HXT  H N N 40  
ASP N    N N N 41  
ASP CA   C N S 42  
ASP C    C N N 43  
ASP O    O N N 44  
ASP CB   C N N 45  
ASP CG   C N N 46  
ASP OD1  O N N 47  
ASP OD2  O N N 48  
ASP OXT  O N N 49  
ASP H    H N N 50  
ASP H2   H N N 51  
ASP HA   H N N 52  
ASP HB2  H N N 53  
ASP HB3  H N N 54  
ASP HD2  H N N 55  
ASP HXT  H N N 56  
CYS N    N N N 57  
CYS CA   C N R 58  
CYS C    C N N 59  
CYS O    O N N 60  
CYS CB   C N N 61  
CYS SG   S N N 62  
CYS OXT  O N N 63  
CYS H    H N N 64  
CYS H2   H N N 65  
CYS HA   H N N 66  
CYS HB2  H N N 67  
CYS HB3  H N N 68  
CYS HG   H N N 69  
CYS HXT  H N N 70  
GLN N    N N N 71  
GLN CA   C N S 72  
GLN C    C N N 73  
GLN O    O N N 74  
GLN CB   C N N 75  
GLN CG   C N N 76  
GLN CD   C N N 77  
GLN OE1  O N N 78  
GLN NE2  N N N 79  
GLN OXT  O N N 80  
GLN H    H N N 81  
GLN H2   H N N 82  
GLN HA   H N N 83  
GLN HB2  H N N 84  
GLN HB3  H N N 85  
GLN HG2  H N N 86  
GLN HG3  H N N 87  
GLN HE21 H N N 88  
GLN HE22 H N N 89  
GLN HXT  H N N 90  
GLU N    N N N 91  
GLU CA   C N S 92  
GLU C    C N N 93  
GLU O    O N N 94  
GLU CB   C N N 95  
GLU CG   C N N 96  
GLU CD   C N N 97  
GLU OE1  O N N 98  
GLU OE2  O N N 99  
GLU OXT  O N N 100 
GLU H    H N N 101 
GLU H2   H N N 102 
GLU HA   H N N 103 
GLU HB2  H N N 104 
GLU HB3  H N N 105 
GLU HG2  H N N 106 
GLU HG3  H N N 107 
GLU HE2  H N N 108 
GLU HXT  H N N 109 
GLY N    N N N 110 
GLY CA   C N N 111 
GLY C    C N N 112 
GLY O    O N N 113 
GLY OXT  O N N 114 
GLY H    H N N 115 
GLY H2   H N N 116 
GLY HA2  H N N 117 
GLY HA3  H N N 118 
GLY HXT  H N N 119 
HIS N    N N N 120 
HIS CA   C N S 121 
HIS C    C N N 122 
HIS O    O N N 123 
HIS CB   C N N 124 
HIS CG   C Y N 125 
HIS ND1  N Y N 126 
HIS CD2  C Y N 127 
HIS CE1  C Y N 128 
HIS NE2  N Y N 129 
HIS OXT  O N N 130 
HIS H    H N N 131 
HIS H2   H N N 132 
HIS HA   H N N 133 
HIS HB2  H N N 134 
HIS HB3  H N N 135 
HIS HD1  H N N 136 
HIS HD2  H N N 137 
HIS HE1  H N N 138 
HIS HE2  H N N 139 
HIS HXT  H N N 140 
HOH O    O N N 141 
HOH H1   H N N 142 
HOH H2   H N N 143 
ILE N    N N N 144 
ILE CA   C N S 145 
ILE C    C N N 146 
ILE O    O N N 147 
ILE CB   C N S 148 
ILE CG1  C N N 149 
ILE CG2  C N N 150 
ILE CD1  C N N 151 
ILE OXT  O N N 152 
ILE H    H N N 153 
ILE H2   H N N 154 
ILE HA   H N N 155 
ILE HB   H N N 156 
ILE HG12 H N N 157 
ILE HG13 H N N 158 
ILE HG21 H N N 159 
ILE HG22 H N N 160 
ILE HG23 H N N 161 
ILE HD11 H N N 162 
ILE HD12 H N N 163 
ILE HD13 H N N 164 
ILE HXT  H N N 165 
LEU N    N N N 166 
LEU CA   C N S 167 
LEU C    C N N 168 
LEU O    O N N 169 
LEU CB   C N N 170 
LEU CG   C N N 171 
LEU CD1  C N N 172 
LEU CD2  C N N 173 
LEU OXT  O N N 174 
LEU H    H N N 175 
LEU H2   H N N 176 
LEU HA   H N N 177 
LEU HB2  H N N 178 
LEU HB3  H N N 179 
LEU HG   H N N 180 
LEU HD11 H N N 181 
LEU HD12 H N N 182 
LEU HD13 H N N 183 
LEU HD21 H N N 184 
LEU HD22 H N N 185 
LEU HD23 H N N 186 
LEU HXT  H N N 187 
LYS N    N N N 188 
LYS CA   C N S 189 
LYS C    C N N 190 
LYS O    O N N 191 
LYS CB   C N N 192 
LYS CG   C N N 193 
LYS CD   C N N 194 
LYS CE   C N N 195 
LYS NZ   N N N 196 
LYS OXT  O N N 197 
LYS H    H N N 198 
LYS H2   H N N 199 
LYS HA   H N N 200 
LYS HB2  H N N 201 
LYS HB3  H N N 202 
LYS HG2  H N N 203 
LYS HG3  H N N 204 
LYS HD2  H N N 205 
LYS HD3  H N N 206 
LYS HE2  H N N 207 
LYS HE3  H N N 208 
LYS HZ1  H N N 209 
LYS HZ2  H N N 210 
LYS HZ3  H N N 211 
LYS HXT  H N N 212 
M3L N    N N N 213 
M3L CA   C N S 214 
M3L CB   C N N 215 
M3L CG   C N N 216 
M3L CD   C N N 217 
M3L CE   C N N 218 
M3L NZ   N N N 219 
M3L C    C N N 220 
M3L O    O N N 221 
M3L OXT  O N N 222 
M3L CM1  C N N 223 
M3L CM2  C N N 224 
M3L CM3  C N N 225 
M3L H    H N N 226 
M3L H2   H N N 227 
M3L HA   H N N 228 
M3L HB2  H N N 229 
M3L HB3  H N N 230 
M3L HG2  H N N 231 
M3L HG3  H N N 232 
M3L HD2  H N N 233 
M3L HD3  H N N 234 
M3L HE2  H N N 235 
M3L HE3  H N N 236 
M3L HXT  H N N 237 
M3L HM11 H N N 238 
M3L HM12 H N N 239 
M3L HM13 H N N 240 
M3L HM21 H N N 241 
M3L HM22 H N N 242 
M3L HM23 H N N 243 
M3L HM31 H N N 244 
M3L HM32 H N N 245 
M3L HM33 H N N 246 
PHE N    N N N 247 
PHE CA   C N S 248 
PHE C    C N N 249 
PHE O    O N N 250 
PHE CB   C N N 251 
PHE CG   C Y N 252 
PHE CD1  C Y N 253 
PHE CD2  C Y N 254 
PHE CE1  C Y N 255 
PHE CE2  C Y N 256 
PHE CZ   C Y N 257 
PHE OXT  O N N 258 
PHE H    H N N 259 
PHE H2   H N N 260 
PHE HA   H N N 261 
PHE HB2  H N N 262 
PHE HB3  H N N 263 
PHE HD1  H N N 264 
PHE HD2  H N N 265 
PHE HE1  H N N 266 
PHE HE2  H N N 267 
PHE HZ   H N N 268 
PHE HXT  H N N 269 
PRO N    N N N 270 
PRO CA   C N S 271 
PRO C    C N N 272 
PRO O    O N N 273 
PRO CB   C N N 274 
PRO CG   C N N 275 
PRO CD   C N N 276 
PRO OXT  O N N 277 
PRO H    H N N 278 
PRO HA   H N N 279 
PRO HB2  H N N 280 
PRO HB3  H N N 281 
PRO HG2  H N N 282 
PRO HG3  H N N 283 
PRO HD2  H N N 284 
PRO HD3  H N N 285 
PRO HXT  H N N 286 
SER N    N N N 287 
SER CA   C N S 288 
SER C    C N N 289 
SER O    O N N 290 
SER CB   C N N 291 
SER OG   O N N 292 
SER OXT  O N N 293 
SER H    H N N 294 
SER H2   H N N 295 
SER HA   H N N 296 
SER HB2  H N N 297 
SER HB3  H N N 298 
SER HG   H N N 299 
SER HXT  H N N 300 
THR N    N N N 301 
THR CA   C N S 302 
THR C    C N N 303 
THR O    O N N 304 
THR CB   C N R 305 
THR OG1  O N N 306 
THR CG2  C N N 307 
THR OXT  O N N 308 
THR H    H N N 309 
THR H2   H N N 310 
THR HA   H N N 311 
THR HB   H N N 312 
THR HG1  H N N 313 
THR HG21 H N N 314 
THR HG22 H N N 315 
THR HG23 H N N 316 
THR HXT  H N N 317 
TRP N    N N N 318 
TRP CA   C N S 319 
TRP C    C N N 320 
TRP O    O N N 321 
TRP CB   C N N 322 
TRP CG   C Y N 323 
TRP CD1  C Y N 324 
TRP CD2  C Y N 325 
TRP NE1  N Y N 326 
TRP CE2  C Y N 327 
TRP CE3  C Y N 328 
TRP CZ2  C Y N 329 
TRP CZ3  C Y N 330 
TRP CH2  C Y N 331 
TRP OXT  O N N 332 
TRP H    H N N 333 
TRP H2   H N N 334 
TRP HA   H N N 335 
TRP HB2  H N N 336 
TRP HB3  H N N 337 
TRP HD1  H N N 338 
TRP HE1  H N N 339 
TRP HE3  H N N 340 
TRP HZ2  H N N 341 
TRP HZ3  H N N 342 
TRP HH2  H N N 343 
TRP HXT  H N N 344 
TYR N    N N N 345 
TYR CA   C N S 346 
TYR C    C N N 347 
TYR O    O N N 348 
TYR CB   C N N 349 
TYR CG   C Y N 350 
TYR CD1  C Y N 351 
TYR CD2  C Y N 352 
TYR CE1  C Y N 353 
TYR CE2  C Y N 354 
TYR CZ   C Y N 355 
TYR OH   O N N 356 
TYR OXT  O N N 357 
TYR H    H N N 358 
TYR H2   H N N 359 
TYR HA   H N N 360 
TYR HB2  H N N 361 
TYR HB3  H N N 362 
TYR HD1  H N N 363 
TYR HD2  H N N 364 
TYR HE1  H N N 365 
TYR HE2  H N N 366 
TYR HH   H N N 367 
TYR HXT  H N N 368 
VAL N    N N N 369 
VAL CA   C N S 370 
VAL C    C N N 371 
VAL O    O N N 372 
VAL CB   C N N 373 
VAL CG1  C N N 374 
VAL CG2  C N N 375 
VAL OXT  O N N 376 
VAL H    H N N 377 
VAL H2   H N N 378 
VAL HA   H N N 379 
VAL HB   H N N 380 
VAL HG11 H N N 381 
VAL HG12 H N N 382 
VAL HG13 H N N 383 
VAL HG21 H N N 384 
VAL HG22 H N N 385 
VAL HG23 H N N 386 
VAL HXT  H N N 387 
# 
loop_
_chem_comp_bond.comp_id 
_chem_comp_bond.atom_id_1 
_chem_comp_bond.atom_id_2 
_chem_comp_bond.value_order 
_chem_comp_bond.pdbx_aromatic_flag 
_chem_comp_bond.pdbx_stereo_config 
_chem_comp_bond.pdbx_ordinal 
ALA N   CA   sing N N 1   
ALA N   H    sing N N 2   
ALA N   H2   sing N N 3   
ALA CA  C    sing N N 4   
ALA CA  CB   sing N N 5   
ALA CA  HA   sing N N 6   
ALA C   O    doub N N 7   
ALA C   OXT  sing N N 8   
ALA CB  HB1  sing N N 9   
ALA CB  HB2  sing N N 10  
ALA CB  HB3  sing N N 11  
ALA OXT HXT  sing N N 12  
ARG N   CA   sing N N 13  
ARG N   H    sing N N 14  
ARG N   H2   sing N N 15  
ARG CA  C    sing N N 16  
ARG CA  CB   sing N N 17  
ARG CA  HA   sing N N 18  
ARG C   O    doub N N 19  
ARG C   OXT  sing N N 20  
ARG CB  CG   sing N N 21  
ARG CB  HB2  sing N N 22  
ARG CB  HB3  sing N N 23  
ARG CG  CD   sing N N 24  
ARG CG  HG2  sing N N 25  
ARG CG  HG3  sing N N 26  
ARG CD  NE   sing N N 27  
ARG CD  HD2  sing N N 28  
ARG CD  HD3  sing N N 29  
ARG NE  CZ   sing N N 30  
ARG NE  HE   sing N N 31  
ARG CZ  NH1  sing N N 32  
ARG CZ  NH2  doub N N 33  
ARG NH1 HH11 sing N N 34  
ARG NH1 HH12 sing N N 35  
ARG NH2 HH21 sing N N 36  
ARG NH2 HH22 sing N N 37  
ARG OXT HXT  sing N N 38  
ASP N   CA   sing N N 39  
ASP N   H    sing N N 40  
ASP N   H2   sing N N 41  
ASP CA  C    sing N N 42  
ASP CA  CB   sing N N 43  
ASP CA  HA   sing N N 44  
ASP C   O    doub N N 45  
ASP C   OXT  sing N N 46  
ASP CB  CG   sing N N 47  
ASP CB  HB2  sing N N 48  
ASP CB  HB3  sing N N 49  
ASP CG  OD1  doub N N 50  
ASP CG  OD2  sing N N 51  
ASP OD2 HD2  sing N N 52  
ASP OXT HXT  sing N N 53  
CYS N   CA   sing N N 54  
CYS N   H    sing N N 55  
CYS N   H2   sing N N 56  
CYS CA  C    sing N N 57  
CYS CA  CB   sing N N 58  
CYS CA  HA   sing N N 59  
CYS C   O    doub N N 60  
CYS C   OXT  sing N N 61  
CYS CB  SG   sing N N 62  
CYS CB  HB2  sing N N 63  
CYS CB  HB3  sing N N 64  
CYS SG  HG   sing N N 65  
CYS OXT HXT  sing N N 66  
GLN N   CA   sing N N 67  
GLN N   H    sing N N 68  
GLN N   H2   sing N N 69  
GLN CA  C    sing N N 70  
GLN CA  CB   sing N N 71  
GLN CA  HA   sing N N 72  
GLN C   O    doub N N 73  
GLN C   OXT  sing N N 74  
GLN CB  CG   sing N N 75  
GLN CB  HB2  sing N N 76  
GLN CB  HB3  sing N N 77  
GLN CG  CD   sing N N 78  
GLN CG  HG2  sing N N 79  
GLN CG  HG3  sing N N 80  
GLN CD  OE1  doub N N 81  
GLN CD  NE2  sing N N 82  
GLN NE2 HE21 sing N N 83  
GLN NE2 HE22 sing N N 84  
GLN OXT HXT  sing N N 85  
GLU N   CA   sing N N 86  
GLU N   H    sing N N 87  
GLU N   H2   sing N N 88  
GLU CA  C    sing N N 89  
GLU CA  CB   sing N N 90  
GLU CA  HA   sing N N 91  
GLU C   O    doub N N 92  
GLU C   OXT  sing N N 93  
GLU CB  CG   sing N N 94  
GLU CB  HB2  sing N N 95  
GLU CB  HB3  sing N N 96  
GLU CG  CD   sing N N 97  
GLU CG  HG2  sing N N 98  
GLU CG  HG3  sing N N 99  
GLU CD  OE1  doub N N 100 
GLU CD  OE2  sing N N 101 
GLU OE2 HE2  sing N N 102 
GLU OXT HXT  sing N N 103 
GLY N   CA   sing N N 104 
GLY N   H    sing N N 105 
GLY N   H2   sing N N 106 
GLY CA  C    sing N N 107 
GLY CA  HA2  sing N N 108 
GLY CA  HA3  sing N N 109 
GLY C   O    doub N N 110 
GLY C   OXT  sing N N 111 
GLY OXT HXT  sing N N 112 
HIS N   CA   sing N N 113 
HIS N   H    sing N N 114 
HIS N   H2   sing N N 115 
HIS CA  C    sing N N 116 
HIS CA  CB   sing N N 117 
HIS CA  HA   sing N N 118 
HIS C   O    doub N N 119 
HIS C   OXT  sing N N 120 
HIS CB  CG   sing N N 121 
HIS CB  HB2  sing N N 122 
HIS CB  HB3  sing N N 123 
HIS CG  ND1  sing Y N 124 
HIS CG  CD2  doub Y N 125 
HIS ND1 CE1  doub Y N 126 
HIS ND1 HD1  sing N N 127 
HIS CD2 NE2  sing Y N 128 
HIS CD2 HD2  sing N N 129 
HIS CE1 NE2  sing Y N 130 
HIS CE1 HE1  sing N N 131 
HIS NE2 HE2  sing N N 132 
HIS OXT HXT  sing N N 133 
HOH O   H1   sing N N 134 
HOH O   H2   sing N N 135 
ILE N   CA   sing N N 136 
ILE N   H    sing N N 137 
ILE N   H2   sing N N 138 
ILE CA  C    sing N N 139 
ILE CA  CB   sing N N 140 
ILE CA  HA   sing N N 141 
ILE C   O    doub N N 142 
ILE C   OXT  sing N N 143 
ILE CB  CG1  sing N N 144 
ILE CB  CG2  sing N N 145 
ILE CB  HB   sing N N 146 
ILE CG1 CD1  sing N N 147 
ILE CG1 HG12 sing N N 148 
ILE CG1 HG13 sing N N 149 
ILE CG2 HG21 sing N N 150 
ILE CG2 HG22 sing N N 151 
ILE CG2 HG23 sing N N 152 
ILE CD1 HD11 sing N N 153 
ILE CD1 HD12 sing N N 154 
ILE CD1 HD13 sing N N 155 
ILE OXT HXT  sing N N 156 
LEU N   CA   sing N N 157 
LEU N   H    sing N N 158 
LEU N   H2   sing N N 159 
LEU CA  C    sing N N 160 
LEU CA  CB   sing N N 161 
LEU CA  HA   sing N N 162 
LEU C   O    doub N N 163 
LEU C   OXT  sing N N 164 
LEU CB  CG   sing N N 165 
LEU CB  HB2  sing N N 166 
LEU CB  HB3  sing N N 167 
LEU CG  CD1  sing N N 168 
LEU CG  CD2  sing N N 169 
LEU CG  HG   sing N N 170 
LEU CD1 HD11 sing N N 171 
LEU CD1 HD12 sing N N 172 
LEU CD1 HD13 sing N N 173 
LEU CD2 HD21 sing N N 174 
LEU CD2 HD22 sing N N 175 
LEU CD2 HD23 sing N N 176 
LEU OXT HXT  sing N N 177 
LYS N   CA   sing N N 178 
LYS N   H    sing N N 179 
LYS N   H2   sing N N 180 
LYS CA  C    sing N N 181 
LYS CA  CB   sing N N 182 
LYS CA  HA   sing N N 183 
LYS C   O    doub N N 184 
LYS C   OXT  sing N N 185 
LYS CB  CG   sing N N 186 
LYS CB  HB2  sing N N 187 
LYS CB  HB3  sing N N 188 
LYS CG  CD   sing N N 189 
LYS CG  HG2  sing N N 190 
LYS CG  HG3  sing N N 191 
LYS CD  CE   sing N N 192 
LYS CD  HD2  sing N N 193 
LYS CD  HD3  sing N N 194 
LYS CE  NZ   sing N N 195 
LYS CE  HE2  sing N N 196 
LYS CE  HE3  sing N N 197 
LYS NZ  HZ1  sing N N 198 
LYS NZ  HZ2  sing N N 199 
LYS NZ  HZ3  sing N N 200 
LYS OXT HXT  sing N N 201 
M3L N   CA   sing N N 202 
M3L N   H    sing N N 203 
M3L N   H2   sing N N 204 
M3L CA  CB   sing N N 205 
M3L CA  C    sing N N 206 
M3L CA  HA   sing N N 207 
M3L CB  CG   sing N N 208 
M3L CB  HB2  sing N N 209 
M3L CB  HB3  sing N N 210 
M3L CG  CD   sing N N 211 
M3L CG  HG2  sing N N 212 
M3L CG  HG3  sing N N 213 
M3L CD  CE   sing N N 214 
M3L CD  HD2  sing N N 215 
M3L CD  HD3  sing N N 216 
M3L CE  NZ   sing N N 217 
M3L CE  HE2  sing N N 218 
M3L CE  HE3  sing N N 219 
M3L NZ  CM1  sing N N 220 
M3L NZ  CM2  sing N N 221 
M3L NZ  CM3  sing N N 222 
M3L C   O    doub N N 223 
M3L C   OXT  sing N N 224 
M3L OXT HXT  sing N N 225 
M3L CM1 HM11 sing N N 226 
M3L CM1 HM12 sing N N 227 
M3L CM1 HM13 sing N N 228 
M3L CM2 HM21 sing N N 229 
M3L CM2 HM22 sing N N 230 
M3L CM2 HM23 sing N N 231 
M3L CM3 HM31 sing N N 232 
M3L CM3 HM32 sing N N 233 
M3L CM3 HM33 sing N N 234 
PHE N   CA   sing N N 235 
PHE N   H    sing N N 236 
PHE N   H2   sing N N 237 
PHE CA  C    sing N N 238 
PHE CA  CB   sing N N 239 
PHE CA  HA   sing N N 240 
PHE C   O    doub N N 241 
PHE C   OXT  sing N N 242 
PHE CB  CG   sing N N 243 
PHE CB  HB2  sing N N 244 
PHE CB  HB3  sing N N 245 
PHE CG  CD1  doub Y N 246 
PHE CG  CD2  sing Y N 247 
PHE CD1 CE1  sing Y N 248 
PHE CD1 HD1  sing N N 249 
PHE CD2 CE2  doub Y N 250 
PHE CD2 HD2  sing N N 251 
PHE CE1 CZ   doub Y N 252 
PHE CE1 HE1  sing N N 253 
PHE CE2 CZ   sing Y N 254 
PHE CE2 HE2  sing N N 255 
PHE CZ  HZ   sing N N 256 
PHE OXT HXT  sing N N 257 
PRO N   CA   sing N N 258 
PRO N   CD   sing N N 259 
PRO N   H    sing N N 260 
PRO CA  C    sing N N 261 
PRO CA  CB   sing N N 262 
PRO CA  HA   sing N N 263 
PRO C   O    doub N N 264 
PRO C   OXT  sing N N 265 
PRO CB  CG   sing N N 266 
PRO CB  HB2  sing N N 267 
PRO CB  HB3  sing N N 268 
PRO CG  CD   sing N N 269 
PRO CG  HG2  sing N N 270 
PRO CG  HG3  sing N N 271 
PRO CD  HD2  sing N N 272 
PRO CD  HD3  sing N N 273 
PRO OXT HXT  sing N N 274 
SER N   CA   sing N N 275 
SER N   H    sing N N 276 
SER N   H2   sing N N 277 
SER CA  C    sing N N 278 
SER CA  CB   sing N N 279 
SER CA  HA   sing N N 280 
SER C   O    doub N N 281 
SER C   OXT  sing N N 282 
SER CB  OG   sing N N 283 
SER CB  HB2  sing N N 284 
SER CB  HB3  sing N N 285 
SER OG  HG   sing N N 286 
SER OXT HXT  sing N N 287 
THR N   CA   sing N N 288 
THR N   H    sing N N 289 
THR N   H2   sing N N 290 
THR CA  C    sing N N 291 
THR CA  CB   sing N N 292 
THR CA  HA   sing N N 293 
THR C   O    doub N N 294 
THR C   OXT  sing N N 295 
THR CB  OG1  sing N N 296 
THR CB  CG2  sing N N 297 
THR CB  HB   sing N N 298 
THR OG1 HG1  sing N N 299 
THR CG2 HG21 sing N N 300 
THR CG2 HG22 sing N N 301 
THR CG2 HG23 sing N N 302 
THR OXT HXT  sing N N 303 
TRP N   CA   sing N N 304 
TRP N   H    sing N N 305 
TRP N   H2   sing N N 306 
TRP CA  C    sing N N 307 
TRP CA  CB   sing N N 308 
TRP CA  HA   sing N N 309 
TRP C   O    doub N N 310 
TRP C   OXT  sing N N 311 
TRP CB  CG   sing N N 312 
TRP CB  HB2  sing N N 313 
TRP CB  HB3  sing N N 314 
TRP CG  CD1  doub Y N 315 
TRP CG  CD2  sing Y N 316 
TRP CD1 NE1  sing Y N 317 
TRP CD1 HD1  sing N N 318 
TRP CD2 CE2  doub Y N 319 
TRP CD2 CE3  sing Y N 320 
TRP NE1 CE2  sing Y N 321 
TRP NE1 HE1  sing N N 322 
TRP CE2 CZ2  sing Y N 323 
TRP CE3 CZ3  doub Y N 324 
TRP CE3 HE3  sing N N 325 
TRP CZ2 CH2  doub Y N 326 
TRP CZ2 HZ2  sing N N 327 
TRP CZ3 CH2  sing Y N 328 
TRP CZ3 HZ3  sing N N 329 
TRP CH2 HH2  sing N N 330 
TRP OXT HXT  sing N N 331 
TYR N   CA   sing N N 332 
TYR N   H    sing N N 333 
TYR N   H2   sing N N 334 
TYR CA  C    sing N N 335 
TYR CA  CB   sing N N 336 
TYR CA  HA   sing N N 337 
TYR C   O    doub N N 338 
TYR C   OXT  sing N N 339 
TYR CB  CG   sing N N 340 
TYR CB  HB2  sing N N 341 
TYR CB  HB3  sing N N 342 
TYR CG  CD1  doub Y N 343 
TYR CG  CD2  sing Y N 344 
TYR CD1 CE1  sing Y N 345 
TYR CD1 HD1  sing N N 346 
TYR CD2 CE2  doub Y N 347 
TYR CD2 HD2  sing N N 348 
TYR CE1 CZ   doub Y N 349 
TYR CE1 HE1  sing N N 350 
TYR CE2 CZ   sing Y N 351 
TYR CE2 HE2  sing N N 352 
TYR CZ  OH   sing N N 353 
TYR OH  HH   sing N N 354 
TYR OXT HXT  sing N N 355 
VAL N   CA   sing N N 356 
VAL N   H    sing N N 357 
VAL N   H2   sing N N 358 
VAL CA  C    sing N N 359 
VAL CA  CB   sing N N 360 
VAL CA  HA   sing N N 361 
VAL C   O    doub N N 362 
VAL C   OXT  sing N N 363 
VAL CB  CG1  sing N N 364 
VAL CB  CG2  sing N N 365 
VAL CB  HB   sing N N 366 
VAL CG1 HG11 sing N N 367 
VAL CG1 HG12 sing N N 368 
VAL CG1 HG13 sing N N 369 
VAL CG2 HG21 sing N N 370 
VAL CG2 HG22 sing N N 371 
VAL CG2 HG23 sing N N 372 
VAL OXT HXT  sing N N 373 
# 
_pdbx_entity_nonpoly.entity_id   3 
_pdbx_entity_nonpoly.name        water 
_pdbx_entity_nonpoly.comp_id     HOH 
# 
_pdbx_initial_refinement_model.id               1 
_pdbx_initial_refinement_model.entity_id_list   ? 
_pdbx_initial_refinement_model.type             'experimental model' 
_pdbx_initial_refinement_model.source_name      PDB 
_pdbx_initial_refinement_model.accession_code   2E5P 
_pdbx_initial_refinement_model.details          'PDB ENTRY 2E5P' 
# 
